data_6URA
#
_entry.id   6URA
#
_cell.length_a   163.060
_cell.length_b   162.740
_cell.length_c   90.000
_cell.angle_alpha   90.00
_cell.angle_beta   109.57
_cell.angle_gamma   90.00
#
_symmetry.space_group_name_H-M   'C 1 2 1'
#
loop_
_entity.id
_entity.type
_entity.pdbx_description
1 polymer 'Ribulose bisphosphate carboxylase large chain'
2 non-polymer 2-CARBOXYARABINITOL-1,5-DIPHOSPHATE
3 non-polymer 'MAGNESIUM ION'
4 water water
#
_entity_poly.entity_id   1
_entity_poly.type   'polypeptide(L)'
_entity_poly.pdbx_seq_one_letter_code
;MAIHNPLAGPKTVKARPTAELSDAYKAGVRAYAVDYYVPDYIPQDTDLLCAFRIQPRGVDMIEAAAAVAAESSTGTWTEV
WSNQLTDIDFYKAKVYAITGDIAYIAYPLDLFEENSVVNIMSSIVGNVFGFKAVGALRLEDMRIPLALVKTFPGPRVGIY
DERVWSNKWDRPLIGGTVKPKLGLSPKAYSTIIYECLSGGLDTS(KCX)DDENMNSQPFSRWRDRFMYAQEAVDRAAAET
NEFKGHWHNVTAGSTEESLRRLEYAYELGSRMVMFDFLTAGFAASADIFKRAGELDMIVHCHRAMHAVFTRQANHGIAMR
VVAKWLRLTGGDHLHTGTVVGKLEGSWNDTLGIIDILRERYVKANLEHGLYFDQDFGGLKASWPVASGGIHVHHVPDLLK
IYGNDAFFLFGGGTHGHPDGSRAGAIANRAAVEAVSAGQTLQQAARSCPELRKSLELWADVKFEVVQ
;
_entity_poly.pdbx_strand_id   A,B,C,D
#
# COMPACT_ATOMS: atom_id res chain seq x y z
N ASP A 23 -8.88 -39.99 14.75
CA ASP A 23 -7.76 -39.98 13.80
C ASP A 23 -8.11 -39.26 12.50
N ALA A 24 -9.31 -38.64 12.48
CA ALA A 24 -9.57 -37.56 11.54
C ALA A 24 -8.69 -36.36 11.82
N TYR A 25 -7.90 -36.40 12.90
CA TYR A 25 -7.04 -35.29 13.32
C TYR A 25 -5.70 -35.38 12.61
N LYS A 26 -5.47 -34.48 11.68
CA LYS A 26 -4.21 -34.34 10.94
C LYS A 26 -3.56 -33.07 11.46
N ALA A 27 -2.68 -33.22 12.47
CA ALA A 27 -2.03 -32.05 13.04
C ALA A 27 -1.18 -31.32 11.99
N GLY A 28 -0.87 -30.06 12.29
CA GLY A 28 -0.04 -29.23 11.44
C GLY A 28 -0.87 -28.21 10.71
N VAL A 29 -0.15 -27.41 9.92
CA VAL A 29 -0.72 -26.27 9.22
C VAL A 29 -1.16 -26.72 7.84
N ARG A 30 -2.37 -26.31 7.45
CA ARG A 30 -2.89 -26.48 6.09
C ARG A 30 -3.34 -25.11 5.61
N ALA A 31 -3.55 -24.98 4.30
CA ALA A 31 -4.13 -23.76 3.77
C ALA A 31 -5.57 -23.59 4.22
N TYR A 32 -5.93 -22.36 4.58
CA TYR A 32 -7.31 -22.09 4.99
C TYR A 32 -8.34 -22.50 3.94
N ALA A 33 -7.94 -22.48 2.66
CA ALA A 33 -8.86 -22.76 1.57
C ALA A 33 -9.31 -24.21 1.55
N VAL A 34 -8.51 -25.10 2.11
CA VAL A 34 -8.88 -26.52 2.12
C VAL A 34 -10.30 -26.69 2.63
N ASP A 35 -10.67 -25.99 3.70
CA ASP A 35 -11.94 -26.19 4.38
C ASP A 35 -12.88 -24.99 4.32
N TYR A 36 -12.39 -23.80 3.98
CA TYR A 36 -13.16 -22.54 4.00
C TYR A 36 -13.49 -22.00 2.60
N TYR A 37 -12.92 -22.53 1.54
CA TYR A 37 -13.30 -22.13 0.19
C TYR A 37 -14.31 -23.16 -0.36
N VAL A 38 -15.56 -22.75 -0.48
CA VAL A 38 -16.63 -23.67 -0.86
C VAL A 38 -17.45 -23.02 -1.96
N PRO A 39 -16.89 -22.87 -3.16
CA PRO A 39 -17.60 -22.15 -4.24
C PRO A 39 -18.92 -22.79 -4.65
N ASP A 40 -19.18 -24.03 -4.22
CA ASP A 40 -20.42 -24.74 -4.51
C ASP A 40 -21.48 -24.47 -3.45
N TYR A 41 -21.15 -23.74 -2.39
CA TYR A 41 -22.09 -23.55 -1.30
C TYR A 41 -23.26 -22.68 -1.72
N ILE A 42 -24.47 -23.10 -1.38
CA ILE A 42 -25.69 -22.36 -1.69
C ILE A 42 -26.08 -21.57 -0.43
N PRO A 43 -26.02 -20.24 -0.45
CA PRO A 43 -26.42 -19.47 0.74
C PRO A 43 -27.89 -19.71 1.08
N GLN A 44 -28.18 -19.76 2.36
CA GLN A 44 -29.52 -19.95 2.88
C GLN A 44 -30.04 -18.63 3.45
N ASP A 45 -31.37 -18.52 3.46
CA ASP A 45 -32.03 -17.32 3.96
C ASP A 45 -31.63 -16.99 5.39
N THR A 46 -31.20 -17.98 6.18
CA THR A 46 -30.79 -17.74 7.56
C THR A 46 -29.30 -17.37 7.69
N ASP A 47 -28.52 -17.46 6.63
CA ASP A 47 -27.11 -17.09 6.72
C ASP A 47 -26.95 -15.58 6.80
N LEU A 48 -25.98 -15.15 7.60
CA LEU A 48 -25.45 -13.79 7.53
C LEU A 48 -24.40 -13.75 6.43
N LEU A 49 -24.61 -12.91 5.41
CA LEU A 49 -23.71 -12.83 4.26
C LEU A 49 -22.84 -11.59 4.37
N CYS A 50 -21.58 -11.72 3.98
CA CYS A 50 -20.69 -10.57 3.95
C CYS A 50 -20.06 -10.40 2.57
N ALA A 51 -19.91 -9.14 2.14
CA ALA A 51 -19.13 -8.79 0.97
C ALA A 51 -17.84 -8.09 1.40
N PHE A 52 -16.71 -8.73 1.17
CA PHE A 52 -15.40 -8.21 1.58
C PHE A 52 -14.61 -7.84 0.33
N ARG A 53 -14.06 -6.63 0.28
CA ARG A 53 -13.05 -6.25 -0.72
C ARG A 53 -11.67 -6.58 -0.17
N ILE A 54 -10.93 -7.44 -0.88
CA ILE A 54 -9.67 -7.98 -0.37
C ILE A 54 -8.50 -7.51 -1.24
N GLN A 55 -7.43 -7.04 -0.59
CA GLN A 55 -6.10 -6.92 -1.19
C GLN A 55 -5.15 -7.99 -0.66
N PRO A 56 -4.98 -9.12 -1.33
CA PRO A 56 -4.13 -10.19 -0.79
C PRO A 56 -2.68 -9.75 -0.67
N ARG A 57 -1.99 -10.33 0.31
CA ARG A 57 -0.56 -10.05 0.50
C ARG A 57 0.17 -11.38 0.68
N GLY A 58 0.92 -11.79 -0.33
CA GLY A 58 1.69 -13.02 -0.24
C GLY A 58 0.93 -14.34 -0.38
N VAL A 59 -0.36 -14.31 -0.67
CA VAL A 59 -1.13 -15.52 -0.91
C VAL A 59 -2.16 -15.25 -2.00
N ASP A 60 -2.71 -16.33 -2.53
CA ASP A 60 -3.81 -16.30 -3.49
C ASP A 60 -4.97 -15.44 -2.99
N MET A 61 -5.73 -14.92 -3.95
CA MET A 61 -7.02 -14.30 -3.65
C MET A 61 -7.94 -15.29 -2.94
N ILE A 62 -7.98 -16.54 -3.41
CA ILE A 62 -8.81 -17.55 -2.76
C ILE A 62 -8.34 -17.79 -1.34
N GLU A 63 -7.03 -17.93 -1.16
CA GLU A 63 -6.48 -18.15 0.17
C GLU A 63 -6.76 -16.98 1.10
N ALA A 64 -6.61 -15.75 0.59
CA ALA A 64 -6.93 -14.57 1.38
C ALA A 64 -8.39 -14.60 1.84
N ALA A 65 -9.32 -14.87 0.91
CA ALA A 65 -10.72 -14.93 1.27
C ALA A 65 -10.96 -16.01 2.31
N ALA A 66 -10.37 -17.19 2.10
CA ALA A 66 -10.59 -18.30 3.02
C ALA A 66 -10.02 -18.01 4.42
N ALA A 67 -8.97 -17.21 4.52
CA ALA A 67 -8.46 -16.87 5.84
C ALA A 67 -9.42 -15.93 6.56
N VAL A 68 -9.96 -14.96 5.84
CA VAL A 68 -10.95 -14.06 6.43
C VAL A 68 -12.14 -14.85 6.94
N ALA A 69 -12.61 -15.80 6.12
CA ALA A 69 -13.75 -16.64 6.51
C ALA A 69 -13.42 -17.49 7.73
N ALA A 70 -12.24 -18.15 7.69
CA ALA A 70 -11.86 -19.05 8.77
C ALA A 70 -11.69 -18.28 10.07
N GLU A 71 -10.94 -17.19 10.05
CA GLU A 71 -10.58 -16.53 11.29
C GLU A 71 -11.66 -15.57 11.78
N SER A 72 -12.79 -15.51 11.09
CA SER A 72 -13.99 -14.84 11.60
C SER A 72 -15.13 -15.83 11.89
N SER A 73 -14.83 -17.14 11.87
CA SER A 73 -15.86 -18.12 12.21
C SER A 73 -15.28 -19.13 13.19
N THR A 74 -14.61 -20.18 12.68
CA THR A 74 -14.24 -21.34 13.49
C THR A 74 -12.76 -21.66 13.51
N GLY A 75 -11.97 -21.16 12.56
CA GLY A 75 -10.62 -21.62 12.36
C GLY A 75 -9.53 -20.80 13.03
N THR A 76 -8.34 -21.38 13.03
CA THR A 76 -7.14 -20.69 13.48
C THR A 76 -6.02 -21.13 12.53
N TRP A 77 -4.77 -20.81 12.89
CA TRP A 77 -3.67 -20.92 11.96
C TRP A 77 -3.18 -22.35 11.75
N THR A 78 -3.57 -23.27 12.63
CA THR A 78 -3.13 -24.66 12.59
C THR A 78 -4.31 -25.53 13.04
N GLU A 79 -4.34 -26.76 12.54
CA GLU A 79 -5.43 -27.69 12.85
C GLU A 79 -5.38 -28.14 14.29
N VAL A 80 -6.54 -28.11 14.95
CA VAL A 80 -6.65 -28.45 16.36
C VAL A 80 -7.43 -29.75 16.53
N TRP A 81 -6.98 -30.56 17.50
CA TRP A 81 -7.66 -31.83 17.77
C TRP A 81 -9.12 -31.59 18.12
N SER A 82 -9.43 -30.46 18.78
CA SER A 82 -10.75 -30.13 19.27
C SER A 82 -11.76 -29.87 18.16
N ASN A 83 -11.32 -29.80 16.90
CA ASN A 83 -12.26 -29.66 15.79
C ASN A 83 -13.16 -30.87 15.68
N GLN A 84 -12.74 -32.02 16.22
CA GLN A 84 -13.54 -33.23 16.19
C GLN A 84 -14.60 -33.26 17.28
N LEU A 85 -14.60 -32.28 18.19
CA LEU A 85 -15.61 -32.22 19.22
C LEU A 85 -16.89 -31.54 18.75
N THR A 86 -16.90 -31.00 17.53
CA THR A 86 -18.07 -30.34 16.98
C THR A 86 -18.05 -30.56 15.48
N ASP A 87 -19.13 -30.11 14.81
CA ASP A 87 -19.33 -30.31 13.38
C ASP A 87 -18.87 -29.02 12.72
N ILE A 88 -17.59 -28.98 12.33
CA ILE A 88 -17.02 -27.78 11.72
C ILE A 88 -17.77 -27.43 10.44
N ASP A 89 -18.13 -28.41 9.64
CA ASP A 89 -18.75 -28.14 8.34
C ASP A 89 -20.07 -27.42 8.51
N PHE A 90 -20.71 -27.60 9.67
CA PHE A 90 -21.96 -26.88 9.94
C PHE A 90 -21.71 -25.43 10.38
N TYR A 91 -20.76 -25.24 11.30
CA TYR A 91 -20.58 -23.93 11.89
C TYR A 91 -19.66 -23.05 11.09
N LYS A 92 -18.82 -23.61 10.21
CA LYS A 92 -17.81 -22.80 9.54
C LYS A 92 -18.43 -21.81 8.57
N ALA A 93 -17.80 -20.64 8.47
CA ALA A 93 -18.12 -19.72 7.39
C ALA A 93 -17.60 -20.27 6.07
N LYS A 94 -18.19 -19.80 4.98
CA LYS A 94 -17.95 -20.35 3.65
C LYS A 94 -17.79 -19.22 2.65
N VAL A 95 -16.64 -19.17 1.99
CA VAL A 95 -16.45 -18.32 0.83
C VAL A 95 -17.17 -19.04 -0.30
N TYR A 96 -18.37 -18.55 -0.68
CA TYR A 96 -19.13 -19.19 -1.73
C TYR A 96 -19.00 -18.52 -3.08
N ALA A 97 -18.53 -17.28 -3.14
CA ALA A 97 -18.29 -16.60 -4.41
C ALA A 97 -17.13 -15.63 -4.30
N ILE A 98 -16.36 -15.49 -5.38
CA ILE A 98 -15.34 -14.47 -5.51
C ILE A 98 -15.50 -13.83 -6.88
N THR A 99 -15.84 -12.55 -6.92
CA THR A 99 -15.98 -11.81 -8.18
C THR A 99 -14.97 -10.66 -8.13
N GLY A 100 -13.85 -10.86 -8.81
CA GLY A 100 -12.78 -9.87 -8.75
C GLY A 100 -12.13 -9.88 -7.38
N ASP A 101 -12.08 -8.72 -6.74
CA ASP A 101 -11.54 -8.61 -5.39
C ASP A 101 -12.63 -8.57 -4.33
N ILE A 102 -13.85 -8.95 -4.69
CA ILE A 102 -14.96 -9.04 -3.75
C ILE A 102 -15.18 -10.50 -3.38
N ALA A 103 -15.08 -10.82 -2.10
CA ALA A 103 -15.27 -12.18 -1.60
C ALA A 103 -16.61 -12.20 -0.89
N TYR A 104 -17.51 -13.10 -1.31
CA TYR A 104 -18.81 -13.30 -0.67
C TYR A 104 -18.72 -14.49 0.30
N ILE A 105 -18.97 -14.21 1.57
CA ILE A 105 -18.83 -15.16 2.66
C ILE A 105 -20.15 -15.31 3.43
N ALA A 106 -20.50 -16.54 3.73
CA ALA A 106 -21.76 -16.87 4.41
C ALA A 106 -21.45 -17.43 5.79
N TYR A 107 -22.16 -16.91 6.79
CA TYR A 107 -22.04 -17.33 8.17
C TYR A 107 -23.34 -17.96 8.67
N PRO A 108 -23.28 -19.18 9.20
CA PRO A 108 -24.49 -19.77 9.77
C PRO A 108 -25.05 -18.91 10.89
N LEU A 109 -26.39 -18.90 10.98
CA LEU A 109 -27.10 -18.11 11.99
C LEU A 109 -26.62 -18.45 13.40
N ASP A 110 -26.35 -19.72 13.66
CA ASP A 110 -26.00 -20.14 15.01
C ASP A 110 -24.71 -19.51 15.51
N LEU A 111 -23.95 -18.87 14.66
CA LEU A 111 -22.70 -18.30 15.12
C LEU A 111 -22.88 -17.01 15.92
N PHE A 112 -24.06 -16.40 15.89
CA PHE A 112 -24.28 -15.05 16.42
C PHE A 112 -25.16 -15.02 17.66
N GLU A 113 -24.78 -14.19 18.62
CA GLU A 113 -25.68 -13.88 19.70
C GLU A 113 -26.84 -13.05 19.16
N GLU A 114 -28.03 -13.32 19.67
CA GLU A 114 -29.23 -12.60 19.27
C GLU A 114 -29.15 -11.19 19.80
N ASN A 115 -29.66 -10.24 19.01
CA ASN A 115 -29.80 -8.86 19.45
C ASN A 115 -28.49 -8.23 19.93
N SER A 116 -27.45 -8.38 19.14
CA SER A 116 -26.15 -7.86 19.58
C SER A 116 -25.30 -7.52 18.35
N VAL A 117 -25.33 -6.25 17.95
CA VAL A 117 -24.38 -5.78 16.94
C VAL A 117 -22.94 -6.01 17.43
N VAL A 118 -22.70 -5.77 18.72
CA VAL A 118 -21.39 -6.01 19.33
C VAL A 118 -20.87 -7.41 19.00
N ASN A 119 -21.74 -8.41 19.09
CA ASN A 119 -21.29 -9.75 18.77
C ASN A 119 -21.01 -9.86 17.28
N ILE A 120 -21.88 -9.27 16.45
CA ILE A 120 -21.61 -9.29 15.02
C ILE A 120 -20.24 -8.71 14.75
N MET A 121 -19.96 -7.52 15.30
CA MET A 121 -18.64 -6.90 15.19
C MET A 121 -17.50 -7.84 15.58
N SER A 122 -17.60 -8.42 16.78
CA SER A 122 -16.52 -9.26 17.31
C SER A 122 -16.11 -10.37 16.35
N SER A 123 -17.04 -10.88 15.58
CA SER A 123 -16.68 -11.93 14.64
C SER A 123 -16.27 -11.35 13.30
N ILE A 124 -17.13 -10.52 12.70
CA ILE A 124 -16.93 -10.13 11.31
C ILE A 124 -15.77 -9.15 11.15
N VAL A 125 -15.55 -8.28 12.13
CA VAL A 125 -14.50 -7.27 11.98
C VAL A 125 -13.55 -7.33 13.15
N GLY A 126 -13.55 -8.45 13.89
CA GLY A 126 -12.76 -8.54 15.09
C GLY A 126 -11.26 -8.64 14.91
N ASN A 127 -10.76 -9.67 14.22
CA ASN A 127 -9.32 -9.83 14.02
C ASN A 127 -8.89 -9.85 12.58
N VAL A 128 -9.80 -10.00 11.61
CA VAL A 128 -9.36 -10.32 10.26
C VAL A 128 -8.73 -9.13 9.53
N PHE A 129 -8.92 -7.90 10.02
CA PHE A 129 -8.37 -6.73 9.34
C PHE A 129 -6.90 -6.52 9.65
N GLY A 130 -6.34 -7.26 10.60
CA GLY A 130 -4.94 -7.17 10.94
C GLY A 130 -4.10 -8.33 10.52
N PHE A 131 -4.63 -9.22 9.68
CA PHE A 131 -3.86 -10.36 9.21
C PHE A 131 -2.76 -9.94 8.25
N LYS A 132 -1.61 -10.59 8.40
CA LYS A 132 -0.48 -10.32 7.50
C LYS A 132 -0.79 -10.78 6.09
N ALA A 133 -1.61 -11.81 5.94
CA ALA A 133 -1.91 -12.31 4.60
C ALA A 133 -2.86 -11.42 3.81
N VAL A 134 -3.42 -10.37 4.42
CA VAL A 134 -4.20 -9.37 3.69
C VAL A 134 -3.57 -8.01 3.93
N GLY A 135 -3.17 -7.32 2.85
CA GLY A 135 -2.65 -5.98 3.00
C GLY A 135 -3.74 -4.94 3.22
N ALA A 136 -4.94 -5.20 2.74
CA ALA A 136 -6.05 -4.31 2.99
C ALA A 136 -7.35 -5.09 2.98
N LEU A 137 -8.32 -4.66 3.79
CA LEU A 137 -9.59 -5.35 3.87
C LEU A 137 -10.69 -4.31 4.09
N ARG A 138 -11.79 -4.46 3.39
CA ARG A 138 -12.94 -3.57 3.55
C ARG A 138 -14.24 -4.35 3.49
N LEU A 139 -14.98 -4.27 4.57
CA LEU A 139 -16.34 -4.78 4.60
C LEU A 139 -17.25 -3.81 3.84
N GLU A 140 -17.77 -4.25 2.70
CA GLU A 140 -18.60 -3.38 1.87
C GLU A 140 -20.06 -3.45 2.28
N ASP A 141 -20.56 -4.62 2.63
CA ASP A 141 -21.98 -4.78 2.92
C ASP A 141 -22.16 -6.06 3.73
N MET A 142 -23.36 -6.24 4.29
CA MET A 142 -23.73 -7.42 5.06
C MET A 142 -25.23 -7.65 4.93
N ARG A 143 -25.59 -8.90 4.64
CA ARG A 143 -26.97 -9.36 4.65
C ARG A 143 -27.29 -9.96 6.03
N ILE A 144 -27.95 -9.18 6.88
CA ILE A 144 -28.38 -9.68 8.18
C ILE A 144 -29.67 -10.44 7.99
N PRO A 145 -29.69 -11.76 8.29
CA PRO A 145 -30.85 -12.57 7.93
C PRO A 145 -32.05 -12.14 8.76
N LEU A 146 -33.24 -12.34 8.17
CA LEU A 146 -34.45 -11.80 8.82
C LEU A 146 -34.63 -12.40 10.22
N ALA A 147 -34.27 -13.66 10.39
CA ALA A 147 -34.42 -14.31 11.68
C ALA A 147 -33.56 -13.68 12.76
N LEU A 148 -32.48 -12.97 12.37
CA LEU A 148 -31.67 -12.22 13.32
C LEU A 148 -32.14 -10.78 13.45
N VAL A 149 -32.63 -10.19 12.37
CA VAL A 149 -33.27 -8.87 12.44
C VAL A 149 -34.37 -8.85 13.49
N LYS A 150 -35.22 -9.88 13.52
CA LYS A 150 -36.39 -9.86 14.39
C LYS A 150 -36.05 -9.85 15.88
N THR A 151 -34.78 -10.13 16.23
CA THR A 151 -34.35 -10.11 17.62
C THR A 151 -34.01 -8.70 18.08
N PHE A 152 -33.95 -7.74 17.17
CA PHE A 152 -33.58 -6.35 17.47
C PHE A 152 -34.83 -5.49 17.65
N PRO A 153 -34.76 -4.44 18.45
CA PRO A 153 -35.94 -3.58 18.65
C PRO A 153 -36.13 -2.53 17.56
N GLY A 154 -35.01 -2.07 17.00
CA GLY A 154 -35.04 -0.94 16.09
C GLY A 154 -35.46 0.31 16.82
N PRO A 155 -35.71 1.39 16.06
CA PRO A 155 -36.01 2.69 16.70
C PRO A 155 -37.30 2.68 17.50
N ARG A 156 -37.30 3.49 18.55
CA ARG A 156 -38.51 3.69 19.33
C ARG A 156 -39.48 4.64 18.61
N VAL A 157 -38.96 5.76 18.10
CA VAL A 157 -39.84 6.79 17.56
C VAL A 157 -39.85 6.78 16.04
N GLY A 158 -38.66 6.90 15.45
CA GLY A 158 -38.58 6.87 13.99
C GLY A 158 -39.22 8.08 13.30
N ILE A 159 -39.48 7.93 12.00
CA ILE A 159 -39.80 9.10 11.19
C ILE A 159 -41.25 9.49 11.38
N TYR A 160 -42.16 8.55 11.10
CA TYR A 160 -43.58 8.90 11.10
C TYR A 160 -44.04 9.42 12.45
N ASP A 161 -43.59 8.80 13.54
CA ASP A 161 -44.12 9.19 14.82
C ASP A 161 -43.53 10.51 15.28
N GLU A 162 -42.33 10.85 14.80
CA GLU A 162 -41.77 12.16 15.14
C GLU A 162 -42.55 13.23 14.42
N ARG A 163 -42.97 12.96 13.19
CA ARG A 163 -43.83 13.92 12.51
C ARG A 163 -45.15 14.10 13.25
N VAL A 164 -45.65 13.02 13.87
CA VAL A 164 -46.89 13.10 14.65
C VAL A 164 -46.65 13.87 15.93
N TRP A 165 -45.55 13.58 16.63
CA TRP A 165 -45.26 14.28 17.87
C TRP A 165 -45.16 15.79 17.67
N SER A 166 -44.57 16.22 16.55
CA SER A 166 -44.26 17.62 16.31
C SER A 166 -45.20 18.26 15.30
N ASN A 167 -46.09 17.51 14.69
CA ASN A 167 -47.03 18.07 13.72
C ASN A 167 -46.31 18.81 12.59
N LYS A 168 -45.34 18.13 11.96
CA LYS A 168 -44.56 18.67 10.85
C LYS A 168 -44.57 17.66 9.72
N TRP A 169 -45.20 18.04 8.60
CA TRP A 169 -45.47 17.13 7.49
C TRP A 169 -45.04 17.73 6.15
N ASP A 170 -44.76 16.84 5.19
CA ASP A 170 -44.56 17.20 3.79
C ASP A 170 -43.40 18.16 3.57
N ARG A 171 -42.45 18.17 4.49
CA ARG A 171 -41.26 18.99 4.34
C ARG A 171 -40.14 18.36 5.13
N PRO A 172 -38.88 18.60 4.72
CA PRO A 172 -37.76 18.23 5.59
C PRO A 172 -37.81 19.07 6.85
N LEU A 173 -37.21 18.54 7.91
CA LEU A 173 -37.04 19.29 9.14
C LEU A 173 -35.65 19.87 9.15
N ILE A 174 -35.50 21.00 9.82
CA ILE A 174 -34.30 21.82 9.73
C ILE A 174 -33.75 22.00 11.12
N GLY A 175 -32.44 21.87 11.26
CA GLY A 175 -31.81 22.10 12.54
C GLY A 175 -30.49 22.83 12.42
N GLY A 176 -29.65 22.71 13.43
CA GLY A 176 -28.37 23.40 13.35
C GLY A 176 -27.58 23.27 14.62
N THR A 177 -26.26 22.98 14.48
CA THR A 177 -25.36 22.90 15.60
C THR A 177 -25.00 24.30 16.08
N VAL A 178 -25.13 24.52 17.40
CA VAL A 178 -24.65 25.76 18.00
C VAL A 178 -23.13 25.88 17.80
N LYS A 179 -22.67 27.07 17.39
CA LYS A 179 -21.26 27.37 17.22
C LYS A 179 -20.92 28.62 18.00
N PRO A 180 -19.66 28.81 18.40
CA PRO A 180 -18.53 27.89 18.18
C PRO A 180 -18.64 26.52 18.92
N LYS A 181 -17.92 25.52 18.41
CA LYS A 181 -18.08 24.15 18.91
C LYS A 181 -17.94 24.13 20.43
N LEU A 182 -16.87 24.70 20.94
CA LEU A 182 -16.59 24.72 22.36
C LEU A 182 -16.33 26.16 22.77
N GLY A 183 -16.48 26.44 24.07
CA GLY A 183 -16.10 27.69 24.66
C GLY A 183 -17.26 28.54 25.12
N LEU A 184 -18.47 28.26 24.64
CA LEU A 184 -19.64 29.07 25.01
C LEU A 184 -20.15 28.67 26.39
N SER A 185 -20.41 29.67 27.22
CA SER A 185 -21.03 29.45 28.51
C SER A 185 -22.46 28.98 28.35
N PRO A 186 -22.99 28.27 29.36
CA PRO A 186 -24.37 27.77 29.26
C PRO A 186 -25.41 28.83 28.91
N LYS A 187 -25.31 30.01 29.51
CA LYS A 187 -26.31 31.03 29.23
C LYS A 187 -26.18 31.56 27.80
N ALA A 188 -24.95 31.75 27.33
CA ALA A 188 -24.77 32.22 25.97
C ALA A 188 -25.28 31.19 24.98
N TYR A 189 -25.16 29.91 25.33
CA TYR A 189 -25.66 28.85 24.47
C TYR A 189 -27.16 28.95 24.31
N SER A 190 -27.87 29.13 25.43
CA SER A 190 -29.33 29.20 25.38
C SER A 190 -29.80 30.43 24.60
N THR A 191 -29.02 31.52 24.64
CA THR A 191 -29.40 32.69 23.85
C THR A 191 -29.35 32.36 22.37
N ILE A 192 -28.33 31.61 21.95
CA ILE A 192 -28.23 31.25 20.54
C ILE A 192 -29.36 30.29 20.19
N ILE A 193 -29.69 29.38 21.11
CA ILE A 193 -30.73 28.39 20.87
C ILE A 193 -32.07 29.09 20.69
N TYR A 194 -32.38 30.02 21.59
CA TYR A 194 -33.64 30.74 21.51
C TYR A 194 -33.78 31.45 20.17
N GLU A 195 -32.70 32.10 19.71
CA GLU A 195 -32.81 32.93 18.52
C GLU A 195 -33.02 32.07 17.28
N CYS A 196 -32.25 30.98 17.14
CA CYS A 196 -32.36 30.19 15.92
C CYS A 196 -33.65 29.35 15.90
N LEU A 197 -34.14 28.95 17.08
CA LEU A 197 -35.43 28.28 17.15
C LEU A 197 -36.55 29.25 16.82
N SER A 198 -36.59 30.40 17.53
CA SER A 198 -37.58 31.42 17.23
C SER A 198 -37.57 31.79 15.75
N GLY A 199 -36.37 31.76 15.15
CA GLY A 199 -36.22 32.24 13.79
C GLY A 199 -36.69 31.28 12.73
N GLY A 200 -36.85 30.01 13.05
CA GLY A 200 -37.43 29.07 12.11
C GLY A 200 -36.88 27.65 12.12
N LEU A 201 -35.77 27.43 12.83
CA LEU A 201 -35.26 26.06 12.94
C LEU A 201 -36.24 25.22 13.75
N ASP A 202 -36.41 23.97 13.32
CA ASP A 202 -37.18 23.01 14.11
C ASP A 202 -36.43 22.50 15.33
N THR A 203 -35.14 22.19 15.21
CA THR A 203 -34.36 21.78 16.36
C THR A 203 -33.01 22.49 16.34
N SER A 204 -32.37 22.54 17.51
CA SER A 204 -30.97 22.97 17.62
C SER A 204 -30.20 21.81 18.27
N ASP A 206 -26.45 20.45 20.54
CA ASP A 206 -25.09 20.50 21.08
C ASP A 206 -24.15 20.04 20.00
N ASP A 207 -22.91 20.55 19.99
CA ASP A 207 -21.89 19.93 19.18
C ASP A 207 -21.51 18.55 19.76
N GLU A 208 -21.10 17.66 18.86
CA GLU A 208 -20.79 16.30 19.28
C GLU A 208 -19.75 16.24 20.38
N ASN A 209 -18.91 17.26 20.52
CA ASN A 209 -17.87 17.24 21.53
C ASN A 209 -18.22 18.09 22.76
N MET A 210 -19.36 18.78 22.74
CA MET A 210 -19.93 19.38 23.95
C MET A 210 -20.48 18.25 24.81
N ASN A 211 -19.83 17.99 25.96
CA ASN A 211 -20.33 17.02 26.93
C ASN A 211 -20.50 17.69 28.29
N SER A 212 -19.51 17.62 29.15
CA SER A 212 -19.50 18.46 30.34
C SER A 212 -18.08 18.93 30.59
N GLN A 213 -17.83 20.22 30.43
CA GLN A 213 -16.48 20.78 30.48
C GLN A 213 -16.47 22.00 31.38
N PRO A 214 -15.30 22.48 31.77
CA PRO A 214 -15.23 23.67 32.64
C PRO A 214 -16.00 24.86 32.13
N PHE A 215 -16.02 25.10 30.81
CA PHE A 215 -16.72 26.26 30.28
C PHE A 215 -18.22 26.02 30.15
N SER A 216 -18.68 24.76 30.17
CA SER A 216 -20.11 24.48 30.08
C SER A 216 -20.41 23.12 30.74
N ARG A 217 -20.72 23.16 32.03
CA ARG A 217 -21.13 21.97 32.76
C ARG A 217 -22.53 21.57 32.34
N TRP A 218 -22.76 20.26 32.27
CA TRP A 218 -23.89 19.75 31.49
C TRP A 218 -25.25 20.04 32.09
N ARG A 219 -25.38 20.07 33.42
CA ARG A 219 -26.65 20.45 34.01
C ARG A 219 -27.01 21.88 33.66
N ASP A 220 -26.02 22.79 33.74
CA ASP A 220 -26.28 24.18 33.40
C ASP A 220 -26.73 24.30 31.96
N ARG A 221 -26.04 23.63 31.05
CA ARG A 221 -26.38 23.75 29.63
C ARG A 221 -27.75 23.13 29.37
N PHE A 222 -27.99 21.94 29.88
CA PHE A 222 -29.28 21.26 29.66
C PHE A 222 -30.46 22.15 30.08
N MET A 223 -30.39 22.69 31.29
CA MET A 223 -31.51 23.43 31.84
C MET A 223 -31.74 24.71 31.08
N TYR A 224 -30.68 25.47 30.77
CA TYR A 224 -30.89 26.73 30.09
C TYR A 224 -31.39 26.49 28.68
N ALA A 225 -30.87 25.43 28.04
CA ALA A 225 -31.27 25.14 26.67
C ALA A 225 -32.74 24.77 26.59
N GLN A 226 -33.24 24.02 27.58
CA GLN A 226 -34.64 23.58 27.56
C GLN A 226 -35.58 24.72 27.85
N GLU A 227 -35.18 25.70 28.66
CA GLU A 227 -35.99 26.91 28.81
C GLU A 227 -36.03 27.72 27.51
N ALA A 228 -34.91 27.85 26.83
CA ALA A 228 -34.94 28.51 25.53
C ALA A 228 -35.86 27.78 24.58
N VAL A 229 -35.77 26.44 24.56
CA VAL A 229 -36.67 25.65 23.72
C VAL A 229 -38.13 25.98 24.05
N ASP A 230 -38.49 25.87 25.32
CA ASP A 230 -39.89 26.01 25.68
C ASP A 230 -40.39 27.40 25.35
N ARG A 231 -39.54 28.42 25.56
CA ARG A 231 -39.93 29.79 25.23
C ARG A 231 -40.18 29.90 23.74
N ALA A 232 -39.24 29.43 22.94
CA ALA A 232 -39.39 29.53 21.49
C ALA A 232 -40.69 28.89 21.04
N ALA A 233 -41.00 27.70 21.56
CA ALA A 233 -42.16 26.97 21.08
C ALA A 233 -43.44 27.70 21.43
N ALA A 234 -43.56 28.15 22.68
CA ALA A 234 -44.71 28.94 23.08
C ALA A 234 -44.86 30.17 22.21
N GLU A 235 -43.79 30.95 22.05
CA GLU A 235 -43.84 32.21 21.34
C GLU A 235 -44.15 32.01 19.87
N THR A 236 -43.65 30.93 19.27
CA THR A 236 -43.94 30.67 17.86
C THR A 236 -45.16 29.78 17.64
N ASN A 237 -45.70 29.17 18.67
CA ASN A 237 -46.82 28.24 18.53
C ASN A 237 -46.47 27.06 17.61
N GLU A 238 -45.22 26.58 17.72
CA GLU A 238 -44.67 25.48 16.96
C GLU A 238 -43.88 24.58 17.92
N PHE A 239 -43.97 23.29 17.70
CA PHE A 239 -43.10 22.36 18.43
C PHE A 239 -41.62 22.65 18.14
N LYS A 240 -40.81 22.69 19.21
CA LYS A 240 -39.37 22.88 19.07
C LYS A 240 -38.62 21.95 20.02
N GLY A 241 -37.35 21.72 19.72
CA GLY A 241 -36.51 20.90 20.57
C GLY A 241 -35.03 21.16 20.36
N HIS A 242 -34.25 20.73 21.35
CA HIS A 242 -32.80 20.84 21.35
C HIS A 242 -32.24 19.48 21.71
N TRP A 243 -31.31 18.97 20.90
CA TRP A 243 -30.72 17.65 21.15
C TRP A 243 -29.58 17.82 22.16
N HIS A 244 -29.95 17.74 23.44
CA HIS A 244 -28.95 17.70 24.50
C HIS A 244 -28.04 16.51 24.27
N ASN A 245 -26.72 16.76 24.26
CA ASN A 245 -25.73 15.70 24.12
C ASN A 245 -25.53 15.02 25.48
N VAL A 246 -25.94 13.74 25.59
CA VAL A 246 -25.77 13.00 26.82
C VAL A 246 -24.57 12.07 26.76
N THR A 247 -23.79 12.16 25.67
CA THR A 247 -22.53 11.44 25.53
C THR A 247 -21.61 11.72 26.71
N ALA A 248 -21.05 10.65 27.26
CA ALA A 248 -20.26 10.76 28.48
C ALA A 248 -19.31 9.58 28.53
N GLY A 249 -18.40 9.63 29.52
CA GLY A 249 -17.35 8.63 29.56
C GLY A 249 -17.76 7.30 30.08
N SER A 250 -19.04 7.13 30.41
CA SER A 250 -19.60 6.06 31.19
C SER A 250 -21.05 5.90 30.73
N THR A 251 -21.50 4.65 30.61
CA THR A 251 -22.92 4.40 30.32
C THR A 251 -23.78 4.88 31.47
N GLU A 252 -23.39 4.60 32.71
CA GLU A 252 -24.11 5.14 33.84
C GLU A 252 -24.25 6.65 33.76
N GLU A 253 -23.16 7.37 33.51
CA GLU A 253 -23.26 8.83 33.49
C GLU A 253 -24.16 9.28 32.35
N SER A 254 -24.06 8.61 31.21
CA SER A 254 -24.92 8.97 30.09
C SER A 254 -26.39 8.81 30.48
N LEU A 255 -26.74 7.72 31.19
CA LEU A 255 -28.11 7.51 31.62
C LEU A 255 -28.55 8.61 32.57
N ARG A 256 -27.67 9.03 33.47
CA ARG A 256 -27.99 10.12 34.38
C ARG A 256 -28.33 11.42 33.63
N ARG A 257 -27.61 11.69 32.55
CA ARG A 257 -27.88 12.88 31.75
C ARG A 257 -29.13 12.73 30.88
N LEU A 258 -29.39 11.54 30.34
CA LEU A 258 -30.66 11.31 29.69
C LEU A 258 -31.82 11.52 30.65
N GLU A 259 -31.72 11.01 31.89
CA GLU A 259 -32.86 11.13 32.78
C GLU A 259 -33.09 12.57 33.16
N TYR A 260 -32.03 13.34 33.37
CA TYR A 260 -32.16 14.77 33.65
C TYR A 260 -32.85 15.47 32.50
N ALA A 261 -32.43 15.18 31.27
CA ALA A 261 -33.09 15.74 30.09
C ALA A 261 -34.57 15.41 30.08
N TYR A 262 -34.90 14.19 30.48
CA TYR A 262 -36.30 13.79 30.59
C TYR A 262 -37.02 14.64 31.63
N GLU A 263 -36.42 14.83 32.79
CA GLU A 263 -37.14 15.53 33.87
C GLU A 263 -37.27 17.02 33.57
N LEU A 264 -36.45 17.53 32.64
CA LEU A 264 -36.60 18.89 32.13
C LEU A 264 -37.77 18.99 31.15
N GLY A 265 -38.32 17.87 30.72
CA GLY A 265 -39.37 17.88 29.73
C GLY A 265 -38.88 17.72 28.32
N SER A 266 -37.60 17.48 28.13
CA SER A 266 -37.13 17.24 26.78
C SER A 266 -37.75 15.97 26.20
N ARG A 267 -38.02 15.99 24.90
CA ARG A 267 -38.46 14.80 24.17
C ARG A 267 -37.36 14.24 23.27
N MET A 268 -36.12 14.68 23.48
CA MET A 268 -35.05 14.31 22.57
C MET A 268 -33.69 14.56 23.20
N VAL A 269 -32.70 13.77 22.78
CA VAL A 269 -31.31 13.99 23.11
C VAL A 269 -30.47 13.55 21.92
N MET A 270 -29.15 13.75 21.99
CA MET A 270 -28.22 13.15 21.05
C MET A 270 -27.20 12.27 21.80
N PHE A 271 -26.58 11.40 21.02
CA PHE A 271 -25.61 10.43 21.52
C PHE A 271 -24.59 10.15 20.42
N ASP A 272 -23.30 10.30 20.75
CA ASP A 272 -22.20 9.93 19.84
C ASP A 272 -22.05 8.40 19.92
N PHE A 273 -22.85 7.67 19.13
CA PHE A 273 -22.96 6.23 19.37
C PHE A 273 -21.69 5.45 19.07
N LEU A 274 -20.82 5.95 18.20
CA LEU A 274 -19.58 5.26 17.89
C LEU A 274 -18.46 5.57 18.88
N THR A 275 -18.37 6.79 19.38
CA THR A 275 -17.32 7.08 20.36
C THR A 275 -17.67 6.50 21.71
N ALA A 276 -18.96 6.51 22.09
CA ALA A 276 -19.37 5.85 23.32
C ALA A 276 -19.39 4.34 23.14
N GLY A 277 -19.88 3.87 21.99
CA GLY A 277 -19.92 2.44 21.73
C GLY A 277 -21.31 1.86 21.60
N PHE A 278 -21.42 0.76 20.83
CA PHE A 278 -22.74 0.17 20.56
C PHE A 278 -23.37 -0.41 21.82
N ALA A 279 -22.58 -0.97 22.71
CA ALA A 279 -23.13 -1.50 23.95
C ALA A 279 -23.80 -0.40 24.76
N ALA A 280 -23.07 0.68 25.03
CA ALA A 280 -23.66 1.82 25.71
C ALA A 280 -24.88 2.31 24.95
N SER A 281 -24.76 2.43 23.63
CA SER A 281 -25.88 2.92 22.84
C SER A 281 -27.13 2.08 23.06
N ALA A 282 -26.94 0.79 23.31
CA ALA A 282 -28.09 -0.09 23.50
C ALA A 282 -28.81 0.25 24.80
N ASP A 283 -28.08 0.48 25.88
CA ASP A 283 -28.71 0.86 27.13
C ASP A 283 -29.43 2.18 26.97
N ILE A 284 -28.86 3.08 26.16
CA ILE A 284 -29.37 4.44 26.07
C ILE A 284 -30.66 4.47 25.26
N PHE A 285 -30.68 3.78 24.11
CA PHE A 285 -31.92 3.62 23.37
C PHE A 285 -32.99 2.95 24.23
N LYS A 286 -32.64 1.86 24.91
CA LYS A 286 -33.62 1.22 25.78
C LYS A 286 -34.26 2.21 26.75
N ARG A 287 -33.44 2.99 27.47
CA ARG A 287 -33.99 3.91 28.47
C ARG A 287 -34.74 5.05 27.79
N ALA A 288 -34.16 5.65 26.76
CA ALA A 288 -34.88 6.69 26.04
C ALA A 288 -36.27 6.20 25.61
N GLY A 289 -36.34 4.96 25.11
CA GLY A 289 -37.62 4.41 24.66
C GLY A 289 -38.65 4.28 25.75
N GLU A 290 -38.23 3.83 26.94
CA GLU A 290 -39.12 3.80 28.10
C GLU A 290 -39.54 5.21 28.52
N LEU A 291 -38.71 6.21 28.21
CA LEU A 291 -38.98 7.57 28.61
C LEU A 291 -39.59 8.38 27.48
N ASP A 292 -39.95 7.73 26.37
CA ASP A 292 -40.63 8.37 25.25
C ASP A 292 -39.83 9.56 24.72
N MET A 293 -38.56 9.29 24.38
CA MET A 293 -37.68 10.32 23.86
C MET A 293 -36.95 9.87 22.61
N ILE A 294 -36.72 10.85 21.73
CA ILE A 294 -35.93 10.67 20.51
C ILE A 294 -34.47 10.65 20.89
N VAL A 295 -33.70 9.77 20.25
CA VAL A 295 -32.25 9.81 20.35
C VAL A 295 -31.64 10.12 18.98
N HIS A 296 -31.09 11.33 18.84
CA HIS A 296 -30.37 11.75 17.64
C HIS A 296 -28.97 11.14 17.71
N CYS A 297 -28.57 10.39 16.69
CA CYS A 297 -27.30 9.67 16.70
C CYS A 297 -26.26 10.35 15.81
N HIS A 298 -25.24 10.90 16.42
CA HIS A 298 -24.08 11.53 15.75
C HIS A 298 -23.04 10.44 15.55
N ARG A 299 -22.52 10.33 14.35
CA ARG A 299 -21.57 9.31 13.91
C ARG A 299 -20.11 9.73 14.12
N ALA A 300 -19.83 10.65 15.02
CA ALA A 300 -18.46 11.03 15.35
C ALA A 300 -17.54 9.82 15.39
N MET A 301 -16.39 9.97 14.72
CA MET A 301 -15.27 9.04 14.66
C MET A 301 -15.36 8.13 13.44
N HIS A 302 -16.53 8.01 12.84
CA HIS A 302 -16.73 7.03 11.80
C HIS A 302 -15.71 7.14 10.68
N ALA A 303 -15.34 8.36 10.29
CA ALA A 303 -14.46 8.50 9.13
C ALA A 303 -13.08 7.92 9.41
N VAL A 304 -12.79 7.60 10.66
CA VAL A 304 -11.58 6.87 10.98
C VAL A 304 -11.56 5.51 10.29
N PHE A 305 -12.73 4.93 9.99
CA PHE A 305 -12.73 3.66 9.30
C PHE A 305 -13.74 3.49 8.18
N THR A 306 -14.57 4.49 7.88
CA THR A 306 -15.54 4.39 6.78
C THR A 306 -15.08 5.03 5.49
N ARG A 307 -14.02 5.84 5.52
CA ARG A 307 -13.73 6.73 4.42
C ARG A 307 -12.85 6.10 3.33
N GLN A 308 -11.76 5.42 3.71
CA GLN A 308 -10.86 4.89 2.69
C GLN A 308 -11.53 3.70 2.01
N ALA A 309 -11.49 3.68 0.68
CA ALA A 309 -12.24 2.69 -0.08
C ALA A 309 -11.63 1.31 -0.02
N ASN A 310 -10.37 1.20 0.33
CA ASN A 310 -9.73 -0.10 0.30
C ASN A 310 -9.57 -0.76 1.67
N HIS A 311 -9.86 -0.06 2.76
CA HIS A 311 -9.73 -0.63 4.09
C HIS A 311 -10.75 -0.01 5.04
N GLY A 312 -11.38 -0.87 5.83
CA GLY A 312 -12.37 -0.38 6.76
C GLY A 312 -13.76 -1.01 6.63
N ILE A 313 -14.75 -0.30 7.20
CA ILE A 313 -16.16 -0.71 7.23
C ILE A 313 -16.97 0.34 6.51
N ALA A 314 -17.68 -0.05 5.45
CA ALA A 314 -18.47 0.94 4.73
C ALA A 314 -19.54 1.53 5.65
N MET A 315 -19.94 2.77 5.39
CA MET A 315 -20.90 3.45 6.26
C MET A 315 -22.26 2.77 6.23
N ARG A 316 -22.63 2.22 5.07
CA ARG A 316 -23.91 1.52 4.95
C ARG A 316 -24.02 0.41 5.97
N VAL A 317 -22.92 -0.27 6.25
CA VAL A 317 -22.96 -1.31 7.28
C VAL A 317 -23.24 -0.70 8.64
N VAL A 318 -22.56 0.40 8.99
CA VAL A 318 -22.85 1.10 10.24
C VAL A 318 -24.32 1.51 10.29
N ALA A 319 -24.86 1.98 9.16
CA ALA A 319 -26.26 2.38 9.11
C ALA A 319 -27.20 1.22 9.47
N LYS A 320 -26.96 0.03 8.92
CA LYS A 320 -27.77 -1.11 9.28
C LYS A 320 -27.71 -1.36 10.78
N TRP A 321 -26.49 -1.41 11.32
CA TRP A 321 -26.31 -1.71 12.74
C TRP A 321 -26.98 -0.66 13.62
N LEU A 322 -26.93 0.60 13.21
CA LEU A 322 -27.54 1.66 13.99
C LEU A 322 -29.07 1.54 13.99
N ARG A 323 -29.66 1.29 12.84
CA ARG A 323 -31.11 1.17 12.76
C ARG A 323 -31.61 0.01 13.61
N LEU A 324 -30.93 -1.14 13.53
CA LEU A 324 -31.39 -2.30 14.31
C LEU A 324 -31.27 -2.03 15.80
N THR A 325 -30.14 -1.45 16.21
CA THR A 325 -29.92 -1.17 17.62
C THR A 325 -30.93 -0.15 18.12
N GLY A 326 -31.26 0.85 17.32
CA GLY A 326 -32.44 1.67 17.56
C GLY A 326 -32.28 3.18 17.56
N GLY A 327 -31.31 3.69 16.79
CA GLY A 327 -31.18 5.12 16.64
C GLY A 327 -32.34 5.72 15.87
N ASP A 328 -32.83 6.87 16.35
CA ASP A 328 -33.95 7.51 15.69
C ASP A 328 -33.52 8.39 14.53
N HIS A 329 -32.34 9.01 14.63
CA HIS A 329 -31.75 9.80 13.55
C HIS A 329 -30.34 9.31 13.32
N LEU A 330 -29.80 9.53 12.12
CA LEU A 330 -28.41 9.17 11.83
C LEU A 330 -27.86 10.10 10.75
N HIS A 331 -26.73 10.74 11.06
CA HIS A 331 -26.01 11.53 10.07
C HIS A 331 -25.55 10.65 8.92
N THR A 332 -25.85 11.07 7.70
CA THR A 332 -25.53 10.30 6.52
C THR A 332 -24.80 11.07 5.44
N GLY A 333 -24.49 12.34 5.68
CA GLY A 333 -23.66 13.13 4.78
C GLY A 333 -24.46 14.16 4.02
N THR A 334 -23.72 15.08 3.41
CA THR A 334 -24.31 16.09 2.55
C THR A 334 -24.04 15.87 1.09
N VAL A 335 -22.91 15.21 0.78
CA VAL A 335 -22.36 15.09 -0.57
C VAL A 335 -21.75 16.41 -1.05
N VAL A 336 -22.46 17.52 -0.85
CA VAL A 336 -22.09 18.80 -1.43
C VAL A 336 -21.44 19.72 -0.41
N GLY A 337 -21.36 19.31 0.84
CA GLY A 337 -20.80 20.12 1.91
C GLY A 337 -19.32 19.86 2.12
N LYS A 338 -18.86 20.21 3.33
CA LYS A 338 -17.43 20.19 3.62
C LYS A 338 -16.88 18.79 3.89
N LEU A 339 -17.74 17.80 4.10
CA LEU A 339 -17.30 16.46 4.49
C LEU A 339 -17.52 15.49 3.33
N GLU A 340 -16.57 14.59 3.15
CA GLU A 340 -16.55 13.72 1.98
C GLU A 340 -17.75 12.77 2.01
N GLY A 341 -18.28 12.48 0.83
CA GLY A 341 -19.42 11.61 0.67
C GLY A 341 -19.87 11.55 -0.78
N SER A 342 -20.06 10.36 -1.32
CA SER A 342 -20.47 10.18 -2.70
C SER A 342 -22.00 10.21 -2.83
N TRP A 343 -22.47 10.63 -4.00
CA TRP A 343 -23.92 10.78 -4.23
C TRP A 343 -24.65 9.45 -4.15
N ASN A 344 -24.32 8.53 -5.07
CA ASN A 344 -24.99 7.24 -5.10
C ASN A 344 -24.77 6.45 -3.80
N ASP A 345 -23.57 6.51 -3.25
CA ASP A 345 -23.32 5.84 -1.98
C ASP A 345 -24.28 6.34 -0.91
N THR A 346 -24.56 7.65 -0.92
CA THR A 346 -25.46 8.23 0.07
C THR A 346 -26.91 7.79 -0.17
N LEU A 347 -27.27 7.56 -1.42
CA LEU A 347 -28.63 7.15 -1.68
C LEU A 347 -28.89 5.78 -1.08
N GLY A 348 -27.90 4.89 -1.16
CA GLY A 348 -28.06 3.54 -0.63
C GLY A 348 -28.17 3.52 0.88
N ILE A 349 -27.42 4.39 1.55
CA ILE A 349 -27.51 4.53 3.00
C ILE A 349 -28.88 5.08 3.39
N ILE A 350 -29.38 6.03 2.59
CA ILE A 350 -30.70 6.60 2.86
C ILE A 350 -31.75 5.52 2.85
N ASP A 351 -31.74 4.67 1.81
CA ASP A 351 -32.75 3.63 1.70
C ASP A 351 -32.63 2.62 2.83
N ILE A 352 -31.39 2.32 3.24
CA ILE A 352 -31.16 1.40 4.34
C ILE A 352 -31.86 1.89 5.60
N LEU A 353 -31.88 3.19 5.81
CA LEU A 353 -32.48 3.70 7.04
C LEU A 353 -33.98 3.90 6.96
N ARG A 354 -34.55 4.06 5.77
CA ARG A 354 -35.94 4.46 5.66
C ARG A 354 -36.86 3.35 5.18
N GLU A 355 -36.38 2.40 4.40
CA GLU A 355 -37.25 1.44 3.73
C GLU A 355 -37.33 0.11 4.48
N ARG A 356 -38.40 -0.62 4.19
CA ARG A 356 -38.65 -1.92 4.79
C ARG A 356 -37.80 -2.99 4.13
N TYR A 357 -37.73 -2.97 2.80
CA TYR A 357 -36.96 -3.94 2.03
C TYR A 357 -36.13 -3.16 1.03
N VAL A 358 -34.82 -3.40 1.04
CA VAL A 358 -33.89 -2.74 0.13
C VAL A 358 -33.36 -3.78 -0.85
N LYS A 359 -33.37 -3.45 -2.14
CA LYS A 359 -32.94 -4.36 -3.18
C LYS A 359 -31.46 -4.14 -3.49
N ALA A 360 -30.74 -5.23 -3.75
CA ALA A 360 -29.35 -5.11 -4.18
C ALA A 360 -29.26 -4.19 -5.38
N ASN A 361 -28.27 -3.29 -5.34
CA ASN A 361 -27.99 -2.37 -6.44
C ASN A 361 -26.56 -1.87 -6.24
N LEU A 362 -25.61 -2.44 -7.01
CA LEU A 362 -24.21 -2.06 -6.84
C LEU A 362 -23.96 -0.61 -7.22
N GLU A 363 -24.80 -0.01 -8.08
CA GLU A 363 -24.69 1.42 -8.34
C GLU A 363 -24.92 2.27 -7.08
N HIS A 364 -25.61 1.74 -6.08
CA HIS A 364 -25.75 2.41 -4.79
C HIS A 364 -24.93 1.74 -3.71
N GLY A 365 -24.06 0.81 -4.08
CA GLY A 365 -23.21 0.16 -3.10
C GLY A 365 -23.89 -0.91 -2.29
N LEU A 366 -25.05 -1.40 -2.75
CA LEU A 366 -25.83 -2.42 -2.05
C LEU A 366 -25.58 -3.76 -2.72
N TYR A 367 -24.87 -4.65 -2.01
CA TYR A 367 -24.49 -5.94 -2.56
C TYR A 367 -25.54 -7.01 -2.29
N PHE A 368 -26.43 -6.79 -1.32
CA PHE A 368 -27.44 -7.74 -0.90
C PHE A 368 -28.80 -7.07 -0.76
N ASP A 369 -29.87 -7.86 -0.96
CA ASP A 369 -31.20 -7.48 -0.49
C ASP A 369 -31.22 -7.51 1.03
N GLN A 370 -31.90 -6.55 1.65
CA GLN A 370 -31.95 -6.44 3.11
C GLN A 370 -33.39 -6.21 3.56
N ASP A 371 -33.88 -7.11 4.40
CA ASP A 371 -35.20 -7.02 5.01
C ASP A 371 -35.02 -6.43 6.39
N PHE A 372 -35.82 -5.42 6.71
CA PHE A 372 -35.79 -4.85 8.04
C PHE A 372 -36.95 -5.26 8.92
N GLY A 373 -37.82 -6.14 8.42
CA GLY A 373 -38.79 -6.86 9.24
C GLY A 373 -39.78 -6.02 10.02
N GLY A 374 -40.16 -4.88 9.47
CA GLY A 374 -41.13 -4.04 10.12
C GLY A 374 -40.58 -3.13 11.19
N LEU A 375 -39.27 -3.14 11.43
CA LEU A 375 -38.70 -2.20 12.38
C LEU A 375 -38.89 -0.77 11.89
N LYS A 376 -38.99 0.16 12.84
CA LYS A 376 -39.20 1.56 12.46
C LYS A 376 -38.02 2.13 11.65
N ALA A 377 -38.32 3.21 10.94
CA ALA A 377 -37.35 3.91 10.10
C ALA A 377 -36.60 4.95 10.92
N SER A 378 -35.37 5.23 10.50
CA SER A 378 -34.57 6.29 11.13
C SER A 378 -34.50 7.49 10.18
N TRP A 379 -34.49 8.67 10.73
CA TRP A 379 -34.27 9.89 9.94
C TRP A 379 -32.84 9.99 9.42
N PRO A 380 -32.64 10.03 8.11
CA PRO A 380 -31.34 10.50 7.58
C PRO A 380 -31.11 11.95 7.98
N VAL A 381 -29.85 12.30 8.23
CA VAL A 381 -29.51 13.67 8.62
C VAL A 381 -28.35 14.17 7.75
N ALA A 382 -28.60 15.29 7.08
CA ALA A 382 -27.60 15.93 6.23
C ALA A 382 -27.04 17.14 6.98
N SER A 383 -25.71 17.20 7.08
CA SER A 383 -25.10 18.22 7.94
C SER A 383 -23.64 18.42 7.61
N GLY A 384 -23.19 19.67 7.62
CA GLY A 384 -21.77 19.96 7.56
C GLY A 384 -21.37 20.81 6.37
N GLY A 385 -21.19 22.10 6.62
CA GLY A 385 -20.77 23.00 5.56
C GLY A 385 -21.81 23.30 4.51
N ILE A 386 -23.10 23.22 4.85
CA ILE A 386 -24.14 23.50 3.86
C ILE A 386 -24.82 24.84 4.14
N HIS A 387 -25.27 25.45 3.05
CA HIS A 387 -25.97 26.72 3.13
C HIS A 387 -27.10 26.74 2.11
N VAL A 388 -27.75 27.90 2.01
CA VAL A 388 -29.01 28.02 1.30
C VAL A 388 -28.90 27.46 -0.11
N HIS A 389 -27.76 27.70 -0.76
CA HIS A 389 -27.61 27.33 -2.17
C HIS A 389 -27.67 25.84 -2.37
N HIS A 390 -27.35 25.05 -1.34
CA HIS A 390 -27.32 23.59 -1.49
C HIS A 390 -28.71 22.96 -1.42
N VAL A 391 -29.74 23.70 -1.03
CA VAL A 391 -31.02 23.07 -0.73
C VAL A 391 -31.58 22.32 -1.93
N PRO A 392 -31.62 22.88 -3.12
CA PRO A 392 -32.13 22.08 -4.26
C PRO A 392 -31.47 20.73 -4.43
N ASP A 393 -30.14 20.67 -4.34
CA ASP A 393 -29.45 19.37 -4.40
C ASP A 393 -29.81 18.49 -3.21
N LEU A 394 -29.84 19.05 -2.01
CA LEU A 394 -30.11 18.22 -0.84
C LEU A 394 -31.49 17.60 -0.93
N LEU A 395 -32.46 18.32 -1.52
CA LEU A 395 -33.81 17.78 -1.67
C LEU A 395 -33.85 16.72 -2.77
N LYS A 396 -33.06 16.90 -3.84
CA LYS A 396 -32.98 15.85 -4.86
C LYS A 396 -32.40 14.58 -4.26
N ILE A 397 -31.47 14.73 -3.33
CA ILE A 397 -30.84 13.56 -2.72
C ILE A 397 -31.78 12.89 -1.73
N TYR A 398 -32.36 13.66 -0.82
CA TYR A 398 -33.05 13.11 0.36
C TYR A 398 -34.57 13.14 0.25
N GLY A 399 -35.12 14.07 -0.51
CA GLY A 399 -36.56 14.22 -0.43
C GLY A 399 -36.93 14.85 0.90
N ASN A 400 -38.20 14.62 1.30
CA ASN A 400 -38.73 15.30 2.48
C ASN A 400 -38.34 14.61 3.79
N ASP A 401 -38.09 13.30 3.79
CA ASP A 401 -37.91 12.56 5.06
C ASP A 401 -36.44 12.61 5.44
N ALA A 402 -36.03 13.75 5.99
CA ALA A 402 -34.66 13.95 6.39
C ALA A 402 -34.59 15.23 7.21
N PHE A 403 -33.46 15.38 7.92
CA PHE A 403 -33.06 16.63 8.57
C PHE A 403 -31.93 17.29 7.79
N PHE A 404 -32.05 18.61 7.53
CA PHE A 404 -30.98 19.44 7.02
C PHE A 404 -30.52 20.34 8.16
N LEU A 405 -29.25 20.26 8.52
CA LEU A 405 -28.71 21.02 9.64
C LEU A 405 -27.77 22.11 9.14
N PHE A 406 -27.93 23.32 9.66
CA PHE A 406 -27.18 24.50 9.21
C PHE A 406 -26.58 25.14 10.45
N GLY A 407 -25.30 24.86 10.70
CA GLY A 407 -24.63 25.46 11.83
C GLY A 407 -24.04 26.82 11.50
N GLY A 408 -22.82 26.84 10.95
CA GLY A 408 -22.30 28.08 10.39
C GLY A 408 -23.27 28.70 9.40
N GLY A 409 -24.03 27.88 8.71
CA GLY A 409 -25.02 28.37 7.79
C GLY A 409 -26.18 29.10 8.42
N THR A 410 -26.33 29.00 9.75
CA THR A 410 -27.34 29.76 10.49
C THR A 410 -26.68 30.91 11.26
N HIS A 411 -25.74 30.58 12.14
CA HIS A 411 -25.03 31.58 12.93
C HIS A 411 -23.98 32.36 12.15
N GLY A 412 -23.71 32.00 10.92
CA GLY A 412 -22.86 32.82 10.08
C GLY A 412 -23.55 33.94 9.34
N HIS A 413 -24.85 34.09 9.53
CA HIS A 413 -25.61 35.11 8.82
C HIS A 413 -25.11 36.48 9.23
N PRO A 414 -25.02 37.43 8.30
CA PRO A 414 -24.49 38.75 8.66
C PRO A 414 -25.21 39.40 9.81
N ASP A 415 -26.48 39.07 10.04
CA ASP A 415 -27.28 39.74 11.05
C ASP A 415 -27.58 38.85 12.25
N GLY A 416 -26.96 37.68 12.33
CA GLY A 416 -27.09 36.85 13.53
C GLY A 416 -27.89 35.60 13.28
N SER A 417 -28.19 34.90 14.39
CA SER A 417 -28.74 33.55 14.35
C SER A 417 -30.22 33.52 13.97
N ARG A 418 -31.03 34.43 14.52
CA ARG A 418 -32.44 34.45 14.17
C ARG A 418 -32.62 34.65 12.68
N ALA A 419 -31.87 35.60 12.11
CA ALA A 419 -32.01 35.91 10.70
C ALA A 419 -31.47 34.79 9.82
N GLY A 420 -30.46 34.07 10.28
CA GLY A 420 -30.00 32.93 9.54
C GLY A 420 -31.05 31.83 9.51
N ALA A 421 -31.71 31.62 10.65
CA ALA A 421 -32.81 30.65 10.71
C ALA A 421 -33.95 31.04 9.76
N ILE A 422 -34.35 32.31 9.78
CA ILE A 422 -35.39 32.76 8.86
C ILE A 422 -35.03 32.37 7.44
N ALA A 423 -33.78 32.65 7.06
CA ALA A 423 -33.35 32.36 5.69
C ALA A 423 -33.42 30.87 5.40
N ASN A 424 -32.84 30.05 6.28
CA ASN A 424 -32.81 28.62 6.02
C ASN A 424 -34.21 28.03 5.96
N ARG A 425 -35.08 28.42 6.92
CA ARG A 425 -36.46 27.94 6.90
C ARG A 425 -37.15 28.40 5.61
N ALA A 426 -36.97 29.65 5.22
CA ALA A 426 -37.61 30.14 4.00
C ALA A 426 -37.07 29.41 2.77
N ALA A 427 -35.78 29.07 2.77
CA ALA A 427 -35.21 28.36 1.64
C ALA A 427 -35.78 26.96 1.54
N VAL A 428 -35.89 26.26 2.67
CA VAL A 428 -36.30 24.87 2.65
C VAL A 428 -37.79 24.78 2.32
N GLU A 429 -38.60 25.59 2.94
CA GLU A 429 -40.05 25.62 2.66
C GLU A 429 -40.24 25.91 1.18
N ALA A 430 -39.50 26.84 0.62
CA ALA A 430 -39.73 27.22 -0.77
C ALA A 430 -39.40 26.07 -1.71
N VAL A 431 -38.15 25.61 -1.71
CA VAL A 431 -37.73 24.53 -2.59
C VAL A 431 -38.62 23.32 -2.40
N SER A 432 -38.91 22.99 -1.14
CA SER A 432 -39.73 21.82 -0.82
C SER A 432 -41.12 21.91 -1.40
N ALA A 433 -41.62 23.11 -1.70
CA ALA A 433 -42.95 23.29 -2.25
C ALA A 433 -42.92 23.47 -3.77
N GLY A 434 -41.74 23.56 -4.38
CA GLY A 434 -41.61 23.68 -5.82
C GLY A 434 -40.98 24.97 -6.31
N GLN A 435 -41.00 26.03 -5.51
CA GLN A 435 -40.45 27.30 -5.96
C GLN A 435 -38.92 27.29 -5.86
N THR A 436 -38.32 28.37 -6.30
CA THR A 436 -36.87 28.50 -6.36
C THR A 436 -36.38 29.44 -5.28
N LEU A 437 -35.13 29.27 -4.87
CA LEU A 437 -34.49 30.23 -3.97
C LEU A 437 -34.69 31.66 -4.47
N GLN A 438 -34.66 31.85 -5.79
CA GLN A 438 -34.81 33.19 -6.37
C GLN A 438 -36.22 33.71 -6.15
N GLN A 439 -37.23 32.85 -6.33
CA GLN A 439 -38.59 33.23 -6.00
C GLN A 439 -38.72 33.57 -4.52
N ALA A 440 -38.37 32.62 -3.64
CA ALA A 440 -38.49 32.87 -2.21
C ALA A 440 -37.70 34.11 -1.79
N ALA A 441 -36.58 34.39 -2.45
CA ALA A 441 -35.76 35.54 -2.09
C ALA A 441 -36.51 36.85 -2.30
N ARG A 442 -37.45 36.88 -3.24
CA ARG A 442 -38.16 38.14 -3.51
C ARG A 442 -38.84 38.65 -2.26
N SER A 443 -39.42 37.75 -1.46
CA SER A 443 -40.19 38.13 -0.29
C SER A 443 -39.38 38.11 1.00
N CYS A 444 -38.15 37.61 1.00
CA CYS A 444 -37.39 37.44 2.23
C CYS A 444 -36.01 38.10 2.11
N PRO A 445 -35.78 39.21 2.80
CA PRO A 445 -34.44 39.81 2.73
C PRO A 445 -33.39 38.99 3.48
N GLU A 446 -33.73 38.37 4.62
CA GLU A 446 -32.76 37.55 5.32
C GLU A 446 -32.13 36.54 4.37
N LEU A 447 -32.95 35.96 3.48
CA LEU A 447 -32.46 34.93 2.57
C LEU A 447 -31.64 35.51 1.44
N ARG A 448 -31.93 36.76 1.04
CA ARG A 448 -31.10 37.38 0.02
C ARG A 448 -29.68 37.59 0.53
N LYS A 449 -29.53 37.93 1.81
CA LYS A 449 -28.19 38.10 2.37
C LYS A 449 -27.45 36.78 2.44
N SER A 450 -28.16 35.70 2.79
CA SER A 450 -27.52 34.37 2.83
C SER A 450 -27.13 33.92 1.43
N LEU A 451 -28.02 34.10 0.46
CA LEU A 451 -27.67 33.78 -0.92
C LEU A 451 -26.46 34.58 -1.40
N GLU A 452 -26.37 35.86 -1.02
CA GLU A 452 -25.27 36.69 -1.47
C GLU A 452 -23.96 36.33 -0.79
N LEU A 453 -24.01 36.02 0.52
CA LEU A 453 -22.78 35.81 1.27
C LEU A 453 -22.02 34.59 0.77
N TRP A 454 -22.74 33.51 0.45
CA TRP A 454 -22.13 32.22 0.19
C TRP A 454 -22.28 31.79 -1.26
N ALA A 455 -22.54 32.72 -2.17
CA ALA A 455 -22.80 32.34 -3.56
C ALA A 455 -21.63 31.56 -4.16
N ASP A 456 -20.39 31.91 -3.81
CA ASP A 456 -19.24 31.28 -4.43
C ASP A 456 -18.55 30.28 -3.51
N VAL A 457 -19.24 29.82 -2.49
CA VAL A 457 -18.69 28.86 -1.54
C VAL A 457 -19.19 27.47 -1.93
N LYS A 458 -18.33 26.70 -2.61
CA LYS A 458 -18.69 25.39 -3.12
C LYS A 458 -17.64 24.37 -2.71
N PHE A 459 -18.03 23.10 -2.73
CA PHE A 459 -17.14 21.99 -2.41
C PHE A 459 -17.20 20.95 -3.53
N GLU A 460 -16.17 20.10 -3.59
CA GLU A 460 -16.13 19.02 -4.56
C GLU A 460 -17.36 18.12 -4.43
N VAL A 461 -17.96 17.79 -5.57
CA VAL A 461 -19.13 16.90 -5.63
C VAL A 461 -18.75 15.67 -6.44
N VAL A 462 -18.92 14.49 -5.83
CA VAL A 462 -18.60 13.21 -6.47
C VAL A 462 -19.85 12.35 -6.51
N GLN A 463 -20.10 11.76 -7.66
CA GLN A 463 -21.29 10.93 -7.86
C GLN A 463 -21.11 9.58 -7.15
N ALA B 24 -16.13 43.43 15.52
CA ALA B 24 -15.11 42.44 15.22
C ALA B 24 -15.70 41.23 14.47
N TYR B 25 -17.01 41.26 14.19
CA TYR B 25 -17.67 40.21 13.43
C TYR B 25 -17.65 40.58 11.95
N LYS B 26 -16.89 39.81 11.17
CA LYS B 26 -16.82 39.93 9.71
C LYS B 26 -17.38 38.62 9.16
N ALA B 27 -18.56 38.65 8.56
CA ALA B 27 -19.22 37.45 8.05
C ALA B 27 -18.48 36.91 6.83
N GLY B 28 -18.74 35.67 6.51
CA GLY B 28 -18.18 35.02 5.33
C GLY B 28 -17.12 34.01 5.65
N VAL B 29 -16.72 33.33 4.62
CA VAL B 29 -15.70 32.27 4.71
C VAL B 29 -14.30 32.91 4.72
N ARG B 30 -13.49 32.60 5.72
CA ARG B 30 -12.07 32.94 5.79
C ARG B 30 -11.31 31.63 5.89
N ALA B 31 -10.06 31.65 5.54
CA ALA B 31 -9.21 30.48 5.64
C ALA B 31 -9.04 30.08 7.10
N TYR B 32 -8.93 28.76 7.34
CA TYR B 32 -8.71 28.27 8.69
C TYR B 32 -7.39 28.76 9.28
N ALA B 33 -6.39 29.03 8.44
CA ALA B 33 -5.04 29.32 8.94
C ALA B 33 -5.00 30.71 9.55
N VAL B 34 -5.92 31.58 9.17
CA VAL B 34 -5.92 32.94 9.69
C VAL B 34 -5.94 32.93 11.22
N ASP B 35 -6.71 32.02 11.81
CA ASP B 35 -6.87 31.98 13.27
C ASP B 35 -6.28 30.75 13.96
N TYR B 36 -5.97 29.68 13.22
CA TYR B 36 -5.60 28.43 13.85
C TYR B 36 -4.20 27.94 13.47
N TYR B 37 -3.50 28.66 12.61
CA TYR B 37 -2.10 28.38 12.33
C TYR B 37 -1.27 29.35 13.15
N VAL B 38 -0.64 28.86 14.21
CA VAL B 38 0.02 29.74 15.18
C VAL B 38 1.42 29.21 15.47
N PRO B 39 2.35 29.33 14.51
CA PRO B 39 3.67 28.68 14.67
C PRO B 39 4.53 29.29 15.77
N ASP B 40 4.13 30.42 16.33
CA ASP B 40 4.82 31.05 17.44
C ASP B 40 4.32 30.55 18.78
N TYR B 41 3.32 29.68 18.79
CA TYR B 41 2.67 29.26 20.02
C TYR B 41 3.57 28.33 20.82
N ILE B 42 3.64 28.56 22.12
CA ILE B 42 4.47 27.77 23.04
C ILE B 42 3.56 26.78 23.76
N PRO B 43 3.62 25.48 23.43
CA PRO B 43 2.77 24.51 24.16
C PRO B 43 2.99 24.61 25.66
N GLN B 44 1.91 24.39 26.41
CA GLN B 44 1.98 24.37 27.87
C GLN B 44 1.78 22.96 28.41
N ASP B 45 2.33 22.73 29.61
CA ASP B 45 2.18 21.41 30.25
C ASP B 45 0.72 21.02 30.46
N THR B 46 -0.21 21.97 30.44
CA THR B 46 -1.62 21.68 30.56
C THR B 46 -2.28 21.34 29.23
N ASP B 47 -1.60 21.67 28.12
CA ASP B 47 -2.20 21.48 26.80
C ASP B 47 -2.17 19.99 26.48
N LEU B 48 -3.22 19.53 25.83
CA LEU B 48 -3.22 18.22 25.19
C LEU B 48 -2.66 18.40 23.77
N LEU B 49 -1.61 17.63 23.44
CA LEU B 49 -0.90 17.79 22.18
C LEU B 49 -1.19 16.60 21.27
N CYS B 50 -1.36 16.88 19.98
CA CYS B 50 -1.60 15.81 19.01
C CYS B 50 -0.59 15.87 17.87
N ALA B 51 -0.15 14.70 17.40
CA ALA B 51 0.65 14.59 16.20
C ALA B 51 -0.25 13.96 15.15
N PHE B 52 -0.52 14.69 14.08
CA PHE B 52 -1.37 14.21 13.00
C PHE B 52 -0.48 14.07 11.77
N ARG B 53 -0.61 12.96 11.05
CA ARG B 53 0.01 12.83 9.73
C ARG B 53 -1.06 13.15 8.68
N ILE B 54 -0.78 14.16 7.84
CA ILE B 54 -1.80 14.74 6.97
C ILE B 54 -1.41 14.57 5.50
N GLN B 55 -2.42 14.29 4.67
CA GLN B 55 -2.30 14.28 3.21
C GLN B 55 -3.24 15.37 2.69
N PRO B 56 -2.75 16.59 2.49
CA PRO B 56 -3.66 17.69 2.14
C PRO B 56 -4.32 17.44 0.79
N ARG B 57 -5.49 18.03 0.62
CA ARG B 57 -6.29 17.82 -0.59
C ARG B 57 -6.87 19.15 -1.00
N GLY B 58 -6.37 19.71 -2.10
CA GLY B 58 -6.80 20.99 -2.62
C GLY B 58 -6.37 22.20 -1.82
N VAL B 59 -5.54 22.02 -0.81
CA VAL B 59 -5.09 23.10 0.05
C VAL B 59 -3.65 22.82 0.46
N ASP B 60 -2.90 23.83 0.82
CA ASP B 60 -1.53 23.61 1.30
C ASP B 60 -1.62 22.91 2.67
N MET B 61 -0.56 22.25 3.04
CA MET B 61 -0.43 21.54 4.30
C MET B 61 -0.85 22.43 5.48
N ILE B 62 -0.48 23.71 5.44
CA ILE B 62 -0.77 24.60 6.56
C ILE B 62 -2.27 24.79 6.71
N GLU B 63 -2.97 25.00 5.60
CA GLU B 63 -4.42 25.15 5.64
C GLU B 63 -5.05 23.88 6.14
N ALA B 64 -4.56 22.73 5.68
CA ALA B 64 -5.16 21.46 6.05
C ALA B 64 -4.97 21.18 7.54
N ALA B 65 -3.77 21.49 8.06
CA ALA B 65 -3.54 21.31 9.49
C ALA B 65 -4.36 22.31 10.30
N ALA B 66 -4.57 23.52 9.75
CA ALA B 66 -5.41 24.50 10.44
C ALA B 66 -6.88 24.08 10.46
N ALA B 67 -7.36 23.47 9.37
CA ALA B 67 -8.73 22.94 9.36
C ALA B 67 -8.93 21.86 10.41
N VAL B 68 -7.96 20.94 10.52
CA VAL B 68 -8.06 19.90 11.53
C VAL B 68 -8.15 20.53 12.91
N ALA B 69 -7.27 21.50 13.18
CA ALA B 69 -7.26 22.13 14.50
C ALA B 69 -8.57 22.84 14.79
N ALA B 70 -9.08 23.60 13.82
CA ALA B 70 -10.32 24.36 14.05
C ALA B 70 -11.52 23.43 14.25
N GLU B 71 -11.76 22.53 13.30
CA GLU B 71 -12.93 21.65 13.33
C GLU B 71 -12.83 20.56 14.38
N SER B 72 -11.75 20.50 15.14
CA SER B 72 -11.69 19.66 16.32
C SER B 72 -11.67 20.48 17.61
N SER B 73 -11.87 21.79 17.53
CA SER B 73 -11.88 22.59 18.76
C SER B 73 -13.02 23.59 18.80
N THR B 74 -12.90 24.70 18.05
CA THR B 74 -13.89 25.77 18.15
C THR B 74 -14.46 26.23 16.83
N GLY B 75 -13.92 25.79 15.70
CA GLY B 75 -14.17 26.40 14.41
C GLY B 75 -15.31 25.75 13.64
N THR B 76 -15.68 26.41 12.55
CA THR B 76 -16.52 25.81 11.52
C THR B 76 -16.16 26.47 10.20
N TRP B 77 -16.96 26.20 9.17
CA TRP B 77 -16.61 26.56 7.79
C TRP B 77 -16.80 28.04 7.47
N THR B 78 -17.41 28.82 8.37
CA THR B 78 -17.70 30.22 8.15
C THR B 78 -17.67 30.89 9.51
N GLU B 79 -17.41 32.19 9.51
CA GLU B 79 -17.30 32.93 10.74
C GLU B 79 -18.70 33.17 11.28
N VAL B 80 -18.91 32.88 12.57
CA VAL B 80 -20.22 32.99 13.21
C VAL B 80 -20.18 34.15 14.20
N TRP B 81 -21.28 34.90 14.28
CA TRP B 81 -21.32 36.05 15.17
C TRP B 81 -21.01 35.64 16.60
N SER B 82 -21.40 34.41 16.98
CA SER B 82 -21.30 33.99 18.38
C SER B 82 -19.85 33.80 18.80
N ASN B 83 -18.90 33.89 17.87
CA ASN B 83 -17.49 33.83 18.25
C ASN B 83 -17.14 34.98 19.18
N GLN B 84 -17.88 36.09 19.10
CA GLN B 84 -17.67 37.22 20.01
C GLN B 84 -18.24 36.99 21.40
N LEU B 85 -18.91 35.87 21.64
CA LEU B 85 -19.50 35.62 22.94
C LEU B 85 -18.57 34.86 23.89
N THR B 86 -17.41 34.43 23.39
CA THR B 86 -16.43 33.74 24.21
C THR B 86 -15.04 34.20 23.76
N ASP B 87 -14.00 33.55 24.27
CA ASP B 87 -12.63 33.93 23.97
C ASP B 87 -12.04 32.87 23.06
N ILE B 88 -12.22 33.06 21.75
CA ILE B 88 -11.78 32.04 20.80
C ILE B 88 -10.28 31.80 20.92
N ASP B 89 -9.50 32.87 21.12
CA ASP B 89 -8.05 32.71 21.18
C ASP B 89 -7.65 31.84 22.37
N PHE B 90 -8.42 31.87 23.45
CA PHE B 90 -8.09 31.04 24.60
C PHE B 90 -8.47 29.57 24.40
N TYR B 91 -9.62 29.31 23.78
CA TYR B 91 -10.14 27.94 23.73
C TYR B 91 -9.73 27.21 22.47
N LYS B 92 -9.31 27.93 21.44
CA LYS B 92 -9.01 27.30 20.16
C LYS B 92 -7.77 26.42 20.22
N ALA B 93 -7.76 25.41 19.37
CA ALA B 93 -6.55 24.63 19.13
C ALA B 93 -5.63 25.40 18.23
N LYS B 94 -4.32 25.16 18.38
CA LYS B 94 -3.28 25.90 17.67
C LYS B 94 -2.35 24.93 16.97
N VAL B 95 -2.28 25.04 15.64
CA VAL B 95 -1.22 24.35 14.90
C VAL B 95 0.08 25.07 15.19
N TYR B 96 0.91 24.53 16.10
CA TYR B 96 2.09 25.25 16.57
C TYR B 96 3.38 24.78 15.89
N ALA B 97 3.37 23.66 15.19
CA ALA B 97 4.56 23.25 14.47
C ALA B 97 4.18 22.29 13.36
N ILE B 98 4.92 22.32 12.26
CA ILE B 98 4.73 21.39 11.15
C ILE B 98 6.11 20.89 10.75
N THR B 99 6.27 19.56 10.66
CA THR B 99 7.51 18.93 10.24
C THR B 99 7.13 18.01 9.10
N GLY B 100 7.25 18.49 7.88
CA GLY B 100 6.93 17.64 6.76
C GLY B 100 5.42 17.39 6.71
N ASP B 101 5.03 16.14 6.81
CA ASP B 101 3.62 15.73 6.79
C ASP B 101 3.02 15.60 8.18
N ILE B 102 3.74 16.02 9.23
CA ILE B 102 3.29 15.90 10.60
C ILE B 102 2.92 17.29 11.10
N ALA B 103 1.67 17.48 11.50
CA ALA B 103 1.22 18.70 12.17
C ALA B 103 1.12 18.44 13.66
N TYR B 104 1.62 19.38 14.46
CA TYR B 104 1.58 19.33 15.92
C TYR B 104 0.57 20.37 16.36
N ILE B 105 -0.47 19.91 17.05
CA ILE B 105 -1.62 20.72 17.42
C ILE B 105 -1.81 20.68 18.92
N ALA B 106 -1.99 21.85 19.54
CA ALA B 106 -2.13 22.01 20.98
C ALA B 106 -3.58 22.37 21.29
N TYR B 107 -4.17 21.68 22.26
CA TYR B 107 -5.56 21.84 22.67
C TYR B 107 -5.59 22.25 24.13
N PRO B 108 -6.21 23.38 24.47
CA PRO B 108 -6.26 23.80 25.88
C PRO B 108 -6.99 22.79 26.75
N LEU B 109 -6.53 22.68 28.00
CA LEU B 109 -7.08 21.70 28.91
C LEU B 109 -8.59 21.84 29.08
N ASP B 110 -9.10 23.08 29.11
CA ASP B 110 -10.50 23.38 29.37
C ASP B 110 -11.43 22.79 28.33
N LEU B 111 -10.89 22.29 27.23
CA LEU B 111 -11.73 21.76 26.15
C LEU B 111 -12.23 20.37 26.44
N PHE B 112 -11.74 19.72 27.48
CA PHE B 112 -11.97 18.30 27.69
C PHE B 112 -12.76 18.06 28.97
N GLU B 113 -13.72 17.13 28.89
CA GLU B 113 -14.35 16.60 30.09
C GLU B 113 -13.37 15.71 30.82
N GLU B 114 -13.33 15.84 32.14
CA GLU B 114 -12.46 15.01 32.97
C GLU B 114 -12.86 13.53 32.91
N ASN B 115 -11.87 12.65 32.85
CA ASN B 115 -12.09 11.21 33.00
C ASN B 115 -13.04 10.68 31.93
N SER B 116 -12.75 11.00 30.67
CA SER B 116 -13.60 10.55 29.57
C SER B 116 -12.79 10.47 28.28
N VAL B 117 -12.27 9.28 27.99
CA VAL B 117 -11.72 9.02 26.67
C VAL B 117 -12.77 9.35 25.61
N VAL B 118 -14.03 9.06 25.93
CA VAL B 118 -15.12 9.31 24.98
C VAL B 118 -15.08 10.76 24.52
N ASN B 119 -14.95 11.68 25.47
CA ASN B 119 -14.89 13.09 25.10
C ASN B 119 -13.64 13.38 24.28
N ILE B 120 -12.48 12.82 24.68
CA ILE B 120 -11.25 13.06 23.93
C ILE B 120 -11.45 12.68 22.48
N MET B 121 -11.98 11.47 22.26
CA MET B 121 -12.29 11.02 20.91
C MET B 121 -13.26 11.95 20.22
N SER B 122 -14.31 12.37 20.93
CA SER B 122 -15.32 13.23 20.31
C SER B 122 -14.70 14.46 19.65
N SER B 123 -13.70 15.05 20.30
CA SER B 123 -13.01 16.17 19.68
C SER B 123 -11.92 15.75 18.70
N ILE B 124 -11.03 14.85 19.10
CA ILE B 124 -9.79 14.71 18.35
C ILE B 124 -9.99 13.88 17.07
N VAL B 125 -10.92 12.92 17.09
CA VAL B 125 -11.20 12.12 15.90
C VAL B 125 -12.66 12.18 15.48
N GLY B 126 -13.42 13.11 16.05
CA GLY B 126 -14.83 13.25 15.74
C GLY B 126 -15.18 13.36 14.27
N ASN B 127 -14.83 14.48 13.67
CA ASN B 127 -15.22 14.71 12.29
C ASN B 127 -14.06 14.94 11.34
N VAL B 128 -12.87 15.30 11.84
CA VAL B 128 -11.82 15.82 10.97
C VAL B 128 -11.30 14.75 10.02
N PHE B 129 -11.57 13.46 10.26
CA PHE B 129 -11.06 12.43 9.36
C PHE B 129 -11.86 12.33 8.07
N GLY B 130 -13.01 13.00 8.01
CA GLY B 130 -13.86 12.94 6.84
C GLY B 130 -13.91 14.18 5.99
N PHE B 131 -13.01 15.13 6.22
CA PHE B 131 -13.03 16.40 5.49
C PHE B 131 -12.53 16.24 4.06
N LYS B 132 -13.23 16.89 3.14
CA LYS B 132 -12.79 16.89 1.76
C LYS B 132 -11.42 17.50 1.59
N ALA B 133 -10.97 18.35 2.51
CA ALA B 133 -9.70 19.05 2.40
C ALA B 133 -8.51 18.20 2.84
N VAL B 134 -8.71 16.95 3.24
CA VAL B 134 -7.63 16.01 3.48
C VAL B 134 -7.95 14.71 2.77
N GLY B 135 -6.96 14.15 2.10
CA GLY B 135 -7.15 12.86 1.46
C GLY B 135 -6.98 11.71 2.42
N ALA B 136 -6.16 11.90 3.45
CA ALA B 136 -5.98 10.89 4.48
C ALA B 136 -5.46 11.59 5.73
N LEU B 137 -5.77 11.00 6.88
CA LEU B 137 -5.38 11.58 8.16
C LEU B 137 -5.10 10.46 9.15
N ARG B 138 -3.97 10.54 9.85
CA ARG B 138 -3.64 9.59 10.91
C ARG B 138 -3.26 10.34 12.19
N LEU B 139 -3.93 10.03 13.28
CA LEU B 139 -3.46 10.43 14.61
C LEU B 139 -2.32 9.50 15.04
N GLU B 140 -1.10 10.04 15.12
CA GLU B 140 0.06 9.21 15.39
C GLU B 140 0.32 9.09 16.87
N ASP B 141 0.04 10.13 17.66
CA ASP B 141 0.33 10.11 19.09
C ASP B 141 -0.37 11.31 19.70
N MET B 142 -0.51 11.29 21.02
CA MET B 142 -1.21 12.34 21.74
C MET B 142 -0.56 12.47 23.10
N ARG B 143 -0.25 13.70 23.50
CA ARG B 143 0.30 13.96 24.84
C ARG B 143 -0.86 14.38 25.75
N ILE B 144 -1.31 13.46 26.59
CA ILE B 144 -2.40 13.74 27.53
C ILE B 144 -1.82 14.42 28.75
N PRO B 145 -2.15 15.69 29.01
CA PRO B 145 -1.49 16.41 30.11
C PRO B 145 -1.73 15.74 31.45
N LEU B 146 -0.74 15.87 32.33
CA LEU B 146 -0.82 15.18 33.63
C LEU B 146 -2.07 15.59 34.39
N ALA B 147 -2.47 16.88 34.27
CA ALA B 147 -3.66 17.36 34.96
C ALA B 147 -4.90 16.60 34.53
N LEU B 148 -5.00 16.22 33.26
CA LEU B 148 -6.07 15.34 32.79
C LEU B 148 -5.83 13.87 33.19
N VAL B 149 -4.58 13.40 33.10
CA VAL B 149 -4.26 12.02 33.47
C VAL B 149 -4.77 11.73 34.87
N LYS B 150 -4.58 12.67 35.79
CA LYS B 150 -4.90 12.42 37.18
C LYS B 150 -6.40 12.31 37.45
N THR B 151 -7.26 12.57 36.46
CA THR B 151 -8.70 12.40 36.63
C THR B 151 -9.17 10.99 36.29
N PHE B 152 -8.31 10.16 35.70
CA PHE B 152 -8.59 8.78 35.37
C PHE B 152 -8.22 7.82 36.50
N PRO B 153 -8.89 6.68 36.59
CA PRO B 153 -8.56 5.72 37.67
C PRO B 153 -7.37 4.79 37.35
N GLY B 154 -7.16 4.53 36.06
CA GLY B 154 -6.18 3.53 35.71
C GLY B 154 -6.57 2.15 36.21
N PRO B 155 -5.74 1.13 35.94
CA PRO B 155 -6.15 -0.26 36.23
C PRO B 155 -6.35 -0.51 37.71
N ARG B 156 -7.31 -1.39 38.00
CA ARG B 156 -7.51 -1.83 39.36
C ARG B 156 -6.37 -2.75 39.83
N VAL B 157 -6.05 -3.77 39.03
CA VAL B 157 -5.14 -4.83 39.49
C VAL B 157 -3.73 -4.53 39.00
N GLY B 158 -3.56 -4.46 37.66
CA GLY B 158 -2.26 -4.22 37.08
C GLY B 158 -1.32 -5.43 37.13
N ILE B 159 -0.05 -5.17 36.86
CA ILE B 159 0.93 -6.23 36.73
C ILE B 159 1.32 -6.80 38.10
N TYR B 160 1.80 -5.94 38.99
CA TYR B 160 2.42 -6.42 40.23
C TYR B 160 1.41 -7.19 41.08
N ASP B 161 0.22 -6.62 41.28
CA ASP B 161 -0.76 -7.26 42.15
C ASP B 161 -1.23 -8.58 41.58
N GLU B 162 -1.21 -8.72 40.26
CA GLU B 162 -1.60 -10.01 39.69
C GLU B 162 -0.56 -11.09 39.99
N ARG B 163 0.71 -10.71 39.90
CA ARG B 163 1.78 -11.60 40.33
C ARG B 163 1.58 -11.97 41.79
N VAL B 164 1.16 -11.00 42.62
CA VAL B 164 0.87 -11.29 44.02
C VAL B 164 -0.34 -12.22 44.15
N TRP B 165 -1.45 -11.88 43.49
CA TRP B 165 -2.65 -12.72 43.61
C TRP B 165 -2.37 -14.15 43.19
N SER B 166 -1.59 -14.32 42.12
CA SER B 166 -1.31 -15.63 41.55
C SER B 166 0.00 -16.25 42.03
N ASN B 167 0.80 -15.51 42.78
CA ASN B 167 2.12 -15.96 43.22
C ASN B 167 2.96 -16.50 42.07
N LYS B 168 3.15 -15.67 41.06
CA LYS B 168 3.92 -16.02 39.87
C LYS B 168 4.86 -14.86 39.53
N TRP B 169 6.17 -15.13 39.59
CA TRP B 169 7.20 -14.10 39.52
C TRP B 169 8.29 -14.47 38.52
N ASP B 170 8.91 -13.43 37.97
CA ASP B 170 10.18 -13.54 37.23
C ASP B 170 10.03 -14.37 35.97
N ARG B 171 8.86 -14.38 35.37
CA ARG B 171 8.68 -15.04 34.09
C ARG B 171 7.42 -14.47 33.44
N PRO B 172 7.28 -14.62 32.13
CA PRO B 172 5.98 -14.36 31.50
C PRO B 172 4.92 -15.34 32.00
N LEU B 173 3.68 -14.88 32.00
CA LEU B 173 2.53 -15.74 32.21
C LEU B 173 2.08 -16.27 30.87
N ILE B 174 1.57 -17.50 30.87
CA ILE B 174 1.27 -18.24 29.64
C ILE B 174 -0.23 -18.54 29.60
N GLY B 175 -0.83 -18.25 28.45
CA GLY B 175 -2.23 -18.51 28.28
C GLY B 175 -2.56 -19.13 26.94
N GLY B 176 -3.85 -19.14 26.60
CA GLY B 176 -4.25 -19.70 25.33
C GLY B 176 -5.72 -19.63 25.06
N THR B 177 -6.06 -19.32 23.79
CA THR B 177 -7.45 -19.26 23.38
C THR B 177 -7.98 -20.67 23.08
N VAL B 178 -9.20 -20.95 23.55
CA VAL B 178 -9.85 -22.21 23.21
C VAL B 178 -10.21 -22.19 21.73
N LYS B 179 -9.97 -23.29 21.04
CA LYS B 179 -10.29 -23.44 19.63
C LYS B 179 -11.00 -24.76 19.43
N PRO B 180 -11.89 -24.87 18.42
CA PRO B 180 -12.24 -23.85 17.41
C PRO B 180 -12.94 -22.63 17.97
N LYS B 181 -12.88 -21.52 17.22
CA LYS B 181 -13.36 -20.25 17.76
C LYS B 181 -14.81 -20.37 18.24
N LEU B 182 -15.65 -20.94 17.41
CA LEU B 182 -17.06 -21.12 17.73
C LEU B 182 -17.44 -22.57 17.47
N GLY B 183 -18.59 -22.96 18.04
CA GLY B 183 -19.15 -24.26 17.76
C GLY B 183 -19.01 -25.28 18.87
N LEU B 184 -18.24 -24.99 19.93
CA LEU B 184 -18.01 -25.97 20.99
C LEU B 184 -19.09 -25.90 22.08
N SER B 185 -19.64 -27.05 22.44
CA SER B 185 -20.55 -27.19 23.56
C SER B 185 -19.89 -26.62 24.80
N PRO B 186 -20.64 -26.07 25.75
CA PRO B 186 -20.02 -25.65 27.03
C PRO B 186 -19.26 -26.77 27.75
N LYS B 187 -19.72 -28.02 27.63
CA LYS B 187 -19.05 -29.12 28.32
C LYS B 187 -17.71 -29.46 27.67
N ALA B 188 -17.69 -29.57 26.34
CA ALA B 188 -16.44 -29.74 25.62
C ALA B 188 -15.47 -28.62 25.97
N TYR B 189 -15.97 -27.37 25.96
CA TYR B 189 -15.15 -26.23 26.34
C TYR B 189 -14.43 -26.48 27.65
N SER B 190 -15.16 -26.98 28.65
CA SER B 190 -14.59 -27.22 29.97
C SER B 190 -13.52 -28.28 29.91
N THR B 191 -13.69 -29.28 29.02
CA THR B 191 -12.72 -30.35 28.90
C THR B 191 -11.39 -29.83 28.40
N ILE B 192 -11.44 -28.92 27.42
CA ILE B 192 -10.21 -28.30 26.91
C ILE B 192 -9.59 -27.40 27.97
N ILE B 193 -10.40 -26.59 28.62
CA ILE B 193 -9.87 -25.70 29.64
C ILE B 193 -9.15 -26.50 30.71
N TYR B 194 -9.68 -27.68 31.02
CA TYR B 194 -9.11 -28.53 32.08
C TYR B 194 -7.75 -29.04 31.65
N GLU B 195 -7.71 -29.59 30.44
CA GLU B 195 -6.53 -30.24 29.86
C GLU B 195 -5.38 -29.23 29.73
N CYS B 196 -5.64 -28.05 29.18
CA CYS B 196 -4.61 -27.03 28.93
C CYS B 196 -4.16 -26.36 30.23
N LEU B 197 -5.04 -26.05 31.16
CA LEU B 197 -4.58 -25.48 32.45
C LEU B 197 -3.83 -26.56 33.22
N SER B 198 -4.27 -27.81 33.17
CA SER B 198 -3.57 -28.86 33.90
C SER B 198 -2.21 -29.12 33.31
N GLY B 199 -2.08 -28.94 31.99
CA GLY B 199 -0.84 -29.17 31.31
C GLY B 199 0.22 -28.16 31.60
N GLY B 200 -0.15 -26.96 32.03
CA GLY B 200 0.82 -25.96 32.43
C GLY B 200 0.45 -24.52 32.14
N LEU B 201 -0.65 -24.27 31.43
CA LEU B 201 -1.03 -22.90 31.14
C LEU B 201 -1.39 -22.19 32.42
N ASP B 202 -1.06 -20.89 32.47
CA ASP B 202 -1.50 -20.08 33.61
C ASP B 202 -2.97 -19.70 33.47
N THR B 203 -3.41 -19.35 32.26
CA THR B 203 -4.78 -18.94 32.00
C THR B 203 -5.23 -19.50 30.67
N SER B 204 -6.55 -19.60 30.50
CA SER B 204 -7.18 -19.93 29.22
C SER B 204 -8.18 -18.80 28.97
N ASP B 206 -11.96 -17.55 26.58
CA ASP B 206 -12.95 -17.55 25.49
C ASP B 206 -12.35 -16.83 24.30
N ASP B 207 -12.80 -17.17 23.09
CA ASP B 207 -12.47 -16.35 21.94
C ASP B 207 -13.24 -15.03 22.00
N GLU B 208 -12.73 -14.00 21.34
CA GLU B 208 -13.34 -12.69 21.48
C GLU B 208 -14.79 -12.68 21.03
N ASN B 209 -15.17 -13.58 20.12
CA ASN B 209 -16.52 -13.64 19.59
C ASN B 209 -17.40 -14.69 20.27
N MET B 210 -16.90 -15.38 21.29
CA MET B 210 -17.72 -16.25 22.13
C MET B 210 -18.42 -15.35 23.13
N ASN B 211 -19.72 -15.14 22.93
CA ASN B 211 -20.49 -14.33 23.86
C ASN B 211 -21.57 -15.24 24.44
N SER B 212 -22.80 -15.19 23.96
CA SER B 212 -23.79 -16.22 24.23
C SER B 212 -24.49 -16.57 22.93
N GLN B 213 -24.43 -17.84 22.54
CA GLN B 213 -24.90 -18.26 21.22
C GLN B 213 -25.63 -19.58 21.35
N PRO B 214 -26.41 -19.97 20.33
CA PRO B 214 -27.16 -21.23 20.41
C PRO B 214 -26.32 -22.45 20.75
N PHE B 215 -25.03 -22.48 20.37
CA PHE B 215 -24.15 -23.61 20.66
C PHE B 215 -23.50 -23.50 22.04
N SER B 216 -23.49 -22.31 22.64
CA SER B 216 -22.79 -22.13 23.92
C SER B 216 -23.41 -20.91 24.65
N ARG B 217 -24.44 -21.18 25.46
CA ARG B 217 -25.05 -20.12 26.24
C ARG B 217 -24.14 -19.76 27.41
N TRP B 218 -24.08 -18.47 27.73
CA TRP B 218 -22.98 -18.00 28.56
C TRP B 218 -23.01 -18.61 29.95
N ARG B 219 -24.21 -18.83 30.52
CA ARG B 219 -24.25 -19.36 31.87
C ARG B 219 -23.72 -20.79 31.94
N ASP B 220 -24.02 -21.62 30.94
CA ASP B 220 -23.44 -22.96 30.89
C ASP B 220 -21.91 -22.91 30.81
N ARG B 221 -21.39 -22.15 29.85
CA ARG B 221 -19.95 -22.11 29.61
C ARG B 221 -19.22 -21.55 30.83
N PHE B 222 -19.68 -20.42 31.36
CA PHE B 222 -19.02 -19.86 32.53
C PHE B 222 -18.96 -20.89 33.66
N MET B 223 -20.10 -21.54 33.94
CA MET B 223 -20.17 -22.45 35.10
C MET B 223 -19.22 -23.62 34.92
N TYR B 224 -19.26 -24.23 33.73
CA TYR B 224 -18.43 -25.39 33.48
C TYR B 224 -16.97 -24.99 33.42
N ALA B 225 -16.69 -23.83 32.82
CA ALA B 225 -15.30 -23.37 32.72
C ALA B 225 -14.69 -23.12 34.09
N GLN B 226 -15.43 -22.51 35.00
CA GLN B 226 -14.85 -22.24 36.31
C GLN B 226 -14.67 -23.52 37.14
N GLU B 227 -15.52 -24.52 36.91
CA GLU B 227 -15.29 -25.83 37.53
C GLU B 227 -13.95 -26.41 37.10
N ALA B 228 -13.67 -26.34 35.80
CA ALA B 228 -12.40 -26.82 35.27
C ALA B 228 -11.23 -26.06 35.89
N VAL B 229 -11.30 -24.72 35.90
CA VAL B 229 -10.27 -23.91 36.54
C VAL B 229 -9.94 -24.44 37.94
N ASP B 230 -10.98 -24.64 38.75
CA ASP B 230 -10.77 -24.99 40.15
C ASP B 230 -10.28 -26.42 40.29
N ARG B 231 -10.74 -27.31 39.44
CA ARG B 231 -10.26 -28.69 39.46
C ARG B 231 -8.78 -28.68 39.08
N ALA B 232 -8.40 -27.93 38.06
CA ALA B 232 -7.01 -27.90 37.62
C ALA B 232 -6.10 -27.17 38.60
N ALA B 233 -6.61 -26.13 39.28
CA ALA B 233 -5.79 -25.45 40.27
C ALA B 233 -5.49 -26.37 41.44
N ALA B 234 -6.53 -27.08 41.92
CA ALA B 234 -6.37 -27.91 43.11
C ALA B 234 -5.41 -29.07 42.82
N GLU B 235 -5.46 -29.62 41.61
CA GLU B 235 -4.64 -30.77 41.26
C GLU B 235 -3.22 -30.39 40.95
N THR B 236 -2.94 -29.10 40.68
CA THR B 236 -1.59 -28.64 40.45
C THR B 236 -1.04 -27.86 41.62
N ASN B 237 -1.87 -27.47 42.59
CA ASN B 237 -1.43 -26.63 43.69
C ASN B 237 -0.87 -25.31 43.15
N GLU B 238 -1.47 -24.84 42.05
CA GLU B 238 -1.07 -23.64 41.35
C GLU B 238 -2.32 -22.80 41.06
N PHE B 239 -2.19 -21.48 41.17
CA PHE B 239 -3.24 -20.57 40.75
C PHE B 239 -3.51 -20.77 39.27
N LYS B 240 -4.80 -20.82 38.93
CA LYS B 240 -5.28 -21.01 37.57
C LYS B 240 -6.45 -20.07 37.33
N GLY B 241 -6.63 -19.68 36.07
CA GLY B 241 -7.73 -18.81 35.71
C GLY B 241 -8.16 -19.00 34.27
N HIS B 242 -9.44 -18.68 34.00
CA HIS B 242 -9.97 -18.61 32.64
C HIS B 242 -10.70 -17.28 32.47
N TRP B 243 -10.40 -16.56 31.38
CA TRP B 243 -10.99 -15.25 31.10
C TRP B 243 -12.36 -15.43 30.45
N HIS B 244 -13.41 -15.50 31.28
CA HIS B 244 -14.77 -15.57 30.81
C HIS B 244 -15.08 -14.29 30.04
N ASN B 245 -15.67 -14.43 28.87
CA ASN B 245 -15.94 -13.26 28.05
C ASN B 245 -17.30 -12.68 28.44
N VAL B 246 -17.30 -11.51 29.07
CA VAL B 246 -18.54 -10.82 29.43
C VAL B 246 -18.99 -9.83 28.38
N THR B 247 -18.29 -9.75 27.25
CA THR B 247 -18.73 -8.92 26.14
C THR B 247 -20.17 -9.27 25.77
N ALA B 248 -21.00 -8.24 25.62
CA ALA B 248 -22.42 -8.44 25.34
C ALA B 248 -22.99 -7.23 24.62
N GLY B 249 -24.26 -7.36 24.21
CA GLY B 249 -24.90 -6.36 23.37
C GLY B 249 -25.28 -5.08 24.09
N SER B 250 -25.15 -5.06 25.42
CA SER B 250 -25.43 -3.89 26.23
C SER B 250 -24.55 -3.88 27.48
N THR B 251 -24.30 -2.69 27.99
CA THR B 251 -23.54 -2.59 29.22
C THR B 251 -24.21 -3.35 30.34
N GLU B 252 -25.51 -3.16 30.53
CA GLU B 252 -26.33 -3.87 31.53
C GLU B 252 -26.14 -5.39 31.40
N GLU B 253 -26.17 -5.95 30.21
CA GLU B 253 -26.01 -7.40 30.11
C GLU B 253 -24.57 -7.80 30.42
N SER B 254 -23.61 -7.01 29.96
CA SER B 254 -22.24 -7.31 30.34
C SER B 254 -22.06 -7.28 31.86
N LEU B 255 -22.63 -6.29 32.52
CA LEU B 255 -22.51 -6.29 33.98
C LEU B 255 -23.14 -7.53 34.59
N ARG B 256 -24.28 -7.97 34.07
CA ARG B 256 -24.89 -9.22 34.49
C ARG B 256 -23.92 -10.40 34.39
N ARG B 257 -23.28 -10.57 33.23
CA ARG B 257 -22.35 -11.69 33.07
C ARG B 257 -21.15 -11.54 34.00
N LEU B 258 -20.72 -10.31 34.25
CA LEU B 258 -19.59 -10.08 35.16
C LEU B 258 -19.95 -10.51 36.57
N GLU B 259 -21.15 -10.20 36.99
CA GLU B 259 -21.66 -10.53 38.33
C GLU B 259 -21.74 -12.05 38.51
N TYR B 260 -22.21 -12.79 37.52
CA TYR B 260 -22.22 -14.25 37.58
C TYR B 260 -20.81 -14.86 37.70
N ALA B 261 -19.87 -14.41 36.85
CA ALA B 261 -18.47 -14.84 36.99
C ALA B 261 -17.91 -14.56 38.37
N TYR B 262 -18.19 -13.39 38.93
CA TYR B 262 -17.79 -13.11 40.30
C TYR B 262 -18.36 -14.13 41.30
N GLU B 263 -19.63 -14.51 41.14
CA GLU B 263 -20.26 -15.38 42.13
C GLU B 263 -19.82 -16.83 41.99
N LEU B 264 -19.40 -17.24 40.80
CA LEU B 264 -18.75 -18.54 40.62
C LEU B 264 -17.39 -18.61 41.29
N GLY B 265 -16.83 -17.49 41.73
CA GLY B 265 -15.51 -17.43 42.29
C GLY B 265 -14.44 -16.99 41.33
N SER B 266 -14.77 -16.66 40.09
CA SER B 266 -13.73 -16.23 39.16
C SER B 266 -13.12 -14.90 39.61
N ARG B 267 -11.80 -14.80 39.45
CA ARG B 267 -11.05 -13.59 39.78
C ARG B 267 -10.72 -12.76 38.53
N MET B 268 -11.34 -13.06 37.40
CA MET B 268 -10.96 -12.43 36.15
C MET B 268 -12.04 -12.64 35.09
N VAL B 269 -12.11 -11.70 34.16
CA VAL B 269 -12.98 -11.82 32.99
C VAL B 269 -12.24 -11.24 31.77
N MET B 270 -12.89 -11.37 30.62
CA MET B 270 -12.47 -10.86 29.32
C MET B 270 -13.54 -9.88 28.85
N PHE B 271 -13.10 -8.87 28.09
CA PHE B 271 -13.98 -7.82 27.56
C PHE B 271 -13.41 -7.27 26.24
N ASP B 272 -14.25 -7.24 25.20
CA ASP B 272 -13.89 -6.64 23.91
C ASP B 272 -14.15 -5.15 24.04
N PHE B 273 -13.13 -4.39 24.47
CA PHE B 273 -13.39 -3.03 24.93
C PHE B 273 -13.70 -2.09 23.76
N LEU B 274 -13.15 -2.36 22.57
CA LEU B 274 -13.46 -1.45 21.46
C LEU B 274 -14.80 -1.76 20.79
N THR B 275 -15.13 -3.05 20.59
CA THR B 275 -16.41 -3.35 19.94
C THR B 275 -17.59 -3.02 20.86
N ALA B 276 -17.50 -3.34 22.15
CA ALA B 276 -18.50 -2.88 23.11
C ALA B 276 -18.44 -1.38 23.26
N GLY B 277 -17.20 -0.81 23.31
CA GLY B 277 -17.04 0.63 23.44
C GLY B 277 -16.44 1.16 24.71
N PHE B 278 -15.84 2.36 24.65
CA PHE B 278 -15.15 2.86 25.84
C PHE B 278 -16.11 3.25 26.95
N ALA B 279 -17.34 3.61 26.61
CA ALA B 279 -18.32 3.93 27.64
C ALA B 279 -18.67 2.70 28.47
N ALA B 280 -19.06 1.61 27.81
CA ALA B 280 -19.31 0.37 28.55
C ALA B 280 -18.04 -0.11 29.28
N SER B 281 -16.87 0.02 28.64
CA SER B 281 -15.64 -0.44 29.30
C SER B 281 -15.44 0.26 30.64
N ALA B 282 -15.72 1.57 30.69
CA ALA B 282 -15.58 2.32 31.93
C ALA B 282 -16.44 1.73 33.04
N ASP B 283 -17.70 1.39 32.73
CA ASP B 283 -18.58 0.79 33.73
C ASP B 283 -18.12 -0.61 34.12
N ILE B 284 -17.68 -1.40 33.13
CA ILE B 284 -17.20 -2.75 33.42
C ILE B 284 -15.96 -2.72 34.32
N PHE B 285 -14.99 -1.85 34.00
CA PHE B 285 -13.79 -1.75 34.83
C PHE B 285 -14.17 -1.33 36.24
N LYS B 286 -15.10 -0.39 36.37
CA LYS B 286 -15.44 0.10 37.71
C LYS B 286 -16.06 -1.00 38.58
N ARG B 287 -16.95 -1.82 38.00
CA ARG B 287 -17.58 -2.89 38.77
C ARG B 287 -16.58 -3.99 39.08
N ALA B 288 -15.72 -4.32 38.12
CA ALA B 288 -14.73 -5.37 38.36
C ALA B 288 -13.78 -4.98 39.48
N GLY B 289 -13.37 -3.71 39.51
CA GLY B 289 -12.54 -3.24 40.60
C GLY B 289 -13.23 -3.28 41.94
N GLU B 290 -14.56 -3.07 41.98
CA GLU B 290 -15.32 -3.27 43.21
C GLU B 290 -15.47 -4.75 43.56
N LEU B 291 -15.42 -5.65 42.59
CA LEU B 291 -15.50 -7.09 42.83
C LEU B 291 -14.13 -7.77 42.91
N ASP B 292 -13.05 -6.97 42.98
CA ASP B 292 -11.67 -7.47 43.04
C ASP B 292 -11.41 -8.48 41.91
N MET B 293 -11.68 -8.04 40.68
CA MET B 293 -11.43 -8.91 39.53
C MET B 293 -10.56 -8.24 38.47
N ILE B 294 -9.80 -9.08 37.76
CA ILE B 294 -9.03 -8.68 36.60
C ILE B 294 -9.95 -8.61 35.39
N VAL B 295 -9.76 -7.57 34.59
CA VAL B 295 -10.44 -7.46 33.30
C VAL B 295 -9.38 -7.54 32.20
N HIS B 296 -9.40 -8.61 31.41
CA HIS B 296 -8.49 -8.76 30.26
C HIS B 296 -9.16 -8.12 29.04
N CYS B 297 -8.46 -7.16 28.41
CA CYS B 297 -9.07 -6.40 27.32
C CYS B 297 -8.57 -6.88 25.97
N HIS B 298 -9.50 -7.38 25.17
CA HIS B 298 -9.26 -7.82 23.80
C HIS B 298 -9.56 -6.64 22.88
N ARG B 299 -8.66 -6.40 21.92
CA ARG B 299 -8.76 -5.21 21.08
C ARG B 299 -9.47 -5.51 19.77
N ALA B 300 -10.39 -6.48 19.75
CA ALA B 300 -11.14 -6.79 18.53
C ALA B 300 -11.65 -5.52 17.89
N MET B 301 -11.51 -5.50 16.54
CA MET B 301 -11.85 -4.38 15.64
C MET B 301 -10.73 -3.34 15.44
N HIS B 302 -9.70 -3.35 16.31
CA HIS B 302 -8.71 -2.28 16.24
C HIS B 302 -8.14 -2.13 14.83
N ALA B 303 -7.84 -3.24 14.16
CA ALA B 303 -7.10 -3.16 12.89
C ALA B 303 -7.92 -2.48 11.80
N VAL B 304 -9.20 -2.23 12.08
CA VAL B 304 -10.03 -1.50 11.14
C VAL B 304 -9.55 -0.06 11.01
N PHE B 305 -8.98 0.50 12.07
CA PHE B 305 -8.41 1.84 11.95
C PHE B 305 -6.97 2.01 12.44
N THR B 306 -6.31 0.97 12.94
CA THR B 306 -4.92 1.07 13.40
C THR B 306 -3.92 0.56 12.39
N ARG B 307 -4.36 -0.12 11.34
CA ARG B 307 -3.45 -0.83 10.46
C ARG B 307 -2.70 0.13 9.54
N GLN B 308 -3.41 0.80 8.65
CA GLN B 308 -2.72 1.49 7.56
C GLN B 308 -2.06 2.81 8.03
N ALA B 309 -0.80 3.02 7.64
CA ALA B 309 -0.06 4.22 8.03
C ALA B 309 -0.65 5.46 7.41
N ASN B 310 -1.48 5.29 6.39
CA ASN B 310 -2.13 6.40 5.69
C ASN B 310 -3.17 7.13 6.56
N HIS B 311 -3.93 6.39 7.36
CA HIS B 311 -5.21 6.87 7.84
C HIS B 311 -5.63 6.10 9.07
N GLY B 312 -6.17 6.82 10.06
CA GLY B 312 -6.76 6.22 11.23
C GLY B 312 -6.08 6.70 12.50
N ILE B 313 -6.03 5.81 13.48
CA ILE B 313 -5.54 6.10 14.83
C ILE B 313 -4.48 5.06 15.15
N ALA B 314 -3.27 5.50 15.46
CA ALA B 314 -2.22 4.57 15.82
C ALA B 314 -2.59 3.82 17.10
N MET B 315 -2.25 2.52 17.13
CA MET B 315 -2.52 1.68 18.28
C MET B 315 -1.92 2.26 19.56
N ARG B 316 -0.81 2.98 19.46
CA ARG B 316 -0.21 3.53 20.66
C ARG B 316 -1.17 4.48 21.38
N VAL B 317 -1.94 5.26 20.63
CA VAL B 317 -2.92 6.13 21.25
C VAL B 317 -3.99 5.29 21.94
N VAL B 318 -4.39 4.17 21.32
CA VAL B 318 -5.41 3.30 21.89
C VAL B 318 -4.91 2.72 23.20
N ALA B 319 -3.61 2.41 23.27
CA ALA B 319 -3.04 1.85 24.47
C ALA B 319 -3.08 2.86 25.61
N LYS B 320 -2.75 4.11 25.33
CA LYS B 320 -2.87 5.13 26.36
C LYS B 320 -4.30 5.26 26.87
N TRP B 321 -5.27 5.24 25.95
CA TRP B 321 -6.67 5.39 26.34
C TRP B 321 -7.13 4.21 27.19
N LEU B 322 -6.72 2.99 26.82
CA LEU B 322 -7.13 1.80 27.56
C LEU B 322 -6.52 1.79 28.95
N ARG B 323 -5.24 2.12 29.09
CA ARG B 323 -4.62 2.08 30.41
C ARG B 323 -5.24 3.10 31.35
N LEU B 324 -5.43 4.31 30.86
CA LEU B 324 -6.10 5.32 31.67
C LEU B 324 -7.50 4.87 32.11
N THR B 325 -8.29 4.30 31.20
CA THR B 325 -9.66 3.90 31.52
C THR B 325 -9.66 2.74 32.52
N GLY B 326 -8.65 1.88 32.48
CA GLY B 326 -8.44 0.91 33.56
C GLY B 326 -8.38 -0.55 33.17
N GLY B 327 -8.06 -0.83 31.91
CA GLY B 327 -7.86 -2.21 31.50
C GLY B 327 -6.61 -2.81 32.12
N ASP B 328 -6.73 -4.04 32.60
CA ASP B 328 -5.62 -4.69 33.30
C ASP B 328 -4.63 -5.32 32.32
N HIS B 329 -5.12 -5.91 31.24
CA HIS B 329 -4.30 -6.50 30.18
C HIS B 329 -4.71 -5.88 28.86
N LEU B 330 -3.79 -5.87 27.90
CA LEU B 330 -4.10 -5.39 26.55
C LEU B 330 -3.24 -6.13 25.54
N HIS B 331 -3.89 -6.66 24.51
CA HIS B 331 -3.18 -7.31 23.41
C HIS B 331 -2.39 -6.25 22.66
N THR B 332 -1.11 -6.56 22.42
CA THR B 332 -0.13 -5.65 21.86
C THR B 332 0.52 -6.10 20.56
N GLY B 333 0.23 -7.30 20.10
CA GLY B 333 0.85 -7.85 18.91
C GLY B 333 1.91 -8.88 19.26
N THR B 334 2.27 -9.69 18.28
CA THR B 334 3.40 -10.60 18.43
C THR B 334 4.62 -10.20 17.62
N VAL B 335 4.43 -9.38 16.58
CA VAL B 335 5.46 -9.05 15.60
C VAL B 335 5.72 -10.24 14.69
N VAL B 336 5.95 -11.42 15.28
CA VAL B 336 6.36 -12.57 14.50
C VAL B 336 5.22 -13.51 14.17
N GLY B 337 4.02 -13.28 14.68
CA GLY B 337 2.90 -14.16 14.47
C GLY B 337 2.11 -13.85 13.21
N LYS B 338 0.84 -14.27 13.21
CA LYS B 338 0.03 -14.19 12.00
C LYS B 338 -0.56 -12.81 11.77
N LEU B 339 -0.55 -11.95 12.76
CA LEU B 339 -1.13 -10.61 12.64
C LEU B 339 -0.06 -9.54 12.53
N GLU B 340 -0.38 -8.47 11.81
CA GLU B 340 0.58 -7.42 11.50
C GLU B 340 0.98 -6.65 12.76
N GLY B 341 2.19 -6.13 12.71
CA GLY B 341 2.77 -5.44 13.85
C GLY B 341 4.27 -5.34 13.72
N SER B 342 4.80 -4.12 13.76
CA SER B 342 6.22 -3.88 13.59
C SER B 342 6.92 -3.87 14.94
N TRP B 343 8.17 -4.37 14.95
CA TRP B 343 8.91 -4.54 16.20
C TRP B 343 9.06 -3.22 16.96
N ASN B 344 9.55 -2.18 16.30
CA ASN B 344 9.86 -0.96 17.03
C ASN B 344 8.59 -0.26 17.52
N ASP B 345 7.52 -0.33 16.72
CA ASP B 345 6.21 0.15 17.15
C ASP B 345 5.73 -0.58 18.40
N THR B 346 5.84 -1.90 18.42
CA THR B 346 5.40 -2.69 19.57
C THR B 346 6.20 -2.36 20.84
N LEU B 347 7.47 -2.01 20.70
CA LEU B 347 8.22 -1.61 21.87
C LEU B 347 7.67 -0.33 22.48
N GLY B 348 7.22 0.62 21.64
CA GLY B 348 6.65 1.85 22.18
C GLY B 348 5.30 1.63 22.84
N ILE B 349 4.47 0.78 22.24
CA ILE B 349 3.20 0.44 22.87
C ILE B 349 3.43 -0.22 24.23
N ILE B 350 4.44 -1.10 24.34
CA ILE B 350 4.72 -1.82 25.57
C ILE B 350 5.10 -0.85 26.66
N ASP B 351 6.01 0.09 26.37
CA ASP B 351 6.41 1.07 27.38
C ASP B 351 5.21 1.91 27.82
N ILE B 352 4.32 2.21 26.88
CA ILE B 352 3.13 2.99 27.25
C ILE B 352 2.32 2.25 28.30
N LEU B 353 2.29 0.92 28.22
CA LEU B 353 1.44 0.19 29.13
C LEU B 353 2.09 -0.06 30.47
N ARG B 354 3.43 -0.11 30.57
CA ARG B 354 4.08 -0.57 31.80
C ARG B 354 4.81 0.52 32.58
N GLU B 355 5.19 1.61 31.95
CA GLU B 355 6.11 2.55 32.56
C GLU B 355 5.37 3.74 33.15
N ARG B 356 6.00 4.38 34.13
CA ARG B 356 5.41 5.57 34.72
C ARG B 356 5.55 6.73 33.76
N TYR B 357 6.74 6.89 33.18
CA TYR B 357 7.05 8.04 32.34
C TYR B 357 7.70 7.56 31.06
N VAL B 358 7.03 7.79 29.93
CA VAL B 358 7.54 7.39 28.62
C VAL B 358 8.26 8.60 28.04
N LYS B 359 9.47 8.39 27.55
CA LYS B 359 10.22 9.44 26.88
C LYS B 359 9.90 9.41 25.39
N ALA B 360 9.76 10.58 24.80
CA ALA B 360 9.63 10.67 23.35
C ALA B 360 10.77 9.93 22.65
N ASN B 361 10.45 9.31 21.52
CA ASN B 361 11.39 8.50 20.78
C ASN B 361 10.78 8.11 19.44
N LEU B 362 11.11 8.83 18.36
CA LEU B 362 10.41 8.58 17.11
C LEU B 362 10.76 7.23 16.50
N GLU B 363 11.88 6.62 16.91
CA GLU B 363 12.16 5.26 16.47
C GLU B 363 11.12 4.27 16.97
N HIS B 364 10.59 4.48 18.17
CA HIS B 364 9.48 3.71 18.71
C HIS B 364 8.12 4.33 18.46
N GLY B 365 8.02 5.29 17.53
CA GLY B 365 6.77 5.94 17.19
C GLY B 365 6.19 6.86 18.24
N LEU B 366 6.98 7.22 19.24
CA LEU B 366 6.51 8.05 20.34
C LEU B 366 6.91 9.49 20.08
N TYR B 367 5.92 10.36 19.84
CA TYR B 367 6.15 11.75 19.45
C TYR B 367 6.28 12.68 20.64
N PHE B 368 5.93 12.22 21.83
CA PHE B 368 5.81 13.04 23.02
C PHE B 368 6.26 12.23 24.23
N ASP B 369 6.76 12.92 25.25
CA ASP B 369 6.82 12.35 26.58
C ASP B 369 5.40 12.14 27.10
N GLN B 370 5.17 11.03 27.81
CA GLN B 370 3.88 10.77 28.43
C GLN B 370 4.10 10.41 29.89
N ASP B 371 3.48 11.17 30.79
CA ASP B 371 3.48 10.86 32.21
C ASP B 371 2.17 10.15 32.53
N PHE B 372 2.27 9.06 33.31
CA PHE B 372 1.11 8.29 33.70
C PHE B 372 0.76 8.45 35.17
N GLY B 373 1.47 9.31 35.88
CA GLY B 373 0.96 9.83 37.13
C GLY B 373 0.78 8.82 38.22
N GLY B 374 1.57 7.74 38.21
CA GLY B 374 1.43 6.69 39.21
C GLY B 374 0.24 5.75 39.06
N LEU B 375 -0.52 5.88 37.98
CA LEU B 375 -1.51 4.86 37.67
C LEU B 375 -0.81 3.51 37.50
N LYS B 376 -1.54 2.44 37.78
CA LYS B 376 -1.00 1.09 37.63
C LYS B 376 -0.73 0.78 36.17
N ALA B 377 0.16 -0.18 35.94
CA ALA B 377 0.51 -0.65 34.61
C ALA B 377 -0.42 -1.76 34.14
N SER B 378 -0.53 -1.88 32.83
CA SER B 378 -1.30 -2.93 32.19
C SER B 378 -0.37 -3.98 31.59
N TRP B 379 -0.77 -5.26 31.71
CA TRP B 379 0.00 -6.32 31.09
C TRP B 379 -0.08 -6.25 29.56
N PRO B 380 1.05 -6.17 28.85
CA PRO B 380 1.00 -6.44 27.41
C PRO B 380 0.69 -7.91 27.19
N VAL B 381 -0.02 -8.19 26.11
CA VAL B 381 -0.49 -9.53 25.76
C VAL B 381 -0.08 -9.82 24.32
N ALA B 382 0.86 -10.76 24.13
CA ALA B 382 1.26 -11.27 22.82
C ALA B 382 0.43 -12.50 22.46
N SER B 383 -0.21 -12.45 21.29
CA SER B 383 -1.17 -13.49 20.95
C SER B 383 -1.37 -13.57 19.44
N GLY B 384 -1.39 -14.78 18.93
CA GLY B 384 -1.82 -14.98 17.57
C GLY B 384 -0.78 -15.58 16.65
N GLY B 385 -0.99 -16.84 16.31
CA GLY B 385 -0.16 -17.52 15.33
C GLY B 385 1.25 -17.79 15.80
N ILE B 386 1.45 -17.92 17.12
CA ILE B 386 2.78 -18.13 17.66
C ILE B 386 2.91 -19.55 18.22
N HIS B 387 4.13 -20.07 18.19
CA HIS B 387 4.40 -21.40 18.69
C HIS B 387 5.75 -21.39 19.38
N VAL B 388 6.23 -22.57 19.76
CA VAL B 388 7.40 -22.69 20.61
C VAL B 388 8.59 -21.97 20.01
N HIS B 389 8.78 -22.09 18.68
CA HIS B 389 9.94 -21.48 18.04
C HIS B 389 9.98 -19.98 18.17
N HIS B 390 8.83 -19.33 18.39
CA HIS B 390 8.78 -17.88 18.48
C HIS B 390 9.18 -17.37 19.84
N VAL B 391 9.40 -18.24 20.82
CA VAL B 391 9.47 -17.81 22.20
C VAL B 391 10.74 -16.99 22.47
N PRO B 392 11.89 -17.34 21.89
CA PRO B 392 13.07 -16.46 22.09
C PRO B 392 12.83 -15.02 21.64
N ASP B 393 12.31 -14.83 20.42
CA ASP B 393 11.98 -13.48 19.96
C ASP B 393 10.95 -12.83 20.87
N LEU B 394 9.91 -13.57 21.25
CA LEU B 394 8.89 -12.96 22.10
C LEU B 394 9.49 -12.39 23.40
N LEU B 395 10.33 -13.17 24.09
CA LEU B 395 10.89 -12.64 25.34
C LEU B 395 11.80 -11.51 25.07
N LYS B 396 12.56 -11.53 23.92
CA LYS B 396 13.38 -10.40 23.56
C LYS B 396 12.56 -9.11 23.43
N ILE B 397 11.34 -9.18 22.87
CA ILE B 397 10.48 -8.01 22.69
C ILE B 397 9.89 -7.57 24.02
N TYR B 398 9.36 -8.53 24.79
CA TYR B 398 8.52 -8.27 25.95
C TYR B 398 9.24 -8.42 27.28
N GLY B 399 10.25 -9.28 27.35
CA GLY B 399 10.77 -9.61 28.67
C GLY B 399 9.73 -10.33 29.51
N ASN B 400 9.83 -10.18 30.83
CA ASN B 400 9.05 -11.03 31.74
C ASN B 400 7.61 -10.57 31.88
N ASP B 401 7.35 -9.25 31.90
CA ASP B 401 6.05 -8.69 32.29
C ASP B 401 5.11 -8.67 31.08
N ALA B 402 4.58 -9.85 30.79
CA ALA B 402 3.70 -9.98 29.63
C ALA B 402 3.02 -11.33 29.70
N PHE B 403 1.93 -11.46 28.96
CA PHE B 403 1.29 -12.74 28.68
C PHE B 403 1.69 -13.13 27.27
N PHE B 404 2.08 -14.40 27.09
CA PHE B 404 2.15 -15.06 25.78
C PHE B 404 1.01 -16.08 25.67
N LEU B 405 0.24 -15.99 24.59
CA LEU B 405 -1.00 -16.74 24.44
C LEU B 405 -0.84 -17.68 23.25
N PHE B 406 -1.01 -18.99 23.50
CA PHE B 406 -0.92 -20.03 22.46
C PHE B 406 -2.27 -20.74 22.35
N GLY B 407 -3.01 -20.46 21.27
CA GLY B 407 -4.27 -21.12 21.03
C GLY B 407 -4.11 -22.35 20.15
N GLY B 408 -3.99 -22.11 18.85
CA GLY B 408 -3.56 -23.19 17.98
C GLY B 408 -2.28 -23.84 18.43
N GLY B 409 -1.38 -23.07 19.06
CA GLY B 409 -0.10 -23.61 19.44
C GLY B 409 -0.14 -24.53 20.63
N THR B 410 -1.29 -24.56 21.32
CA THR B 410 -1.55 -25.50 22.40
C THR B 410 -2.44 -26.64 21.92
N HIS B 411 -3.62 -26.30 21.41
CA HIS B 411 -4.57 -27.34 21.03
C HIS B 411 -4.22 -27.97 19.69
N GLY B 412 -3.25 -27.40 18.96
CA GLY B 412 -2.74 -28.01 17.76
C GLY B 412 -1.62 -29.03 17.97
N HIS B 413 -1.32 -29.34 19.24
CA HIS B 413 -0.27 -30.30 19.54
C HIS B 413 -0.70 -31.69 19.06
N PRO B 414 0.22 -32.50 18.51
CA PRO B 414 -0.18 -33.82 18.00
C PRO B 414 -0.92 -34.65 19.03
N ASP B 415 -0.62 -34.45 20.32
CA ASP B 415 -1.12 -35.30 21.38
C ASP B 415 -2.22 -34.63 22.20
N GLY B 416 -2.64 -33.43 21.84
CA GLY B 416 -3.74 -32.79 22.53
C GLY B 416 -3.31 -31.58 23.35
N SER B 417 -4.32 -30.98 23.99
CA SER B 417 -4.12 -29.69 24.65
C SER B 417 -3.21 -29.82 25.86
N ARG B 418 -3.30 -30.91 26.61
CA ARG B 418 -2.42 -31.08 27.76
C ARG B 418 -0.96 -31.12 27.33
N ALA B 419 -0.66 -31.95 26.33
CA ALA B 419 0.72 -32.04 25.84
C ALA B 419 1.19 -30.68 25.28
N GLY B 420 0.28 -29.96 24.60
CA GLY B 420 0.64 -28.66 24.07
C GLY B 420 0.97 -27.66 25.16
N ALA B 421 0.15 -27.62 26.21
CA ALA B 421 0.48 -26.78 27.36
C ALA B 421 1.79 -27.21 28.03
N ILE B 422 2.01 -28.53 28.16
CA ILE B 422 3.28 -29.01 28.71
C ILE B 422 4.44 -28.42 27.93
N ALA B 423 4.33 -28.43 26.60
CA ALA B 423 5.41 -27.97 25.74
C ALA B 423 5.60 -26.46 25.86
N ASN B 424 4.52 -25.71 25.72
CA ASN B 424 4.64 -24.25 25.75
C ASN B 424 5.14 -23.77 27.09
N ARG B 425 4.71 -24.43 28.18
CA ARG B 425 5.21 -24.07 29.51
C ARG B 425 6.71 -24.35 29.61
N ALA B 426 7.17 -25.49 29.09
CA ALA B 426 8.58 -25.83 29.18
C ALA B 426 9.44 -24.93 28.28
N ALA B 427 8.92 -24.53 27.12
CA ALA B 427 9.71 -23.67 26.25
C ALA B 427 9.90 -22.28 26.86
N VAL B 428 8.84 -21.72 27.44
CA VAL B 428 8.93 -20.42 28.09
C VAL B 428 9.78 -20.51 29.35
N GLU B 429 9.53 -21.51 30.20
CA GLU B 429 10.36 -21.69 31.38
C GLU B 429 11.83 -21.78 31.00
N ALA B 430 12.13 -22.54 29.94
CA ALA B 430 13.53 -22.79 29.60
C ALA B 430 14.22 -21.53 29.13
N VAL B 431 13.65 -20.87 28.11
CA VAL B 431 14.28 -19.66 27.57
C VAL B 431 14.33 -18.58 28.63
N SER B 432 13.25 -18.44 29.40
CA SER B 432 13.20 -17.46 30.48
C SER B 432 14.34 -17.65 31.46
N ALA B 433 14.87 -18.87 31.57
CA ALA B 433 15.97 -19.16 32.47
C ALA B 433 17.33 -18.90 31.83
N GLY B 434 17.45 -19.20 30.54
CA GLY B 434 18.71 -19.05 29.84
C GLY B 434 19.03 -20.21 28.92
N GLN B 435 18.31 -21.31 29.09
CA GLN B 435 18.48 -22.46 28.22
C GLN B 435 17.87 -22.18 26.84
N THR B 436 18.27 -22.98 25.87
CA THR B 436 17.74 -22.93 24.52
C THR B 436 16.62 -23.95 24.34
N LEU B 437 15.86 -23.79 23.26
CA LEU B 437 14.75 -24.70 23.02
C LEU B 437 15.23 -26.15 22.98
N GLN B 438 16.36 -26.40 22.29
CA GLN B 438 16.84 -27.76 22.08
C GLN B 438 17.40 -28.36 23.35
N GLN B 439 18.04 -27.56 24.19
CA GLN B 439 18.43 -28.03 25.51
C GLN B 439 17.21 -28.52 26.27
N ALA B 440 16.20 -27.65 26.41
CA ALA B 440 14.94 -28.04 27.03
C ALA B 440 14.33 -29.24 26.30
N ALA B 441 14.39 -29.24 24.97
CA ALA B 441 13.65 -30.24 24.19
C ALA B 441 14.10 -31.64 24.54
N ARG B 442 15.39 -31.81 24.80
CA ARG B 442 16.00 -33.14 25.02
C ARG B 442 15.37 -33.81 26.24
N SER B 443 14.92 -33.05 27.20
CA SER B 443 14.27 -33.59 28.40
C SER B 443 12.76 -33.72 28.23
N CYS B 444 12.16 -32.96 27.32
CA CYS B 444 10.71 -32.85 27.21
C CYS B 444 10.23 -33.28 25.83
N PRO B 445 9.73 -34.52 25.70
CA PRO B 445 9.31 -35.00 24.37
C PRO B 445 8.12 -34.25 23.77
N GLU B 446 7.17 -33.82 24.61
CA GLU B 446 6.07 -33.02 24.09
C GLU B 446 6.59 -31.77 23.37
N LEU B 447 7.56 -31.09 23.99
CA LEU B 447 8.17 -29.93 23.31
C LEU B 447 8.90 -30.36 22.04
N ARG B 448 9.55 -31.51 22.06
CA ARG B 448 10.22 -31.96 20.83
C ARG B 448 9.22 -32.10 19.69
N LYS B 449 8.00 -32.55 20.01
CA LYS B 449 6.97 -32.70 18.97
C LYS B 449 6.46 -31.35 18.48
N SER B 450 6.29 -30.39 19.37
CA SER B 450 5.90 -29.06 18.92
C SER B 450 6.94 -28.45 17.99
N LEU B 451 8.22 -28.51 18.38
CA LEU B 451 9.28 -27.97 17.54
C LEU B 451 9.27 -28.60 16.15
N GLU B 452 9.23 -29.93 16.10
CA GLU B 452 9.18 -30.65 14.82
C GLU B 452 7.96 -30.25 13.99
N LEU B 453 6.78 -30.25 14.61
CA LEU B 453 5.53 -29.99 13.87
C LEU B 453 5.56 -28.62 13.19
N TRP B 454 6.00 -27.58 13.90
CA TRP B 454 5.93 -26.22 13.40
C TRP B 454 7.30 -25.60 13.06
N ALA B 455 8.26 -26.43 12.68
CA ALA B 455 9.60 -25.90 12.41
C ALA B 455 9.60 -24.99 11.19
N ASP B 456 8.78 -25.29 10.20
CA ASP B 456 8.75 -24.54 8.95
C ASP B 456 7.68 -23.44 8.92
N VAL B 457 7.01 -23.18 10.04
CA VAL B 457 5.89 -22.25 10.07
C VAL B 457 6.44 -20.90 10.49
N LYS B 458 6.59 -20.00 9.52
CA LYS B 458 7.11 -18.66 9.77
C LYS B 458 6.22 -17.64 9.08
N PHE B 459 6.13 -16.46 9.66
CA PHE B 459 5.40 -15.33 9.09
C PHE B 459 6.40 -14.19 8.88
N GLU B 460 6.05 -13.26 7.99
CA GLU B 460 6.93 -12.12 7.76
C GLU B 460 7.15 -11.36 9.06
N VAL B 461 8.33 -10.74 9.20
CA VAL B 461 8.73 -10.00 10.40
C VAL B 461 9.27 -8.63 9.97
N VAL B 462 8.50 -7.59 10.26
CA VAL B 462 8.87 -6.21 9.93
C VAL B 462 9.34 -5.54 11.22
N GLN B 463 10.49 -4.89 11.15
CA GLN B 463 11.06 -4.24 12.32
C GLN B 463 10.55 -2.81 12.51
N ASP C 23 48.22 -14.88 5.73
CA ASP C 23 48.31 -14.69 7.17
C ASP C 23 47.00 -14.15 7.81
N ALA C 24 46.47 -13.05 7.28
CA ALA C 24 45.28 -12.34 7.66
C ALA C 24 44.10 -12.94 6.97
N TYR C 25 44.24 -14.12 6.35
CA TYR C 25 43.11 -14.80 5.71
C TYR C 25 42.42 -15.70 6.71
N LYS C 26 41.26 -15.26 7.21
CA LYS C 26 40.40 -16.04 8.08
C LYS C 26 39.22 -16.48 7.22
N ALA C 27 39.23 -17.75 6.81
CA ALA C 27 38.16 -18.25 5.97
C ALA C 27 36.88 -18.43 6.78
N GLY C 28 35.79 -18.63 6.08
CA GLY C 28 34.49 -18.81 6.69
C GLY C 28 33.64 -17.61 6.38
N VAL C 29 32.46 -17.56 7.02
CA VAL C 29 31.49 -16.48 6.85
C VAL C 29 31.56 -15.58 8.08
N ARG C 30 31.53 -14.29 7.85
CA ARG C 30 31.46 -13.29 8.90
C ARG C 30 30.34 -12.33 8.56
N ALA C 31 30.03 -11.42 9.47
CA ALA C 31 29.00 -10.42 9.21
C ALA C 31 29.51 -9.37 8.22
N TYR C 32 28.64 -8.93 7.32
CA TYR C 32 29.01 -7.84 6.44
C TYR C 32 29.38 -6.59 7.23
N ALA C 33 28.81 -6.41 8.41
CA ALA C 33 29.04 -5.18 9.15
C ALA C 33 30.49 -5.05 9.63
N VAL C 34 31.16 -6.18 9.88
CA VAL C 34 32.53 -6.15 10.38
C VAL C 34 33.39 -5.21 9.54
N ASP C 35 33.24 -5.29 8.21
CA ASP C 35 34.09 -4.53 7.31
C ASP C 35 33.38 -3.44 6.48
N TYR C 36 32.06 -3.44 6.43
CA TYR C 36 31.36 -2.52 5.56
C TYR C 36 30.50 -1.50 6.29
N TYR C 37 30.21 -1.71 7.57
CA TYR C 37 29.64 -0.66 8.39
C TYR C 37 30.77 0.19 8.95
N VAL C 38 30.90 1.42 8.44
CA VAL C 38 31.97 2.32 8.86
C VAL C 38 31.37 3.67 9.26
N PRO C 39 30.72 3.77 10.43
CA PRO C 39 29.97 5.00 10.74
C PRO C 39 30.85 6.21 10.95
N ASP C 40 32.17 6.04 11.05
CA ASP C 40 33.09 7.16 11.14
C ASP C 40 33.63 7.61 9.77
N TYR C 41 33.24 6.95 8.69
CA TYR C 41 33.76 7.31 7.38
C TYR C 41 33.31 8.70 6.96
N ILE C 42 34.24 9.49 6.42
CA ILE C 42 33.95 10.84 5.97
C ILE C 42 33.82 10.79 4.44
N PRO C 43 32.63 11.02 3.87
CA PRO C 43 32.52 11.06 2.41
C PRO C 43 33.43 12.12 1.81
N GLN C 44 33.89 11.85 0.60
CA GLN C 44 34.71 12.78 -0.15
C GLN C 44 34.02 13.19 -1.43
N ASP C 45 34.38 14.38 -1.95
CA ASP C 45 33.79 14.92 -3.17
C ASP C 45 33.86 13.94 -4.34
N THR C 46 34.72 12.94 -4.25
CA THR C 46 34.93 11.99 -5.33
C THR C 46 34.09 10.73 -5.17
N ASP C 47 33.61 10.45 -3.97
CA ASP C 47 32.79 9.27 -3.75
C ASP C 47 31.42 9.41 -4.43
N LEU C 48 30.88 8.30 -4.92
CA LEU C 48 29.50 8.21 -5.39
C LEU C 48 28.65 7.76 -4.20
N LEU C 49 27.62 8.54 -3.85
CA LEU C 49 26.88 8.32 -2.62
C LEU C 49 25.48 7.84 -2.96
N CYS C 50 24.97 6.90 -2.16
CA CYS C 50 23.65 6.35 -2.37
C CYS C 50 22.81 6.45 -1.11
N ALA C 51 21.55 6.83 -1.27
CA ALA C 51 20.57 6.80 -0.20
C ALA C 51 19.64 5.62 -0.47
N PHE C 52 19.71 4.60 0.39
CA PHE C 52 18.89 3.38 0.27
C PHE C 52 17.85 3.38 1.38
N ARG C 53 16.59 3.09 1.03
CA ARG C 53 15.55 2.78 2.01
C ARG C 53 15.44 1.27 2.14
N ILE C 54 15.62 0.75 3.36
CA ILE C 54 15.78 -0.69 3.59
C ILE C 54 14.73 -1.17 4.58
N GLN C 55 14.15 -2.33 4.28
CA GLN C 55 13.38 -3.12 5.25
C GLN C 55 14.19 -4.38 5.57
N PRO C 56 14.93 -4.41 6.67
CA PRO C 56 15.74 -5.61 6.97
C PRO C 56 14.88 -6.84 7.18
N ARG C 57 15.47 -8.01 6.94
CA ARG C 57 14.77 -9.29 6.99
C ARG C 57 15.69 -10.30 7.68
N GLY C 58 15.34 -10.66 8.91
CA GLY C 58 16.13 -11.60 9.68
C GLY C 58 17.47 -11.08 10.16
N VAL C 59 17.78 -9.81 9.94
CA VAL C 59 18.98 -9.17 10.46
C VAL C 59 18.59 -7.77 10.88
N ASP C 60 19.45 -7.14 11.66
CA ASP C 60 19.25 -5.74 12.02
C ASP C 60 19.54 -4.85 10.80
N MET C 61 19.17 -3.58 10.91
CA MET C 61 19.31 -2.68 9.77
C MET C 61 20.78 -2.45 9.41
N ILE C 62 21.66 -2.35 10.41
CA ILE C 62 23.08 -2.15 10.13
C ILE C 62 23.62 -3.29 9.29
N GLU C 63 23.28 -4.52 9.65
CA GLU C 63 23.74 -5.67 8.86
C GLU C 63 23.14 -5.66 7.47
N ALA C 64 21.86 -5.29 7.34
CA ALA C 64 21.24 -5.22 6.01
C ALA C 64 21.91 -4.14 5.17
N ALA C 65 22.19 -2.99 5.79
CA ALA C 65 22.87 -1.93 5.08
C ALA C 65 24.28 -2.34 4.68
N ALA C 66 25.01 -3.00 5.59
CA ALA C 66 26.35 -3.48 5.26
C ALA C 66 26.31 -4.54 4.16
N ALA C 67 25.27 -5.37 4.13
CA ALA C 67 25.11 -6.36 3.04
C ALA C 67 24.90 -5.68 1.68
N VAL C 68 24.11 -4.61 1.65
CA VAL C 68 23.91 -3.88 0.39
C VAL C 68 25.23 -3.25 -0.09
N ALA C 69 25.96 -2.59 0.82
CA ALA C 69 27.23 -1.96 0.46
C ALA C 69 28.24 -2.99 -0.04
N ALA C 70 28.43 -4.07 0.72
CA ALA C 70 29.37 -5.12 0.35
C ALA C 70 29.03 -5.74 -1.01
N GLU C 71 27.79 -6.19 -1.19
CA GLU C 71 27.43 -6.91 -2.40
C GLU C 71 27.15 -5.98 -3.56
N SER C 72 27.29 -4.67 -3.38
CA SER C 72 27.33 -3.72 -4.50
C SER C 72 28.71 -3.11 -4.74
N SER C 73 29.74 -3.61 -4.05
CA SER C 73 31.09 -3.10 -4.26
C SER C 73 32.10 -4.23 -4.42
N THR C 74 32.55 -4.81 -3.29
CA THR C 74 33.63 -5.80 -3.32
C THR C 74 33.32 -7.15 -2.66
N GLY C 75 32.33 -7.23 -1.77
CA GLY C 75 32.17 -8.37 -0.89
C GLY C 75 31.34 -9.48 -1.50
N THR C 76 31.27 -10.57 -0.74
CA THR C 76 30.39 -11.69 -1.07
C THR C 76 30.05 -12.38 0.25
N TRP C 77 29.44 -13.57 0.17
CA TRP C 77 28.86 -14.22 1.33
C TRP C 77 29.87 -14.89 2.24
N THR C 78 31.15 -14.88 1.88
CA THR C 78 32.17 -15.50 2.70
C THR C 78 33.52 -14.89 2.34
N GLU C 79 34.40 -14.81 3.35
CA GLU C 79 35.71 -14.23 3.13
C GLU C 79 36.50 -15.06 2.14
N VAL C 80 37.02 -14.41 1.09
CA VAL C 80 37.79 -15.10 0.07
C VAL C 80 39.27 -14.80 0.24
N TRP C 81 40.11 -15.78 -0.09
CA TRP C 81 41.55 -15.57 0.03
C TRP C 81 42.05 -14.41 -0.84
N SER C 82 41.44 -14.18 -2.00
CA SER C 82 41.88 -13.16 -2.95
C SER C 82 41.62 -11.74 -2.46
N ASN C 83 40.95 -11.57 -1.32
CA ASN C 83 40.86 -10.24 -0.74
C ASN C 83 42.24 -9.68 -0.45
N GLN C 84 43.21 -10.56 -0.18
CA GLN C 84 44.57 -10.14 0.14
C GLN C 84 45.36 -9.64 -1.06
N LEU C 85 44.87 -9.88 -2.27
CA LEU C 85 45.52 -9.45 -3.48
C LEU C 85 45.13 -8.05 -3.90
N THR C 86 44.37 -7.33 -3.06
CA THR C 86 44.06 -5.94 -3.33
C THR C 86 43.82 -5.22 -2.02
N ASP C 87 43.52 -3.91 -2.11
CA ASP C 87 43.29 -3.07 -0.93
C ASP C 87 41.79 -2.93 -0.76
N ILE C 88 41.19 -3.92 -0.09
CA ILE C 88 39.75 -3.91 0.07
C ILE C 88 39.30 -2.64 0.79
N ASP C 89 40.06 -2.21 1.81
CA ASP C 89 39.65 -1.03 2.56
C ASP C 89 39.54 0.21 1.66
N PHE C 90 40.34 0.24 0.60
CA PHE C 90 40.32 1.38 -0.32
C PHE C 90 39.14 1.30 -1.28
N TYR C 91 38.83 0.09 -1.78
CA TYR C 91 37.84 -0.07 -2.83
C TYR C 91 36.43 -0.33 -2.29
N LYS C 92 36.31 -0.69 -1.03
CA LYS C 92 35.01 -1.11 -0.53
C LYS C 92 34.05 0.06 -0.34
N ALA C 93 32.76 -0.21 -0.55
CA ALA C 93 31.74 0.76 -0.18
C ALA C 93 31.64 0.79 1.33
N LYS C 94 31.19 1.92 1.86
CA LYS C 94 31.13 2.13 3.31
C LYS C 94 29.75 2.64 3.68
N VAL C 95 29.10 1.98 4.63
CA VAL C 95 27.90 2.52 5.24
C VAL C 95 28.37 3.54 6.27
N TYR C 96 28.16 4.82 6.00
CA TYR C 96 28.68 5.87 6.88
C TYR C 96 27.61 6.59 7.68
N ALA C 97 26.33 6.31 7.44
CA ALA C 97 25.30 6.95 8.24
C ALA C 97 23.98 6.23 8.06
N ILE C 98 23.27 6.02 9.16
CA ILE C 98 21.96 5.39 9.14
C ILE C 98 21.03 6.30 9.93
N THR C 99 19.97 6.78 9.28
CA THR C 99 18.94 7.58 9.92
C THR C 99 17.62 6.87 9.65
N GLY C 100 17.12 6.15 10.65
CA GLY C 100 15.86 5.44 10.48
C GLY C 100 16.03 4.30 9.51
N ASP C 101 15.18 4.28 8.47
CA ASP C 101 15.23 3.25 7.45
C ASP C 101 16.12 3.64 6.27
N ILE C 102 16.85 4.73 6.40
CA ILE C 102 17.70 5.24 5.33
C ILE C 102 19.18 4.94 5.65
N ALA C 103 19.83 4.21 4.75
CA ALA C 103 21.26 3.95 4.86
C ALA C 103 22.00 4.78 3.83
N TYR C 104 23.03 5.51 4.28
CA TYR C 104 23.87 6.31 3.41
C TYR C 104 25.17 5.55 3.16
N ILE C 105 25.46 5.27 1.88
CA ILE C 105 26.60 4.45 1.47
C ILE C 105 27.46 5.21 0.47
N ALA C 106 28.78 5.22 0.72
CA ALA C 106 29.76 5.89 -0.12
C ALA C 106 30.56 4.87 -0.92
N TYR C 107 30.71 5.14 -2.21
CA TYR C 107 31.37 4.25 -3.16
C TYR C 107 32.59 4.94 -3.77
N PRO C 108 33.80 4.39 -3.58
CA PRO C 108 34.98 5.06 -4.12
C PRO C 108 34.85 5.28 -5.62
N LEU C 109 35.41 6.39 -6.09
CA LEU C 109 35.30 6.75 -7.50
C LEU C 109 35.85 5.65 -8.40
N ASP C 110 36.90 4.95 -7.96
CA ASP C 110 37.59 3.98 -8.81
C ASP C 110 36.73 2.77 -9.13
N LEU C 111 35.58 2.62 -8.47
CA LEU C 111 34.75 1.47 -8.71
C LEU C 111 33.96 1.55 -10.01
N PHE C 112 33.86 2.71 -10.63
CA PHE C 112 32.96 2.94 -11.75
C PHE C 112 33.70 3.17 -13.06
N GLU C 113 33.14 2.63 -14.15
CA GLU C 113 33.59 2.95 -15.49
C GLU C 113 33.11 4.34 -15.87
N GLU C 114 33.99 5.11 -16.50
CA GLU C 114 33.65 6.45 -16.94
C GLU C 114 32.53 6.41 -17.97
N ASN C 115 31.70 7.45 -17.95
CA ASN C 115 30.68 7.68 -18.99
C ASN C 115 29.86 6.42 -19.24
N SER C 116 29.38 5.80 -18.15
CA SER C 116 28.53 4.62 -18.33
C SER C 116 27.53 4.51 -17.18
N VAL C 117 26.28 4.91 -17.46
CA VAL C 117 25.21 4.62 -16.53
C VAL C 117 25.02 3.13 -16.38
N VAL C 118 25.18 2.36 -17.46
CA VAL C 118 25.09 0.90 -17.37
C VAL C 118 25.99 0.36 -16.25
N ASN C 119 27.23 0.85 -16.19
CA ASN C 119 28.11 0.34 -15.14
C ASN C 119 27.65 0.77 -13.77
N ILE C 120 27.18 2.03 -13.63
CA ILE C 120 26.63 2.47 -12.34
C ILE C 120 25.48 1.55 -11.92
N MET C 121 24.59 1.25 -12.86
CA MET C 121 23.47 0.38 -12.57
C MET C 121 23.95 -1.01 -12.18
N SER C 122 24.89 -1.58 -12.94
CA SER C 122 25.34 -2.94 -12.70
C SER C 122 25.86 -3.16 -11.30
N SER C 123 26.38 -2.11 -10.65
CA SER C 123 26.81 -2.21 -9.27
C SER C 123 25.73 -1.80 -8.27
N ILE C 124 25.17 -0.59 -8.45
CA ILE C 124 24.29 -0.06 -7.42
C ILE C 124 22.97 -0.82 -7.32
N VAL C 125 22.50 -1.40 -8.42
CA VAL C 125 21.19 -2.06 -8.41
C VAL C 125 21.26 -3.43 -9.07
N GLY C 126 22.48 -3.96 -9.19
CA GLY C 126 22.70 -5.18 -9.94
C GLY C 126 22.13 -6.42 -9.27
N ASN C 127 22.44 -6.62 -7.99
CA ASN C 127 21.99 -7.83 -7.31
C ASN C 127 21.33 -7.60 -5.96
N VAL C 128 21.59 -6.47 -5.30
CA VAL C 128 21.26 -6.31 -3.89
C VAL C 128 19.76 -6.29 -3.64
N PHE C 129 18.95 -5.97 -4.66
CA PHE C 129 17.51 -5.92 -4.44
C PHE C 129 16.87 -7.29 -4.27
N GLY C 130 17.60 -8.36 -4.53
CA GLY C 130 17.11 -9.72 -4.43
C GLY C 130 17.63 -10.47 -3.23
N PHE C 131 18.34 -9.79 -2.33
CA PHE C 131 18.84 -10.47 -1.15
C PHE C 131 17.73 -10.89 -0.19
N LYS C 132 17.84 -12.12 0.30
CA LYS C 132 16.88 -12.59 1.27
C LYS C 132 16.92 -11.75 2.55
N ALA C 133 18.03 -11.05 2.81
CA ALA C 133 18.20 -10.28 4.03
C ALA C 133 17.63 -8.86 3.94
N VAL C 134 17.09 -8.48 2.79
CA VAL C 134 16.25 -7.31 2.65
C VAL C 134 14.86 -7.77 2.31
N GLY C 135 13.85 -7.23 3.01
CA GLY C 135 12.47 -7.46 2.65
C GLY C 135 12.05 -6.58 1.49
N ALA C 136 12.56 -5.36 1.46
CA ALA C 136 12.25 -4.41 0.42
C ALA C 136 13.45 -3.48 0.34
N LEU C 137 13.70 -2.95 -0.86
CA LEU C 137 14.83 -2.06 -1.04
C LEU C 137 14.49 -1.01 -2.09
N ARG C 138 14.71 0.25 -1.75
CA ARG C 138 14.51 1.36 -2.68
C ARG C 138 15.71 2.30 -2.69
N LEU C 139 16.25 2.53 -3.89
CA LEU C 139 17.27 3.56 -4.11
C LEU C 139 16.57 4.89 -4.28
N GLU C 140 16.73 5.81 -3.33
CA GLU C 140 16.00 7.07 -3.36
C GLU C 140 16.78 8.15 -4.11
N ASP C 141 18.09 8.25 -3.87
CA ASP C 141 18.92 9.27 -4.48
C ASP C 141 20.32 8.74 -4.64
N MET C 142 21.10 9.47 -5.45
CA MET C 142 22.45 9.11 -5.82
C MET C 142 23.21 10.42 -6.00
N ARG C 143 24.32 10.59 -5.28
CA ARG C 143 25.20 11.73 -5.50
C ARG C 143 26.29 11.29 -6.47
N ILE C 144 26.13 11.65 -7.74
CA ILE C 144 27.11 11.33 -8.76
C ILE C 144 28.21 12.39 -8.70
N PRO C 145 29.44 11.99 -8.34
CA PRO C 145 30.49 12.99 -8.08
C PRO C 145 30.87 13.73 -9.36
N LEU C 146 31.30 14.98 -9.18
CA LEU C 146 31.54 15.84 -10.34
C LEU C 146 32.56 15.21 -11.31
N ALA C 147 33.64 14.62 -10.76
CA ALA C 147 34.65 14.00 -11.61
C ALA C 147 34.05 12.92 -12.49
N LEU C 148 33.04 12.20 -12.00
CA LEU C 148 32.34 11.24 -12.87
C LEU C 148 31.42 11.94 -13.85
N VAL C 149 30.77 13.02 -13.42
CA VAL C 149 29.83 13.73 -14.29
C VAL C 149 30.52 14.27 -15.53
N LYS C 150 31.75 14.79 -15.37
CA LYS C 150 32.49 15.41 -16.47
C LYS C 150 32.86 14.41 -17.56
N THR C 151 32.69 13.11 -17.33
CA THR C 151 32.96 12.12 -18.37
C THR C 151 31.77 11.94 -19.30
N PHE C 152 30.49 12.40 -18.88
CA PHE C 152 29.27 12.25 -19.66
C PHE C 152 29.06 13.44 -20.60
N PRO C 153 28.44 13.21 -21.75
CA PRO C 153 28.26 14.30 -22.72
C PRO C 153 27.09 15.21 -22.40
N GLY C 154 26.08 14.68 -21.72
CA GLY C 154 24.85 15.41 -21.50
C GLY C 154 24.13 15.65 -22.82
N PRO C 155 22.99 16.36 -22.78
CA PRO C 155 22.19 16.53 -24.01
C PRO C 155 22.95 17.28 -25.11
N ARG C 156 22.60 16.95 -26.34
CA ARG C 156 23.11 17.70 -27.48
C ARG C 156 22.42 19.06 -27.65
N VAL C 157 21.09 19.10 -27.56
CA VAL C 157 20.34 20.33 -27.87
C VAL C 157 19.88 21.02 -26.59
N GLY C 158 19.17 20.29 -25.73
CA GLY C 158 18.74 20.90 -24.48
C GLY C 158 17.62 21.93 -24.65
N ILE C 159 17.51 22.80 -23.65
CA ILE C 159 16.39 23.73 -23.61
C ILE C 159 16.69 24.98 -24.43
N TYR C 160 17.74 25.71 -24.06
CA TYR C 160 17.99 27.01 -24.66
C TYR C 160 18.12 26.89 -26.18
N ASP C 161 18.77 25.83 -26.65
CA ASP C 161 19.04 25.77 -28.08
C ASP C 161 17.82 25.35 -28.88
N GLU C 162 16.90 24.61 -28.25
CA GLU C 162 15.67 24.27 -28.97
C GLU C 162 14.79 25.50 -29.11
N ARG C 163 14.74 26.35 -28.08
CA ARG C 163 14.06 27.63 -28.22
C ARG C 163 14.66 28.44 -29.38
N VAL C 164 15.99 28.34 -29.57
CA VAL C 164 16.65 29.04 -30.67
C VAL C 164 16.28 28.40 -32.00
N TRP C 165 16.35 27.08 -32.06
CA TRP C 165 16.05 26.40 -33.32
C TRP C 165 14.64 26.74 -33.80
N SER C 166 13.67 26.79 -32.88
CA SER C 166 12.27 26.95 -33.23
C SER C 166 11.76 28.38 -33.08
N ASN C 167 12.50 29.26 -32.42
CA ASN C 167 12.07 30.65 -32.20
C ASN C 167 10.79 30.75 -31.36
N LYS C 168 10.78 30.09 -30.21
CA LYS C 168 9.64 30.09 -29.30
C LYS C 168 10.15 30.38 -27.91
N TRP C 169 9.80 31.54 -27.38
CA TRP C 169 10.38 32.06 -26.15
C TRP C 169 9.31 32.44 -25.14
N ASP C 170 9.64 32.29 -23.86
CA ASP C 170 8.86 32.86 -22.77
C ASP C 170 7.49 32.20 -22.66
N ARG C 171 7.44 30.90 -22.92
CA ARG C 171 6.20 30.16 -22.76
C ARG C 171 6.53 28.66 -22.82
N PRO C 172 5.70 27.82 -22.22
CA PRO C 172 5.83 26.37 -22.47
C PRO C 172 5.54 26.04 -23.93
N LEU C 173 5.97 24.86 -24.32
CA LEU C 173 5.67 24.30 -25.63
C LEU C 173 4.57 23.28 -25.47
N ILE C 174 3.67 23.23 -26.46
CA ILE C 174 2.46 22.43 -26.44
C ILE C 174 2.63 21.29 -27.42
N GLY C 175 2.36 20.08 -26.97
CA GLY C 175 2.38 18.95 -27.88
C GLY C 175 1.20 18.03 -27.72
N GLY C 176 1.37 16.79 -28.18
CA GLY C 176 0.27 15.86 -28.10
C GLY C 176 0.51 14.55 -28.81
N THR C 177 0.17 13.44 -28.15
CA THR C 177 0.28 12.12 -28.73
C THR C 177 -0.85 11.86 -29.71
N VAL C 178 -0.52 11.31 -30.87
CA VAL C 178 -1.56 10.91 -31.81
C VAL C 178 -2.34 9.74 -31.25
N LYS C 179 -3.66 9.73 -31.45
CA LYS C 179 -4.53 8.69 -30.95
C LYS C 179 -5.54 8.32 -32.02
N PRO C 180 -6.02 7.08 -32.03
CA PRO C 180 -5.75 5.99 -31.06
C PRO C 180 -4.30 5.50 -31.04
N LYS C 181 -3.90 4.86 -29.94
CA LYS C 181 -2.50 4.46 -29.75
C LYS C 181 -1.99 3.66 -30.92
N LEU C 182 -2.72 2.60 -31.29
CA LEU C 182 -2.35 1.70 -32.38
C LEU C 182 -3.56 1.52 -33.29
N GLY C 183 -3.26 1.05 -34.52
CA GLY C 183 -4.28 0.76 -35.48
C GLY C 183 -4.45 1.76 -36.60
N LEU C 184 -3.94 2.98 -36.43
CA LEU C 184 -4.12 4.01 -37.44
C LEU C 184 -3.17 3.80 -38.61
N SER C 185 -3.72 3.85 -39.82
CA SER C 185 -2.87 3.79 -41.00
C SER C 185 -1.92 4.99 -41.05
N PRO C 186 -0.76 4.85 -41.71
CA PRO C 186 0.16 6.01 -41.79
C PRO C 186 -0.47 7.25 -42.42
N LYS C 187 -1.38 7.08 -43.39
CA LYS C 187 -2.01 8.26 -43.99
C LYS C 187 -3.03 8.92 -43.06
N ALA C 188 -3.73 8.13 -42.25
CA ALA C 188 -4.63 8.70 -41.25
C ALA C 188 -3.84 9.42 -40.17
N TYR C 189 -2.72 8.81 -39.72
CA TYR C 189 -1.76 9.47 -38.86
C TYR C 189 -1.38 10.83 -39.43
N SER C 190 -1.14 10.87 -40.73
CA SER C 190 -0.68 12.09 -41.41
C SER C 190 -1.71 13.22 -41.28
N THR C 191 -2.98 12.91 -41.54
CA THR C 191 -3.99 13.97 -41.46
C THR C 191 -4.23 14.43 -40.03
N ILE C 192 -4.11 13.55 -39.03
CA ILE C 192 -4.26 13.99 -37.65
C ILE C 192 -3.12 14.92 -37.27
N ILE C 193 -1.89 14.54 -37.62
CA ILE C 193 -0.74 15.41 -37.34
C ILE C 193 -0.95 16.77 -37.99
N TYR C 194 -1.37 16.82 -39.27
CA TYR C 194 -1.58 18.07 -40.02
C TYR C 194 -2.55 18.97 -39.29
N GLU C 195 -3.66 18.40 -38.84
CA GLU C 195 -4.75 19.13 -38.13
C GLU C 195 -4.26 19.74 -36.82
N CYS C 196 -3.67 18.95 -35.92
CA CYS C 196 -3.24 19.41 -34.58
C CYS C 196 -2.11 20.44 -34.66
N LEU C 197 -1.12 20.23 -35.54
CA LEU C 197 -0.03 21.20 -35.73
C LEU C 197 -0.64 22.45 -36.35
N SER C 198 -1.47 22.35 -37.37
CA SER C 198 -2.10 23.55 -37.91
C SER C 198 -2.95 24.28 -36.88
N GLY C 199 -3.53 23.55 -35.92
CA GLY C 199 -4.40 24.14 -34.94
C GLY C 199 -3.67 24.91 -33.87
N GLY C 200 -2.38 24.65 -33.71
CA GLY C 200 -1.61 25.38 -32.72
C GLY C 200 -0.60 24.55 -31.96
N LEU C 201 -0.64 23.23 -32.11
CA LEU C 201 0.33 22.41 -31.41
C LEU C 201 1.72 22.73 -31.95
N ASP C 202 2.70 22.81 -31.04
CA ASP C 202 4.09 23.01 -31.43
C ASP C 202 4.73 21.73 -31.94
N THR C 203 4.46 20.60 -31.29
CA THR C 203 4.90 19.30 -31.79
C THR C 203 3.75 18.30 -31.69
N SER C 204 3.92 17.19 -32.39
CA SER C 204 3.08 16.00 -32.23
C SER C 204 4.04 14.84 -31.99
N ASP C 206 4.50 10.19 -32.11
CA ASP C 206 4.07 8.80 -32.10
C ASP C 206 3.75 8.40 -30.66
N ASP C 207 2.82 7.47 -30.48
CA ASP C 207 2.74 6.81 -29.19
C ASP C 207 3.99 5.93 -28.91
N GLU C 208 4.27 5.69 -27.62
CA GLU C 208 5.50 4.99 -27.27
C GLU C 208 5.55 3.58 -27.85
N ASN C 209 4.39 3.00 -28.16
CA ASN C 209 4.32 1.65 -28.70
C ASN C 209 4.13 1.60 -30.21
N MET C 210 4.01 2.76 -30.88
CA MET C 210 4.08 2.83 -32.34
C MET C 210 5.53 2.65 -32.81
N ASN C 211 5.85 1.49 -33.38
CA ASN C 211 7.20 1.24 -33.89
C ASN C 211 7.01 0.93 -35.36
N SER C 212 7.12 -0.34 -35.78
CA SER C 212 6.79 -0.76 -37.15
C SER C 212 5.88 -1.98 -37.01
N GLN C 213 4.64 -1.84 -37.43
CA GLN C 213 3.64 -2.89 -37.25
C GLN C 213 2.91 -3.09 -38.57
N PRO C 214 2.22 -4.21 -38.73
CA PRO C 214 1.50 -4.45 -39.99
C PRO C 214 0.55 -3.31 -40.39
N PHE C 215 -0.03 -2.62 -39.42
CA PHE C 215 -0.96 -1.52 -39.71
C PHE C 215 -0.25 -0.19 -39.98
N SER C 216 1.06 -0.10 -39.74
CA SER C 216 1.80 1.17 -39.88
C SER C 216 3.30 0.85 -39.93
N ARG C 217 3.81 0.60 -41.14
CA ARG C 217 5.24 0.39 -41.32
C ARG C 217 5.99 1.70 -41.20
N TRP C 218 7.14 1.67 -40.54
CA TRP C 218 7.72 2.92 -40.05
C TRP C 218 8.12 3.88 -41.15
N ARG C 219 8.50 3.37 -42.32
CA ARG C 219 8.91 4.26 -43.40
C ARG C 219 7.71 4.99 -43.98
N ASP C 220 6.56 4.33 -44.07
CA ASP C 220 5.32 5.01 -44.46
C ASP C 220 4.96 6.11 -43.47
N ARG C 221 4.87 5.78 -42.20
CA ARG C 221 4.44 6.75 -41.20
C ARG C 221 5.41 7.94 -41.12
N PHE C 222 6.73 7.65 -41.03
CA PHE C 222 7.71 8.73 -40.99
C PHE C 222 7.53 9.67 -42.16
N MET C 223 7.44 9.12 -43.37
CA MET C 223 7.36 9.97 -44.56
C MET C 223 6.10 10.85 -44.53
N TYR C 224 4.93 10.23 -44.45
CA TYR C 224 3.70 11.02 -44.43
C TYR C 224 3.69 11.98 -43.26
N ALA C 225 4.25 11.58 -42.13
CA ALA C 225 4.23 12.44 -40.96
C ALA C 225 5.05 13.70 -41.19
N GLN C 226 6.20 13.57 -41.85
CA GLN C 226 7.05 14.72 -42.06
C GLN C 226 6.49 15.62 -43.13
N GLU C 227 5.79 15.06 -44.12
CA GLU C 227 5.06 15.91 -45.07
C GLU C 227 4.07 16.79 -44.34
N ALA C 228 3.34 16.21 -43.40
CA ALA C 228 2.36 16.97 -42.64
C ALA C 228 3.04 18.06 -41.84
N VAL C 229 4.14 17.71 -41.19
CA VAL C 229 4.89 18.72 -40.43
C VAL C 229 5.26 19.90 -41.33
N ASP C 230 5.90 19.62 -42.46
CA ASP C 230 6.40 20.68 -43.31
C ASP C 230 5.28 21.51 -43.91
N ARG C 231 4.17 20.88 -44.26
CA ARG C 231 3.03 21.65 -44.78
C ARG C 231 2.51 22.55 -43.68
N ALA C 232 2.30 22.03 -42.49
CA ALA C 232 1.74 22.86 -41.42
C ALA C 232 2.67 24.01 -41.07
N ALA C 233 3.98 23.75 -41.05
CA ALA C 233 4.94 24.80 -40.74
C ALA C 233 4.90 25.89 -41.80
N ALA C 234 4.69 25.53 -43.05
CA ALA C 234 4.66 26.53 -44.11
C ALA C 234 3.35 27.33 -44.06
N GLU C 235 2.22 26.65 -43.89
CA GLU C 235 0.94 27.35 -43.88
C GLU C 235 0.83 28.27 -42.67
N THR C 236 1.32 27.83 -41.51
CA THR C 236 1.29 28.63 -40.31
C THR C 236 2.45 29.61 -40.19
N ASN C 237 3.49 29.45 -40.99
CA ASN C 237 4.68 30.30 -40.89
C ASN C 237 5.27 30.23 -39.48
N GLU C 238 5.40 29.01 -38.98
CA GLU C 238 5.91 28.75 -37.64
C GLU C 238 6.61 27.39 -37.64
N PHE C 239 7.64 27.27 -36.81
CA PHE C 239 8.35 26.02 -36.65
C PHE C 239 7.39 24.96 -36.12
N LYS C 240 7.43 23.76 -36.72
CA LYS C 240 6.67 22.61 -36.24
C LYS C 240 7.56 21.39 -36.24
N GLY C 241 7.13 20.35 -35.56
CA GLY C 241 7.83 19.08 -35.60
C GLY C 241 7.02 17.92 -35.05
N HIS C 242 7.28 16.72 -35.59
CA HIS C 242 6.74 15.47 -35.08
C HIS C 242 7.85 14.57 -34.55
N TRP C 243 7.64 14.03 -33.36
CA TRP C 243 8.62 13.13 -32.75
C TRP C 243 8.42 11.70 -33.28
N HIS C 244 9.06 11.40 -34.42
CA HIS C 244 9.03 10.05 -34.97
C HIS C 244 9.67 9.11 -33.97
N ASN C 245 9.06 7.94 -33.78
CA ASN C 245 9.55 6.95 -32.83
C ASN C 245 10.53 5.99 -33.52
N VAL C 246 11.81 6.09 -33.15
CA VAL C 246 12.83 5.22 -33.70
C VAL C 246 13.12 4.01 -32.80
N THR C 247 12.40 3.87 -31.69
CA THR C 247 12.45 2.66 -30.87
C THR C 247 12.23 1.40 -31.70
N ALA C 248 13.13 0.44 -31.54
CA ALA C 248 13.11 -0.78 -32.34
C ALA C 248 13.72 -1.90 -31.52
N GLY C 249 13.74 -3.09 -32.12
CA GLY C 249 14.22 -4.26 -31.43
C GLY C 249 15.72 -4.34 -31.26
N SER C 250 16.49 -3.49 -31.93
CA SER C 250 17.93 -3.48 -31.78
C SER C 250 18.44 -2.06 -31.94
N THR C 251 19.68 -1.83 -31.53
CA THR C 251 20.31 -0.52 -31.74
C THR C 251 20.56 -0.24 -33.23
N GLU C 252 21.03 -1.24 -33.98
CA GLU C 252 21.20 -1.07 -35.41
C GLU C 252 19.91 -0.63 -36.10
N GLU C 253 18.76 -1.25 -35.75
CA GLU C 253 17.54 -0.87 -36.43
C GLU C 253 17.12 0.55 -36.07
N SER C 254 17.18 0.91 -34.78
CA SER C 254 16.86 2.27 -34.37
C SER C 254 17.76 3.29 -35.06
N LEU C 255 19.07 3.04 -35.09
CA LEU C 255 19.96 3.92 -35.85
C LEU C 255 19.51 4.05 -37.30
N ARG C 256 19.13 2.95 -37.95
CA ARG C 256 18.62 3.03 -39.31
C ARG C 256 17.37 3.92 -39.40
N ARG C 257 16.47 3.85 -38.41
CA ARG C 257 15.25 4.66 -38.49
C ARG C 257 15.54 6.12 -38.21
N LEU C 258 16.48 6.41 -37.30
CA LEU C 258 16.92 7.80 -37.10
C LEU C 258 17.51 8.38 -38.39
N GLU C 259 18.35 7.63 -39.07
CA GLU C 259 18.96 8.18 -40.28
C GLU C 259 17.92 8.54 -41.33
N TYR C 260 16.93 7.68 -41.54
CA TYR C 260 15.84 8.02 -42.45
C TYR C 260 15.14 9.32 -42.00
N ALA C 261 14.80 9.41 -40.71
CA ALA C 261 14.20 10.64 -40.21
C ALA C 261 15.06 11.85 -40.56
N TYR C 262 16.38 11.71 -40.40
CA TYR C 262 17.29 12.78 -40.79
C TYR C 262 17.17 13.12 -42.25
N GLU C 263 17.11 12.11 -43.12
CA GLU C 263 17.06 12.35 -44.56
C GLU C 263 15.74 12.98 -45.00
N LEU C 264 14.68 12.85 -44.20
CA LEU C 264 13.39 13.46 -44.48
C LEU C 264 13.37 14.94 -44.13
N GLY C 265 14.38 15.40 -43.38
CA GLY C 265 14.41 16.75 -42.86
C GLY C 265 13.93 16.91 -41.44
N SER C 266 13.67 15.85 -40.73
CA SER C 266 13.22 16.00 -39.36
C SER C 266 14.37 16.45 -38.48
N ARG C 267 14.07 17.37 -37.55
CA ARG C 267 15.05 17.84 -36.58
C ARG C 267 14.90 17.12 -35.25
N MET C 268 14.15 16.02 -35.21
CA MET C 268 13.78 15.44 -33.94
C MET C 268 13.22 14.04 -34.13
N VAL C 269 13.40 13.22 -33.10
CA VAL C 269 12.78 11.91 -33.05
C VAL C 269 12.44 11.62 -31.59
N MET C 270 11.91 10.43 -31.38
CA MET C 270 11.46 9.89 -30.12
C MET C 270 12.23 8.60 -29.85
N PHE C 271 12.50 8.31 -28.57
CA PHE C 271 13.09 7.05 -28.17
C PHE C 271 12.58 6.57 -26.81
N ASP C 272 12.19 5.29 -26.76
CA ASP C 272 11.80 4.64 -25.50
C ASP C 272 13.10 4.17 -24.84
N PHE C 273 13.76 5.10 -24.13
CA PHE C 273 15.12 4.82 -23.66
C PHE C 273 15.20 3.74 -22.60
N LEU C 274 14.13 3.49 -21.83
CA LEU C 274 14.20 2.43 -20.84
C LEU C 274 13.85 1.07 -21.40
N THR C 275 12.88 0.96 -22.31
CA THR C 275 12.57 -0.36 -22.86
C THR C 275 13.62 -0.80 -23.87
N ALA C 276 14.18 0.14 -24.63
CA ALA C 276 15.31 -0.20 -25.48
C ALA C 276 16.56 -0.36 -24.66
N GLY C 277 16.75 0.52 -23.67
CA GLY C 277 17.89 0.37 -22.78
C GLY C 277 18.95 1.44 -22.86
N PHE C 278 19.67 1.70 -21.76
CA PHE C 278 20.64 2.80 -21.75
C PHE C 278 21.80 2.56 -22.72
N ALA C 279 22.11 1.32 -23.06
CA ALA C 279 23.21 1.11 -24.00
C ALA C 279 22.83 1.59 -25.39
N ALA C 280 21.69 1.12 -25.90
CA ALA C 280 21.20 1.64 -27.16
C ALA C 280 21.01 3.16 -27.11
N SER C 281 20.49 3.68 -25.99
CA SER C 281 20.26 5.11 -25.86
C SER C 281 21.53 5.93 -26.11
N ALA C 282 22.66 5.48 -25.56
CA ALA C 282 23.91 6.21 -25.74
C ALA C 282 24.30 6.27 -27.21
N ASP C 283 24.10 5.17 -27.95
CA ASP C 283 24.41 5.25 -29.39
C ASP C 283 23.45 6.20 -30.09
N ILE C 284 22.18 6.21 -29.64
CA ILE C 284 21.16 7.01 -30.31
C ILE C 284 21.41 8.48 -30.08
N PHE C 285 21.65 8.87 -28.81
CA PHE C 285 22.02 10.25 -28.52
C PHE C 285 23.27 10.65 -29.31
N LYS C 286 24.31 9.83 -29.28
CA LYS C 286 25.54 10.24 -29.96
C LYS C 286 25.28 10.51 -31.44
N ARG C 287 24.54 9.62 -32.10
CA ARG C 287 24.28 9.78 -33.53
C ARG C 287 23.33 10.94 -33.79
N ALA C 288 22.31 11.08 -32.94
CA ALA C 288 21.39 12.21 -33.07
C ALA C 288 22.17 13.51 -32.99
N GLY C 289 23.15 13.58 -32.08
CA GLY C 289 23.98 14.77 -31.93
C GLY C 289 24.78 15.08 -33.19
N GLU C 290 25.39 14.06 -33.79
CA GLU C 290 26.12 14.29 -35.04
C GLU C 290 25.19 14.74 -36.15
N LEU C 291 23.92 14.34 -36.09
CA LEU C 291 22.93 14.69 -37.11
C LEU C 291 22.14 15.95 -36.75
N ASP C 292 22.50 16.60 -35.64
CA ASP C 292 21.86 17.86 -35.24
C ASP C 292 20.36 17.66 -35.05
N MET C 293 20.03 16.66 -34.24
CA MET C 293 18.65 16.29 -33.99
C MET C 293 18.39 16.18 -32.50
N ILE C 294 17.17 16.52 -32.14
CA ILE C 294 16.64 16.35 -30.80
C ILE C 294 16.17 14.91 -30.62
N VAL C 295 16.39 14.36 -29.43
CA VAL C 295 15.84 13.04 -29.10
C VAL C 295 14.94 13.24 -27.87
N HIS C 296 13.63 13.12 -28.08
CA HIS C 296 12.62 13.14 -27.03
C HIS C 296 12.56 11.77 -26.38
N CYS C 297 12.78 11.73 -25.07
CA CYS C 297 12.91 10.47 -24.35
C CYS C 297 11.64 10.13 -23.56
N HIS C 298 10.94 9.10 -24.03
CA HIS C 298 9.76 8.57 -23.34
C HIS C 298 10.16 7.48 -22.36
N ARG C 299 9.74 7.62 -21.12
CA ARG C 299 10.12 6.77 -19.98
C ARG C 299 9.31 5.48 -19.88
N ALA C 300 8.77 4.96 -20.97
CA ALA C 300 8.01 3.73 -20.92
C ALA C 300 8.70 2.65 -20.08
N MET C 301 7.89 1.98 -19.25
CA MET C 301 8.29 0.88 -18.39
C MET C 301 8.68 1.34 -16.98
N HIS C 302 8.94 2.64 -16.84
CA HIS C 302 9.56 3.13 -15.61
C HIS C 302 8.77 2.72 -14.39
N ALA C 303 7.43 2.80 -14.46
CA ALA C 303 6.56 2.61 -13.30
C ALA C 303 6.65 1.17 -12.81
N VAL C 304 7.19 0.27 -13.61
CA VAL C 304 7.45 -1.08 -13.12
C VAL C 304 8.41 -1.11 -11.94
N PHE C 305 9.32 -0.12 -11.83
CA PHE C 305 10.16 -0.04 -10.66
C PHE C 305 10.25 1.32 -9.98
N THR C 306 9.66 2.38 -10.54
CA THR C 306 9.76 3.70 -9.90
C THR C 306 8.56 4.03 -9.02
N ARG C 307 7.53 3.18 -8.98
CA ARG C 307 6.25 3.58 -8.41
C ARG C 307 6.12 3.32 -6.91
N GLN C 308 6.44 2.12 -6.46
CA GLN C 308 6.18 1.73 -5.08
C GLN C 308 7.25 2.28 -4.14
N ALA C 309 6.78 2.86 -3.03
CA ALA C 309 7.67 3.59 -2.14
C ALA C 309 8.58 2.67 -1.36
N ASN C 310 8.24 1.38 -1.27
CA ASN C 310 9.03 0.44 -0.49
C ASN C 310 10.16 -0.24 -1.28
N HIS C 311 10.07 -0.30 -2.61
CA HIS C 311 10.99 -1.12 -3.36
C HIS C 311 11.15 -0.59 -4.77
N GLY C 312 12.41 -0.39 -5.16
CA GLY C 312 12.75 -0.07 -6.53
C GLY C 312 13.76 1.03 -6.70
N ILE C 313 13.63 1.83 -7.75
CA ILE C 313 14.49 2.97 -8.03
C ILE C 313 13.63 4.21 -8.24
N ALA C 314 13.92 5.27 -7.48
CA ALA C 314 13.16 6.50 -7.57
C ALA C 314 13.39 7.14 -8.94
N MET C 315 12.34 7.77 -9.46
CA MET C 315 12.42 8.40 -10.78
C MET C 315 13.49 9.48 -10.84
N ARG C 316 13.75 10.18 -9.73
CA ARG C 316 14.76 11.23 -9.73
C ARG C 316 16.14 10.67 -10.08
N VAL C 317 16.38 9.40 -9.73
CA VAL C 317 17.64 8.79 -10.08
C VAL C 317 17.68 8.52 -11.57
N VAL C 318 16.57 8.03 -12.14
CA VAL C 318 16.49 7.83 -13.58
C VAL C 318 16.72 9.15 -14.31
N ALA C 319 16.18 10.23 -13.76
CA ALA C 319 16.31 11.51 -14.43
C ALA C 319 17.76 11.97 -14.49
N LYS C 320 18.53 11.74 -13.42
CA LYS C 320 19.94 12.06 -13.44
C LYS C 320 20.65 11.26 -14.51
N TRP C 321 20.45 9.95 -14.52
CA TRP C 321 21.09 9.11 -15.52
C TRP C 321 20.74 9.55 -16.93
N LEU C 322 19.49 9.93 -17.15
CA LEU C 322 19.04 10.30 -18.50
C LEU C 322 19.68 11.61 -18.95
N ARG C 323 19.70 12.61 -18.09
CA ARG C 323 20.36 13.86 -18.46
C ARG C 323 21.84 13.63 -18.77
N LEU C 324 22.54 12.93 -17.89
CA LEU C 324 23.95 12.62 -18.12
C LEU C 324 24.17 11.92 -19.46
N THR C 325 23.38 10.88 -19.74
CA THR C 325 23.56 10.13 -20.99
C THR C 325 23.24 10.99 -22.21
N GLY C 326 22.28 11.91 -22.10
CA GLY C 326 22.12 12.88 -23.16
C GLY C 326 20.74 13.07 -23.76
N GLY C 327 19.67 12.72 -23.02
CA GLY C 327 18.31 12.92 -23.51
C GLY C 327 17.96 14.40 -23.51
N ASP C 328 17.28 14.84 -24.57
CA ASP C 328 16.89 16.24 -24.68
C ASP C 328 15.59 16.57 -23.96
N HIS C 329 14.63 15.64 -23.96
CA HIS C 329 13.39 15.77 -23.22
C HIS C 329 13.23 14.53 -22.37
N LEU C 330 12.56 14.68 -21.23
CA LEU C 330 12.15 13.53 -20.42
C LEU C 330 10.78 13.76 -19.79
N HIS C 331 9.88 12.80 -19.97
CA HIS C 331 8.62 12.82 -19.25
C HIS C 331 8.86 12.73 -17.75
N THR C 332 8.15 13.58 -17.01
CA THR C 332 8.35 13.69 -15.58
C THR C 332 7.06 13.64 -14.79
N GLY C 333 5.91 13.55 -15.45
CA GLY C 333 4.63 13.45 -14.79
C GLY C 333 3.77 14.71 -14.98
N THR C 334 2.50 14.55 -14.61
CA THR C 334 1.59 15.67 -14.57
C THR C 334 1.17 16.07 -13.17
N VAL C 335 1.23 15.13 -12.22
CA VAL C 335 0.70 15.28 -10.87
C VAL C 335 -0.82 15.23 -10.86
N VAL C 336 -1.46 15.97 -11.79
CA VAL C 336 -2.92 16.13 -11.76
C VAL C 336 -3.64 15.24 -12.77
N GLY C 337 -2.91 14.42 -13.52
CA GLY C 337 -3.43 13.66 -14.63
C GLY C 337 -3.77 12.23 -14.25
N LYS C 338 -3.78 11.36 -15.26
CA LYS C 338 -4.21 9.99 -15.04
C LYS C 338 -3.13 9.09 -14.46
N LEU C 339 -1.87 9.52 -14.42
CA LEU C 339 -0.75 8.70 -13.98
C LEU C 339 -0.21 9.21 -12.65
N GLU C 340 0.26 8.28 -11.83
CA GLU C 340 0.63 8.62 -10.46
C GLU C 340 1.87 9.51 -10.46
N GLY C 341 1.98 10.34 -9.42
CA GLY C 341 3.11 11.25 -9.28
C GLY C 341 2.83 12.36 -8.28
N SER C 342 3.59 12.42 -7.20
CA SER C 342 3.34 13.42 -6.17
C SER C 342 3.98 14.76 -6.54
N TRP C 343 3.41 15.84 -6.01
CA TRP C 343 3.75 17.20 -6.42
C TRP C 343 5.19 17.55 -6.04
N ASN C 344 5.50 17.48 -4.75
CA ASN C 344 6.83 17.85 -4.30
C ASN C 344 7.91 16.97 -4.93
N ASP C 345 7.66 15.66 -5.03
CA ASP C 345 8.59 14.77 -5.72
C ASP C 345 8.87 15.28 -7.12
N THR C 346 7.82 15.66 -7.84
CA THR C 346 8.02 16.17 -9.20
C THR C 346 8.87 17.43 -9.23
N LEU C 347 8.77 18.28 -8.19
CA LEU C 347 9.56 19.50 -8.17
C LEU C 347 11.04 19.19 -8.19
N GLY C 348 11.46 18.15 -7.44
CA GLY C 348 12.86 17.76 -7.43
C GLY C 348 13.34 17.20 -8.76
N ILE C 349 12.51 16.35 -9.38
CA ILE C 349 12.83 15.77 -10.67
C ILE C 349 13.03 16.88 -11.70
N ILE C 350 12.17 17.91 -11.67
CA ILE C 350 12.29 19.04 -12.59
C ILE C 350 13.62 19.74 -12.42
N ASP C 351 13.99 20.07 -11.17
CA ASP C 351 15.25 20.77 -10.94
C ASP C 351 16.45 19.95 -11.39
N ILE C 352 16.41 18.65 -11.15
CA ILE C 352 17.48 17.76 -11.60
C ILE C 352 17.68 17.88 -13.09
N LEU C 353 16.60 18.16 -13.83
CA LEU C 353 16.73 18.18 -15.29
C LEU C 353 17.18 19.54 -15.82
N ARG C 354 16.87 20.62 -15.09
CA ARG C 354 17.03 21.94 -15.65
C ARG C 354 18.16 22.74 -15.06
N GLU C 355 18.54 22.48 -13.82
CA GLU C 355 19.45 23.34 -13.09
C GLU C 355 20.88 22.82 -13.21
N ARG C 356 21.83 23.72 -12.96
CA ARG C 356 23.23 23.33 -12.99
C ARG C 356 23.67 22.71 -11.67
N TYR C 357 23.08 23.15 -10.55
CA TYR C 357 23.43 22.65 -9.23
C TYR C 357 22.15 22.51 -8.42
N VAL C 358 21.75 21.28 -8.14
CA VAL C 358 20.59 21.03 -7.31
C VAL C 358 21.03 20.87 -5.87
N LYS C 359 20.33 21.50 -4.94
CA LYS C 359 20.67 21.42 -3.53
C LYS C 359 19.77 20.43 -2.81
N ALA C 360 20.33 19.73 -1.83
CA ALA C 360 19.57 18.77 -1.05
C ALA C 360 18.33 19.42 -0.48
N ASN C 361 17.23 18.67 -0.55
CA ASN C 361 15.94 19.12 -0.05
C ASN C 361 15.02 17.90 0.16
N LEU C 362 14.92 17.41 1.39
CA LEU C 362 14.15 16.19 1.63
C LEU C 362 12.69 16.36 1.25
N GLU C 363 12.16 17.59 1.40
CA GLU C 363 10.77 17.84 1.03
C GLU C 363 10.55 17.62 -0.46
N HIS C 364 11.59 17.79 -1.27
CA HIS C 364 11.50 17.50 -2.71
C HIS C 364 12.04 16.12 -3.05
N GLY C 365 12.47 15.35 -2.05
CA GLY C 365 13.00 14.01 -2.27
C GLY C 365 14.47 13.97 -2.64
N LEU C 366 15.17 15.08 -2.50
CA LEU C 366 16.58 15.18 -2.84
C LEU C 366 17.41 14.99 -1.58
N TYR C 367 18.14 13.88 -1.52
CA TYR C 367 18.97 13.56 -0.38
C TYR C 367 20.36 14.17 -0.45
N PHE C 368 20.81 14.56 -1.63
CA PHE C 368 22.15 15.05 -1.82
C PHE C 368 22.15 16.29 -2.72
N ASP C 369 23.17 17.13 -2.53
CA ASP C 369 23.50 18.12 -3.55
C ASP C 369 23.94 17.39 -4.79
N GLN C 370 23.59 17.91 -5.96
CA GLN C 370 24.03 17.33 -7.23
C GLN C 370 24.56 18.44 -8.13
N ASP C 371 25.81 18.32 -8.52
CA ASP C 371 26.42 19.19 -9.53
C ASP C 371 26.25 18.55 -10.89
N PHE C 372 25.84 19.33 -11.87
CA PHE C 372 25.71 18.85 -13.22
C PHE C 372 26.76 19.41 -14.16
N GLY C 373 27.66 20.25 -13.66
CA GLY C 373 28.92 20.51 -14.33
C GLY C 373 28.83 21.16 -15.69
N GLY C 374 27.83 22.02 -15.89
CA GLY C 374 27.69 22.73 -17.13
C GLY C 374 27.12 21.93 -18.28
N LEU C 375 26.76 20.67 -18.06
CA LEU C 375 26.02 19.95 -19.07
C LEU C 375 24.68 20.64 -19.31
N LYS C 376 24.20 20.56 -20.55
CA LYS C 376 22.97 21.20 -20.95
C LYS C 376 21.79 20.66 -20.16
N ALA C 377 20.72 21.43 -20.14
CA ALA C 377 19.48 21.06 -19.48
C ALA C 377 18.61 20.19 -20.40
N SER C 378 17.76 19.39 -19.79
CA SER C 378 16.77 18.59 -20.50
C SER C 378 15.38 19.15 -20.24
N TRP C 379 14.54 19.15 -21.27
CA TRP C 379 13.16 19.65 -21.12
C TRP C 379 12.33 18.69 -20.29
N PRO C 380 11.73 19.11 -19.18
CA PRO C 380 10.66 18.30 -18.57
C PRO C 380 9.43 18.27 -19.47
N VAL C 381 8.75 17.12 -19.45
CA VAL C 381 7.56 16.89 -20.27
C VAL C 381 6.42 16.37 -19.39
N ALA C 382 5.35 17.15 -19.28
CA ALA C 382 4.13 16.74 -18.59
C ALA C 382 3.14 16.17 -19.61
N SER C 383 2.73 14.92 -19.40
CA SER C 383 1.82 14.25 -20.33
C SER C 383 1.01 13.16 -19.62
N GLY C 384 -0.26 13.05 -20.02
CA GLY C 384 -1.05 11.93 -19.56
C GLY C 384 -2.35 12.27 -18.86
N GLY C 385 -3.46 12.22 -19.59
CA GLY C 385 -4.74 12.57 -19.03
C GLY C 385 -4.94 14.02 -18.62
N ILE C 386 -4.33 14.97 -19.33
CA ILE C 386 -4.50 16.37 -18.96
C ILE C 386 -5.37 17.07 -19.99
N HIS C 387 -6.05 18.12 -19.54
CA HIS C 387 -6.90 18.93 -20.43
C HIS C 387 -6.86 20.38 -19.95
N VAL C 388 -7.69 21.23 -20.54
CA VAL C 388 -7.56 22.68 -20.38
C VAL C 388 -7.64 23.09 -18.91
N HIS C 389 -8.45 22.39 -18.11
CA HIS C 389 -8.58 22.80 -16.71
C HIS C 389 -7.30 22.61 -15.93
N HIS C 390 -6.39 21.76 -16.41
CA HIS C 390 -5.15 21.46 -15.71
C HIS C 390 -4.08 22.50 -15.94
N VAL C 391 -4.32 23.49 -16.80
CA VAL C 391 -3.25 24.37 -17.26
C VAL C 391 -2.75 25.23 -16.10
N PRO C 392 -3.65 25.82 -15.31
CA PRO C 392 -3.16 26.60 -14.15
C PRO C 392 -2.16 25.86 -13.29
N ASP C 393 -2.45 24.60 -12.95
CA ASP C 393 -1.58 23.88 -12.04
C ASP C 393 -0.32 23.42 -12.74
N LEU C 394 -0.41 23.11 -14.03
CA LEU C 394 0.77 22.72 -14.80
C LEU C 394 1.77 23.86 -14.88
N LEU C 395 1.27 25.10 -15.07
CA LEU C 395 2.20 26.23 -15.14
C LEU C 395 2.79 26.55 -13.78
N LYS C 396 2.01 26.36 -12.71
CA LYS C 396 2.57 26.49 -11.37
C LYS C 396 3.60 25.41 -11.07
N ILE C 397 3.41 24.19 -11.60
CA ILE C 397 4.36 23.10 -11.36
C ILE C 397 5.65 23.33 -12.14
N TYR C 398 5.54 23.64 -13.42
CA TYR C 398 6.67 23.63 -14.35
C TYR C 398 7.16 25.01 -14.74
N GLY C 399 6.30 26.03 -14.73
CA GLY C 399 6.70 27.28 -15.33
C GLY C 399 6.80 27.15 -16.84
N ASN C 400 7.71 27.93 -17.44
CA ASN C 400 7.78 28.03 -18.89
C ASN C 400 8.64 26.94 -19.53
N ASP C 401 9.67 26.45 -18.84
CA ASP C 401 10.66 25.57 -19.48
C ASP C 401 10.18 24.13 -19.39
N ALA C 402 9.21 23.80 -20.24
CA ALA C 402 8.58 22.49 -20.20
C ALA C 402 7.73 22.32 -21.45
N PHE C 403 7.43 21.06 -21.79
CA PHE C 403 6.38 20.69 -22.72
C PHE C 403 5.13 20.25 -21.96
N PHE C 404 3.94 20.63 -22.47
CA PHE C 404 2.65 20.07 -22.05
C PHE C 404 2.04 19.34 -23.25
N LEU C 405 1.72 18.07 -23.07
CA LEU C 405 1.24 17.22 -24.14
C LEU C 405 -0.23 16.86 -23.90
N PHE C 406 -1.06 17.13 -24.91
CA PHE C 406 -2.50 16.89 -24.84
C PHE C 406 -2.84 15.88 -25.93
N GLY C 407 -2.96 14.61 -25.53
CA GLY C 407 -3.31 13.55 -26.46
C GLY C 407 -4.81 13.50 -26.65
N GLY C 408 -5.47 12.73 -25.80
CA GLY C 408 -6.91 12.78 -25.79
C GLY C 408 -7.41 14.18 -25.62
N GLY C 409 -6.61 15.04 -24.95
CA GLY C 409 -7.02 16.41 -24.70
C GLY C 409 -7.11 17.25 -25.93
N THR C 410 -6.54 16.78 -27.03
CA THR C 410 -6.60 17.44 -28.33
C THR C 410 -7.59 16.74 -29.27
N HIS C 411 -7.44 15.43 -29.44
CA HIS C 411 -8.27 14.68 -30.37
C HIS C 411 -9.63 14.31 -29.79
N GLY C 412 -9.82 14.45 -28.46
CA GLY C 412 -11.12 14.26 -27.84
C GLY C 412 -12.02 15.45 -27.94
N HIS C 413 -11.56 16.52 -28.58
CA HIS C 413 -12.42 17.67 -28.77
C HIS C 413 -13.67 17.27 -29.56
N PRO C 414 -14.86 17.80 -29.20
CA PRO C 414 -16.06 17.47 -29.99
C PRO C 414 -15.90 17.74 -31.46
N ASP C 415 -15.10 18.74 -31.85
CA ASP C 415 -14.99 19.09 -33.26
C ASP C 415 -13.64 18.73 -33.85
N GLY C 416 -12.90 17.82 -33.21
CA GLY C 416 -11.73 17.24 -33.82
C GLY C 416 -10.44 17.90 -33.41
N SER C 417 -9.35 17.42 -34.05
CA SER C 417 -7.99 17.70 -33.61
C SER C 417 -7.60 19.17 -33.78
N ARG C 418 -7.95 19.78 -34.91
CA ARG C 418 -7.62 21.19 -35.10
C ARG C 418 -8.26 22.05 -34.01
N ALA C 419 -9.55 21.87 -33.79
CA ALA C 419 -10.26 22.64 -32.79
C ALA C 419 -9.70 22.38 -31.41
N GLY C 420 -9.34 21.13 -31.12
CA GLY C 420 -8.79 20.82 -29.83
C GLY C 420 -7.43 21.43 -29.60
N ALA C 421 -6.63 21.56 -30.67
CA ALA C 421 -5.34 22.23 -30.58
C ALA C 421 -5.52 23.75 -30.38
N ILE C 422 -6.45 24.36 -31.10
CA ILE C 422 -6.78 25.77 -30.88
C ILE C 422 -7.08 26.02 -29.42
N ALA C 423 -7.91 25.17 -28.83
CA ALA C 423 -8.33 25.36 -27.43
C ALA C 423 -7.14 25.22 -26.48
N ASN C 424 -6.32 24.18 -26.67
CA ASN C 424 -5.19 23.97 -25.78
C ASN C 424 -4.16 25.07 -25.91
N ARG C 425 -3.85 25.49 -27.14
CA ARG C 425 -2.99 26.66 -27.33
C ARG C 425 -3.61 27.90 -26.71
N ALA C 426 -4.94 28.06 -26.82
CA ALA C 426 -5.58 29.25 -26.27
C ALA C 426 -5.53 29.26 -24.75
N ALA C 427 -5.70 28.09 -24.13
CA ALA C 427 -5.70 28.02 -22.68
C ALA C 427 -4.31 28.32 -22.12
N VAL C 428 -3.28 27.69 -22.68
CA VAL C 428 -1.92 27.88 -22.16
C VAL C 428 -1.47 29.31 -22.37
N GLU C 429 -1.66 29.84 -23.58
CA GLU C 429 -1.23 31.22 -23.87
C GLU C 429 -1.97 32.24 -23.02
N ALA C 430 -3.18 31.92 -22.57
CA ALA C 430 -3.91 32.86 -21.73
C ALA C 430 -3.37 32.87 -20.30
N VAL C 431 -3.37 31.71 -19.65
CA VAL C 431 -2.86 31.63 -18.28
C VAL C 431 -1.42 32.08 -18.22
N SER C 432 -0.63 31.70 -19.22
CA SER C 432 0.78 32.10 -19.29
C SER C 432 0.87 33.62 -19.34
N ALA C 433 -0.08 34.27 -20.00
CA ALA C 433 -0.06 35.72 -20.12
C ALA C 433 -1.05 36.45 -19.17
N GLY C 434 -1.35 35.83 -18.02
CA GLY C 434 -1.99 36.41 -16.85
C GLY C 434 -3.49 36.21 -16.77
N GLN C 435 -4.15 35.98 -17.89
CA GLN C 435 -5.61 35.98 -17.91
C GLN C 435 -6.15 34.60 -17.59
N THR C 436 -7.43 34.58 -17.19
CA THR C 436 -8.08 33.38 -16.70
C THR C 436 -8.64 32.55 -17.84
N LEU C 437 -9.03 31.31 -17.49
CA LEU C 437 -9.53 30.39 -18.50
C LEU C 437 -10.92 30.76 -19.04
N GLN C 438 -11.65 31.69 -18.40
CA GLN C 438 -12.92 32.16 -18.92
C GLN C 438 -12.85 33.54 -19.51
N GLN C 439 -12.04 34.45 -18.94
CA GLN C 439 -11.62 35.61 -19.70
C GLN C 439 -11.15 35.18 -21.09
N ALA C 440 -10.39 34.08 -21.16
CA ALA C 440 -9.87 33.58 -22.44
C ALA C 440 -10.94 32.78 -23.20
N ALA C 441 -11.80 32.07 -22.47
CA ALA C 441 -12.81 31.25 -23.13
C ALA C 441 -13.98 32.09 -23.65
N ARG C 442 -14.18 33.29 -23.10
CA ARG C 442 -15.24 34.15 -23.59
C ARG C 442 -14.99 34.61 -25.02
N SER C 443 -13.73 34.61 -25.48
CA SER C 443 -13.39 35.03 -26.83
C SER C 443 -12.78 33.91 -27.66
N CYS C 444 -12.96 32.65 -27.25
CA CYS C 444 -12.44 31.46 -27.96
C CYS C 444 -13.47 30.35 -27.88
N PRO C 445 -14.30 30.13 -28.88
CA PRO C 445 -15.34 29.09 -28.73
C PRO C 445 -14.80 27.68 -28.56
N GLU C 446 -13.74 27.35 -29.28
CA GLU C 446 -13.12 26.04 -29.12
C GLU C 446 -12.74 25.78 -27.67
N LEU C 447 -12.21 26.81 -26.98
CA LEU C 447 -11.84 26.66 -25.59
C LEU C 447 -13.07 26.44 -24.70
N ARG C 448 -14.15 27.17 -24.97
CA ARG C 448 -15.32 27.04 -24.11
C ARG C 448 -15.89 25.63 -24.14
N LYS C 449 -15.81 24.96 -25.28
CA LYS C 449 -16.31 23.59 -25.37
C LYS C 449 -15.40 22.58 -24.66
N SER C 450 -14.08 22.74 -24.77
CA SER C 450 -13.19 21.85 -24.02
C SER C 450 -13.46 21.96 -22.54
N LEU C 451 -13.67 23.18 -22.05
CA LEU C 451 -13.80 23.39 -20.61
C LEU C 451 -15.01 22.62 -20.06
N GLU C 452 -16.14 22.68 -20.75
CA GLU C 452 -17.30 22.02 -20.20
C GLU C 452 -17.38 20.55 -20.55
N LEU C 453 -16.79 20.11 -21.66
CA LEU C 453 -16.74 18.68 -21.92
C LEU C 453 -16.02 17.93 -20.81
N TRP C 454 -14.95 18.52 -20.26
CA TRP C 454 -14.10 17.91 -19.25
C TRP C 454 -14.20 18.59 -17.89
N ALA C 455 -15.27 19.30 -17.62
CA ALA C 455 -15.33 20.12 -16.41
C ALA C 455 -15.30 19.29 -15.10
N ASP C 456 -15.93 18.12 -15.12
CA ASP C 456 -16.02 17.25 -13.92
C ASP C 456 -15.02 16.09 -14.02
N VAL C 457 -14.05 16.17 -14.92
CA VAL C 457 -13.04 15.12 -15.06
C VAL C 457 -11.84 15.53 -14.20
N LYS C 458 -11.71 14.90 -13.04
CA LYS C 458 -10.62 15.15 -12.12
C LYS C 458 -9.97 13.83 -11.71
N PHE C 459 -8.68 13.88 -11.42
CA PHE C 459 -7.96 12.75 -10.84
C PHE C 459 -7.41 13.16 -9.48
N GLU C 460 -7.02 12.17 -8.67
CA GLU C 460 -6.48 12.44 -7.34
C GLU C 460 -5.15 13.19 -7.44
N VAL C 461 -4.93 14.12 -6.51
CA VAL C 461 -3.73 14.95 -6.50
C VAL C 461 -3.08 14.80 -5.13
N VAL C 462 -1.89 14.17 -5.11
CA VAL C 462 -1.10 13.98 -3.90
C VAL C 462 0.05 14.97 -3.93
N GLN C 463 0.27 15.63 -2.80
CA GLN C 463 1.35 16.62 -2.69
C GLN C 463 2.70 15.91 -2.39
N ALA D 24 -21.18 8.18 -34.98
CA ALA D 24 -20.68 7.19 -34.04
C ALA D 24 -19.67 7.78 -33.06
N TYR D 25 -19.32 9.05 -33.25
CA TYR D 25 -18.37 9.74 -32.38
C TYR D 25 -19.15 10.57 -31.38
N LYS D 26 -19.13 10.15 -30.12
CA LYS D 26 -19.69 10.93 -29.01
C LYS D 26 -18.55 11.24 -28.05
N ALA D 27 -18.14 12.50 -28.05
CA ALA D 27 -16.98 12.93 -27.29
C ALA D 27 -17.22 12.76 -25.80
N GLY D 28 -16.15 12.95 -25.03
CA GLY D 28 -16.21 12.89 -23.58
C GLY D 28 -15.66 11.58 -23.06
N VAL D 29 -15.56 11.51 -21.74
CA VAL D 29 -14.96 10.37 -21.07
C VAL D 29 -16.02 9.32 -20.81
N ARG D 30 -15.70 8.06 -21.11
CA ARG D 30 -16.50 6.90 -20.75
C ARG D 30 -15.60 5.91 -20.01
N ALA D 31 -16.25 5.00 -19.28
CA ALA D 31 -15.52 3.92 -18.61
C ALA D 31 -14.78 3.05 -19.61
N TYR D 32 -13.58 2.62 -19.24
CA TYR D 32 -12.83 1.76 -20.16
C TYR D 32 -13.60 0.47 -20.43
N ALA D 33 -14.40 0.03 -19.44
CA ALA D 33 -15.06 -1.28 -19.53
C ALA D 33 -16.07 -1.35 -20.66
N VAL D 34 -16.64 -0.22 -21.03
CA VAL D 34 -17.63 -0.21 -22.11
C VAL D 34 -17.07 -0.91 -23.34
N ASP D 35 -15.84 -0.57 -23.73
CA ASP D 35 -15.30 -1.09 -24.97
C ASP D 35 -14.24 -2.15 -24.82
N TYR D 36 -13.57 -2.22 -23.65
CA TYR D 36 -12.40 -3.08 -23.45
C TYR D 36 -12.63 -4.27 -22.51
N TYR D 37 -13.79 -4.33 -21.85
CA TYR D 37 -14.20 -5.49 -21.09
C TYR D 37 -15.08 -6.38 -21.95
N VAL D 38 -14.58 -7.57 -22.28
CA VAL D 38 -15.28 -8.44 -23.20
C VAL D 38 -15.28 -9.88 -22.71
N PRO D 39 -16.00 -10.21 -21.63
CA PRO D 39 -15.89 -11.56 -21.06
C PRO D 39 -16.40 -12.67 -21.98
N ASP D 40 -17.00 -12.33 -23.12
CA ASP D 40 -17.42 -13.31 -24.10
C ASP D 40 -16.35 -13.59 -25.15
N TYR D 41 -15.25 -12.86 -25.17
CA TYR D 41 -14.26 -12.99 -26.23
C TYR D 41 -13.55 -14.32 -26.14
N ILE D 42 -13.35 -14.96 -27.30
CA ILE D 42 -12.70 -16.27 -27.40
C ILE D 42 -11.28 -16.05 -27.89
N PRO D 43 -10.26 -16.24 -27.05
CA PRO D 43 -8.89 -15.96 -27.52
C PRO D 43 -8.52 -16.83 -28.70
N GLN D 44 -7.77 -16.27 -29.64
CA GLN D 44 -7.29 -16.97 -30.82
C GLN D 44 -5.82 -17.34 -30.68
N ASP D 45 -5.40 -18.36 -31.44
CA ASP D 45 -4.03 -18.85 -31.36
C ASP D 45 -3.02 -17.79 -31.76
N THR D 46 -3.44 -16.75 -32.50
CA THR D 46 -2.59 -15.63 -32.89
C THR D 46 -2.57 -14.51 -31.87
N ASP D 47 -3.49 -14.48 -30.92
CA ASP D 47 -3.47 -13.44 -29.91
C ASP D 47 -2.24 -13.58 -29.01
N LEU D 48 -1.80 -12.46 -28.46
CA LEU D 48 -0.87 -12.45 -27.34
C LEU D 48 -1.67 -12.25 -26.05
N LEU D 49 -1.59 -13.20 -25.14
CA LEU D 49 -2.38 -13.24 -23.88
C LEU D 49 -1.53 -12.77 -22.72
N CYS D 50 -2.07 -12.01 -21.79
CA CYS D 50 -1.35 -11.59 -20.58
C CYS D 50 -2.18 -11.92 -19.34
N ALA D 51 -1.54 -12.32 -18.26
CA ALA D 51 -2.15 -12.57 -16.96
C ALA D 51 -1.59 -11.50 -16.05
N PHE D 52 -2.35 -10.47 -15.73
CA PHE D 52 -1.98 -9.39 -14.84
C PHE D 52 -2.66 -9.61 -13.48
N ARG D 53 -1.92 -9.51 -12.40
CA ARG D 53 -2.46 -9.49 -11.01
C ARG D 53 -2.67 -8.01 -10.65
N ILE D 54 -3.89 -7.61 -10.35
CA ILE D 54 -4.28 -6.20 -10.27
C ILE D 54 -4.74 -5.85 -8.87
N GLN D 55 -4.36 -4.66 -8.41
CA GLN D 55 -4.88 -4.03 -7.19
C GLN D 55 -5.57 -2.73 -7.61
N PRO D 56 -6.89 -2.77 -7.81
CA PRO D 56 -7.61 -1.56 -8.19
C PRO D 56 -7.48 -0.47 -7.13
N ARG D 57 -7.64 0.77 -7.58
CA ARG D 57 -7.60 1.94 -6.71
C ARG D 57 -8.67 2.92 -7.17
N GLY D 58 -9.76 2.99 -6.44
CA GLY D 58 -10.87 3.88 -6.79
C GLY D 58 -11.73 3.44 -7.94
N VAL D 59 -11.58 2.21 -8.42
CA VAL D 59 -12.45 1.67 -9.46
C VAL D 59 -12.64 0.19 -9.18
N ASP D 60 -13.65 -0.40 -9.77
CA ASP D 60 -13.92 -1.83 -9.64
C ASP D 60 -12.86 -2.61 -10.44
N MET D 61 -12.64 -3.85 -10.09
CA MET D 61 -11.61 -4.66 -10.73
C MET D 61 -11.84 -4.77 -12.21
N ILE D 62 -13.11 -4.82 -12.64
CA ILE D 62 -13.38 -4.88 -14.08
C ILE D 62 -12.87 -3.62 -14.76
N GLU D 63 -13.15 -2.45 -14.17
CA GLU D 63 -12.70 -1.20 -14.78
C GLU D 63 -11.18 -1.10 -14.77
N ALA D 64 -10.55 -1.43 -13.65
CA ALA D 64 -9.09 -1.45 -13.60
C ALA D 64 -8.52 -2.36 -14.68
N ALA D 65 -9.07 -3.58 -14.81
CA ALA D 65 -8.58 -4.48 -15.85
C ALA D 65 -8.81 -3.90 -17.24
N ALA D 66 -9.97 -3.27 -17.46
CA ALA D 66 -10.23 -2.66 -18.77
C ALA D 66 -9.30 -1.48 -19.05
N ALA D 67 -8.94 -0.72 -18.02
CA ALA D 67 -8.00 0.38 -18.21
C ALA D 67 -6.63 -0.13 -18.61
N VAL D 68 -6.16 -1.21 -17.97
CA VAL D 68 -4.91 -1.84 -18.36
C VAL D 68 -4.99 -2.29 -19.80
N ALA D 69 -6.05 -2.99 -20.17
CA ALA D 69 -6.19 -3.40 -21.58
C ALA D 69 -6.24 -2.20 -22.51
N ALA D 70 -7.02 -1.18 -22.16
CA ALA D 70 -7.19 -0.03 -23.04
C ALA D 70 -5.85 0.69 -23.29
N GLU D 71 -5.14 1.07 -22.21
CA GLU D 71 -3.94 1.88 -22.33
C GLU D 71 -2.73 1.08 -22.70
N SER D 72 -2.89 -0.20 -22.88
CA SER D 72 -1.78 -1.07 -23.29
C SER D 72 -2.03 -1.44 -24.75
N SER D 73 -3.05 -0.84 -25.37
CA SER D 73 -3.39 -1.18 -26.73
C SER D 73 -3.79 0.03 -27.55
N THR D 74 -5.07 0.41 -27.49
CA THR D 74 -5.60 1.41 -28.42
C THR D 74 -6.28 2.62 -27.80
N GLY D 75 -6.61 2.59 -26.52
CA GLY D 75 -7.43 3.61 -25.90
C GLY D 75 -6.60 4.70 -25.22
N THR D 76 -7.30 5.73 -24.79
CA THR D 76 -6.76 6.74 -23.90
C THR D 76 -7.91 7.12 -22.96
N TRP D 77 -7.83 8.29 -22.32
CA TRP D 77 -8.68 8.59 -21.17
C TRP D 77 -10.01 9.21 -21.59
N THR D 78 -10.16 9.57 -22.85
CA THR D 78 -11.41 10.12 -23.36
C THR D 78 -11.54 9.68 -24.81
N GLU D 79 -12.77 9.57 -25.27
CA GLU D 79 -13.01 9.16 -26.65
C GLU D 79 -12.49 10.21 -27.63
N VAL D 80 -11.87 9.75 -28.72
CA VAL D 80 -11.20 10.60 -29.69
C VAL D 80 -11.86 10.39 -31.04
N TRP D 81 -12.08 11.48 -31.78
CA TRP D 81 -12.74 11.37 -33.07
C TRP D 81 -12.03 10.40 -33.99
N SER D 82 -10.70 10.31 -33.87
CA SER D 82 -9.91 9.50 -34.79
C SER D 82 -10.16 8.01 -34.60
N ASN D 83 -10.82 7.62 -33.51
CA ASN D 83 -11.23 6.23 -33.35
C ASN D 83 -12.07 5.77 -34.54
N GLN D 84 -12.72 6.69 -35.24
CA GLN D 84 -13.47 6.33 -36.44
C GLN D 84 -12.60 6.08 -37.66
N LEU D 85 -11.33 6.45 -37.61
CA LEU D 85 -10.47 6.24 -38.76
C LEU D 85 -9.90 4.83 -38.84
N THR D 86 -9.99 4.04 -37.78
CA THR D 86 -9.59 2.64 -37.81
C THR D 86 -10.69 1.77 -37.21
N ASP D 87 -10.46 0.45 -37.19
CA ASP D 87 -11.42 -0.52 -36.67
C ASP D 87 -10.99 -0.86 -35.24
N ILE D 88 -11.46 -0.06 -34.29
CA ILE D 88 -11.02 -0.24 -32.91
C ILE D 88 -11.32 -1.66 -32.43
N ASP D 89 -12.50 -2.19 -32.76
CA ASP D 89 -12.88 -3.53 -32.29
C ASP D 89 -11.88 -4.58 -32.75
N PHE D 90 -11.32 -4.43 -33.94
CA PHE D 90 -10.32 -5.40 -34.41
C PHE D 90 -8.99 -5.24 -33.68
N TYR D 91 -8.52 -4.00 -33.49
CA TYR D 91 -7.17 -3.83 -32.97
C TYR D 91 -7.12 -3.78 -31.44
N LYS D 92 -8.25 -3.57 -30.79
CA LYS D 92 -8.24 -3.35 -29.35
C LYS D 92 -7.89 -4.61 -28.57
N ALA D 93 -7.29 -4.41 -27.41
CA ALA D 93 -7.13 -5.49 -26.45
C ALA D 93 -8.47 -5.75 -25.78
N LYS D 94 -8.66 -6.98 -25.31
CA LYS D 94 -9.93 -7.41 -24.71
C LYS D 94 -9.64 -8.10 -23.38
N VAL D 95 -10.20 -7.57 -22.29
CA VAL D 95 -10.25 -8.30 -21.04
C VAL D 95 -11.28 -9.41 -21.19
N TYR D 96 -10.82 -10.66 -21.35
CA TYR D 96 -11.69 -11.76 -21.70
C TYR D 96 -12.00 -12.68 -20.54
N ALA D 97 -11.33 -12.52 -19.39
CA ALA D 97 -11.63 -13.34 -18.22
C ALA D 97 -10.98 -12.71 -17.00
N ILE D 98 -11.66 -12.79 -15.85
CA ILE D 98 -11.14 -12.33 -14.57
C ILE D 98 -11.38 -13.41 -13.55
N THR D 99 -10.34 -13.80 -12.81
CA THR D 99 -10.41 -14.83 -11.79
C THR D 99 -9.75 -14.23 -10.56
N GLY D 100 -10.57 -13.79 -9.61
CA GLY D 100 -10.03 -13.09 -8.47
C GLY D 100 -9.36 -11.81 -8.95
N ASP D 101 -8.11 -11.61 -8.55
CA ASP D 101 -7.37 -10.43 -8.94
C ASP D 101 -6.47 -10.69 -10.15
N ILE D 102 -6.69 -11.81 -10.84
CA ILE D 102 -5.96 -12.09 -12.07
C ILE D 102 -6.87 -11.75 -13.24
N ALA D 103 -6.46 -10.80 -14.06
CA ALA D 103 -7.17 -10.46 -15.29
C ALA D 103 -6.42 -11.04 -16.49
N TYR D 104 -7.15 -11.71 -17.37
CA TYR D 104 -6.61 -12.26 -18.60
C TYR D 104 -7.01 -11.35 -19.75
N ILE D 105 -6.03 -10.95 -20.56
CA ILE D 105 -6.21 -9.95 -21.61
C ILE D 105 -5.57 -10.48 -22.88
N ALA D 106 -6.30 -10.36 -24.00
CA ALA D 106 -5.86 -10.84 -25.30
C ALA D 106 -5.56 -9.67 -26.21
N TYR D 107 -4.36 -9.67 -26.78
CA TYR D 107 -3.88 -8.62 -27.68
C TYR D 107 -3.74 -9.16 -29.10
N PRO D 108 -4.43 -8.55 -30.08
CA PRO D 108 -4.31 -9.05 -31.46
C PRO D 108 -2.87 -9.02 -31.96
N LEU D 109 -2.55 -9.98 -32.82
CA LEU D 109 -1.19 -10.13 -33.30
C LEU D 109 -0.71 -8.88 -34.01
N ASP D 110 -1.60 -8.24 -34.77
CA ASP D 110 -1.26 -7.07 -35.56
C ASP D 110 -0.80 -5.91 -34.70
N LEU D 111 -0.91 -5.98 -33.37
CA LEU D 111 -0.45 -4.88 -32.54
C LEU D 111 1.07 -4.87 -32.34
N PHE D 112 1.78 -5.91 -32.77
CA PHE D 112 3.18 -6.09 -32.37
C PHE D 112 4.11 -6.03 -33.58
N GLU D 113 5.24 -5.36 -33.40
CA GLU D 113 6.32 -5.45 -34.37
C GLU D 113 6.98 -6.83 -34.26
N GLU D 114 7.27 -7.43 -35.40
CA GLU D 114 7.95 -8.72 -35.40
C GLU D 114 9.35 -8.63 -34.78
N ASN D 115 9.76 -9.72 -34.14
CA ASN D 115 11.13 -9.87 -33.66
C ASN D 115 11.59 -8.66 -32.84
N SER D 116 10.74 -8.23 -31.90
CA SER D 116 11.09 -7.10 -31.02
C SER D 116 10.43 -7.29 -29.66
N VAL D 117 11.19 -7.85 -28.71
CA VAL D 117 10.78 -7.81 -27.32
C VAL D 117 10.59 -6.36 -26.89
N VAL D 118 11.37 -5.43 -27.46
CA VAL D 118 11.28 -4.04 -27.03
C VAL D 118 9.90 -3.48 -27.33
N ASN D 119 9.32 -3.88 -28.47
CA ASN D 119 7.96 -3.41 -28.78
C ASN D 119 6.94 -4.03 -27.84
N ILE D 120 7.10 -5.33 -27.56
CA ILE D 120 6.20 -6.01 -26.62
C ILE D 120 6.19 -5.28 -25.29
N MET D 121 7.38 -4.95 -24.77
CA MET D 121 7.44 -4.22 -23.52
C MET D 121 6.79 -2.86 -23.65
N SER D 122 7.04 -2.16 -24.77
CA SER D 122 6.56 -0.79 -24.92
C SER D 122 5.05 -0.70 -24.81
N SER D 123 4.36 -1.74 -25.23
CA SER D 123 2.90 -1.86 -25.12
C SER D 123 2.51 -2.45 -23.77
N ILE D 124 3.00 -3.64 -23.44
CA ILE D 124 2.46 -4.42 -22.33
C ILE D 124 2.84 -3.82 -20.99
N VAL D 125 4.02 -3.20 -20.90
CA VAL D 125 4.47 -2.64 -19.63
C VAL D 125 4.82 -1.17 -19.78
N GLY D 126 4.40 -0.58 -20.90
CA GLY D 126 4.74 0.79 -21.19
C GLY D 126 4.30 1.82 -20.18
N ASN D 127 3.00 2.00 -20.03
CA ASN D 127 2.50 3.02 -19.14
C ASN D 127 1.58 2.50 -18.04
N VAL D 128 0.98 1.32 -18.20
CA VAL D 128 -0.15 0.91 -17.37
C VAL D 128 0.22 0.68 -15.92
N PHE D 129 1.51 0.60 -15.58
CA PHE D 129 1.91 0.32 -14.21
C PHE D 129 1.89 1.57 -13.34
N GLY D 130 1.84 2.74 -13.96
CA GLY D 130 1.80 3.99 -13.25
C GLY D 130 0.44 4.65 -13.21
N PHE D 131 -0.62 3.93 -13.60
CA PHE D 131 -1.95 4.54 -13.59
C PHE D 131 -2.50 4.65 -12.16
N LYS D 132 -3.06 5.83 -11.87
CA LYS D 132 -3.66 6.07 -10.55
C LYS D 132 -4.78 5.09 -10.21
N ALA D 133 -5.49 4.57 -11.22
CA ALA D 133 -6.56 3.63 -10.96
C ALA D 133 -6.05 2.25 -10.56
N VAL D 134 -4.74 2.02 -10.48
CA VAL D 134 -4.23 0.77 -9.91
C VAL D 134 -3.19 1.14 -8.87
N GLY D 135 -3.39 0.70 -7.63
CA GLY D 135 -2.33 0.84 -6.64
C GLY D 135 -1.14 -0.05 -6.90
N ALA D 136 -1.35 -1.17 -7.59
CA ALA D 136 -0.29 -2.14 -7.81
C ALA D 136 -0.70 -2.97 -9.02
N LEU D 137 0.30 -3.37 -9.78
CA LEU D 137 0.11 -4.14 -11.00
C LEU D 137 1.30 -5.07 -11.17
N ARG D 138 1.03 -6.33 -11.51
CA ARG D 138 2.09 -7.31 -11.74
C ARG D 138 1.75 -8.17 -12.95
N LEU D 139 2.63 -8.21 -13.92
CA LEU D 139 2.49 -9.10 -15.08
C LEU D 139 2.99 -10.47 -14.66
N GLU D 140 2.09 -11.43 -14.60
CA GLU D 140 2.45 -12.75 -14.11
C GLU D 140 2.97 -13.68 -15.18
N ASP D 141 2.47 -13.54 -16.41
CA ASP D 141 2.84 -14.44 -17.49
C ASP D 141 2.30 -13.84 -18.78
N MET D 142 2.80 -14.37 -19.90
CA MET D 142 2.42 -13.94 -21.24
C MET D 142 2.47 -15.14 -22.17
N ARG D 143 1.49 -15.23 -23.06
CA ARG D 143 1.43 -16.27 -24.09
C ARG D 143 1.81 -15.60 -25.40
N ILE D 144 3.09 -15.64 -25.72
CA ILE D 144 3.59 -15.15 -26.99
C ILE D 144 3.09 -16.12 -28.06
N PRO D 145 2.27 -15.66 -29.01
CA PRO D 145 1.70 -16.59 -30.00
C PRO D 145 2.79 -17.13 -30.90
N LEU D 146 2.57 -18.34 -31.40
CA LEU D 146 3.63 -18.99 -32.17
C LEU D 146 3.98 -18.18 -33.41
N ALA D 147 3.00 -17.51 -34.01
CA ALA D 147 3.29 -16.73 -35.21
C ALA D 147 4.25 -15.59 -34.92
N LEU D 148 4.23 -15.05 -33.70
CA LEU D 148 5.27 -14.09 -33.31
C LEU D 148 6.56 -14.80 -32.93
N VAL D 149 6.46 -15.93 -32.22
CA VAL D 149 7.67 -16.65 -31.80
C VAL D 149 8.55 -16.98 -33.00
N LYS D 150 7.94 -17.32 -34.13
CA LYS D 150 8.70 -17.71 -35.29
C LYS D 150 9.47 -16.57 -35.91
N THR D 151 9.22 -15.33 -35.50
CA THR D 151 9.97 -14.19 -36.03
C THR D 151 11.28 -13.97 -35.29
N PHE D 152 11.47 -14.63 -34.08
CA PHE D 152 12.68 -14.45 -33.28
C PHE D 152 13.76 -15.47 -33.65
N PRO D 153 15.03 -15.15 -33.39
CA PRO D 153 16.10 -16.08 -33.76
C PRO D 153 16.36 -17.19 -32.74
N GLY D 154 16.09 -16.92 -31.47
CA GLY D 154 16.44 -17.85 -30.41
C GLY D 154 17.94 -17.92 -30.27
N PRO D 155 18.45 -18.70 -29.32
CA PRO D 155 19.90 -18.75 -29.08
C PRO D 155 20.68 -19.26 -30.30
N ARG D 156 21.91 -18.77 -30.43
CA ARG D 156 22.83 -19.35 -31.40
C ARG D 156 23.33 -20.72 -30.96
N VAL D 157 23.72 -20.88 -29.69
CA VAL D 157 24.39 -22.11 -29.25
C VAL D 157 23.45 -23.03 -28.48
N GLY D 158 22.88 -22.53 -27.38
CA GLY D 158 21.98 -23.36 -26.62
C GLY D 158 22.68 -24.43 -25.77
N ILE D 159 21.88 -25.43 -25.38
CA ILE D 159 22.42 -26.44 -24.47
C ILE D 159 23.18 -27.52 -25.23
N TYR D 160 22.52 -28.22 -26.14
CA TYR D 160 23.15 -29.37 -26.80
C TYR D 160 24.48 -29.00 -27.46
N ASP D 161 24.50 -27.91 -28.23
CA ASP D 161 25.71 -27.59 -28.98
C ASP D 161 26.82 -27.10 -28.09
N GLU D 162 26.50 -26.48 -26.95
CA GLU D 162 27.59 -26.18 -26.01
C GLU D 162 28.18 -27.47 -25.44
N ARG D 163 27.34 -28.45 -25.13
CA ARG D 163 27.86 -29.74 -24.69
C ARG D 163 28.77 -30.34 -25.76
N VAL D 164 28.40 -30.17 -27.02
CA VAL D 164 29.26 -30.63 -28.09
C VAL D 164 30.60 -29.88 -28.08
N TRP D 165 30.56 -28.55 -28.09
CA TRP D 165 31.81 -27.80 -28.15
C TRP D 165 32.76 -28.19 -27.02
N SER D 166 32.24 -28.33 -25.81
CA SER D 166 33.00 -28.63 -24.62
C SER D 166 33.29 -30.11 -24.46
N ASN D 167 32.54 -30.97 -25.14
CA ASN D 167 32.61 -32.40 -24.91
C ASN D 167 32.31 -32.73 -23.44
N LYS D 168 31.24 -32.15 -22.92
CA LYS D 168 30.82 -32.38 -21.53
C LYS D 168 29.37 -32.87 -21.50
N TRP D 169 29.16 -34.05 -20.92
CA TRP D 169 27.87 -34.70 -21.00
C TRP D 169 27.49 -35.26 -19.64
N ASP D 170 26.17 -35.43 -19.46
CA ASP D 170 25.60 -36.24 -18.38
C ASP D 170 25.93 -35.69 -16.98
N ARG D 171 26.18 -34.39 -16.90
CA ARG D 171 26.43 -33.74 -15.62
C ARG D 171 26.14 -32.26 -15.75
N PRO D 172 25.82 -31.60 -14.64
CA PRO D 172 25.83 -30.13 -14.66
C PRO D 172 27.23 -29.62 -14.95
N LEU D 173 27.30 -28.42 -15.51
CA LEU D 173 28.56 -27.72 -15.68
C LEU D 173 28.76 -26.79 -14.49
N ILE D 174 30.01 -26.56 -14.14
CA ILE D 174 30.38 -25.86 -12.93
C ILE D 174 31.20 -24.63 -13.30
N GLY D 175 30.88 -23.52 -12.64
CA GLY D 175 31.57 -22.26 -12.85
C GLY D 175 31.72 -21.48 -11.56
N GLY D 176 32.04 -20.19 -11.67
CA GLY D 176 32.30 -19.41 -10.49
C GLY D 176 32.69 -17.98 -10.75
N THR D 177 32.18 -17.06 -9.93
CA THR D 177 32.53 -15.66 -10.10
C THR D 177 33.88 -15.35 -9.45
N VAL D 178 34.78 -14.72 -10.21
CA VAL D 178 36.04 -14.26 -9.62
C VAL D 178 35.72 -13.23 -8.55
N LYS D 179 36.28 -13.41 -7.36
CA LYS D 179 36.09 -12.50 -6.25
C LYS D 179 37.46 -12.04 -5.76
N PRO D 180 37.57 -10.87 -5.13
CA PRO D 180 36.46 -9.92 -4.86
C PRO D 180 35.83 -9.32 -6.11
N LYS D 181 34.63 -8.74 -5.96
CA LYS D 181 33.84 -8.27 -7.11
C LYS D 181 34.65 -7.26 -7.93
N LEU D 182 35.11 -6.20 -7.26
CA LEU D 182 35.95 -5.18 -7.88
C LEU D 182 37.24 -5.02 -7.08
N GLY D 183 38.21 -4.34 -7.71
CA GLY D 183 39.46 -4.00 -7.06
C GLY D 183 40.63 -4.88 -7.41
N LEU D 184 40.39 -5.97 -8.12
CA LEU D 184 41.48 -6.84 -8.55
C LEU D 184 42.13 -6.33 -9.84
N SER D 185 43.44 -6.24 -9.83
CA SER D 185 44.16 -5.93 -11.04
C SER D 185 43.99 -7.05 -12.07
N PRO D 186 44.21 -6.73 -13.36
CA PRO D 186 44.05 -7.78 -14.38
C PRO D 186 44.96 -8.97 -14.17
N LYS D 187 46.21 -8.76 -13.74
CA LYS D 187 47.13 -9.88 -13.61
C LYS D 187 46.71 -10.79 -12.46
N ALA D 188 46.29 -10.21 -11.33
CA ALA D 188 45.72 -11.02 -10.25
C ALA D 188 44.50 -11.81 -10.71
N TYR D 189 43.57 -11.13 -11.38
CA TYR D 189 42.44 -11.82 -11.97
C TYR D 189 42.87 -13.07 -12.74
N SER D 190 43.85 -12.94 -13.59
CA SER D 190 44.36 -14.06 -14.40
C SER D 190 44.90 -15.17 -13.47
N THR D 191 45.47 -14.85 -12.32
CA THR D 191 45.97 -15.92 -11.47
C THR D 191 44.83 -16.73 -10.90
N ILE D 192 43.78 -16.05 -10.41
CA ILE D 192 42.64 -16.72 -9.79
C ILE D 192 41.92 -17.56 -10.81
N ILE D 193 41.80 -17.04 -12.03
CA ILE D 193 41.15 -17.78 -13.11
C ILE D 193 41.91 -19.07 -13.36
N TYR D 194 43.22 -18.98 -13.52
CA TYR D 194 44.05 -20.14 -13.78
C TYR D 194 43.87 -21.19 -12.69
N GLU D 195 43.92 -20.82 -11.43
CA GLU D 195 43.81 -21.75 -10.28
C GLU D 195 42.44 -22.45 -10.23
N CYS D 196 41.34 -21.70 -10.37
CA CYS D 196 39.96 -22.22 -10.28
C CYS D 196 39.67 -23.13 -11.46
N LEU D 197 40.09 -22.77 -12.67
CA LEU D 197 39.82 -23.59 -13.85
C LEU D 197 40.67 -24.86 -13.77
N SER D 198 41.93 -24.78 -13.36
CA SER D 198 42.78 -25.96 -13.26
C SER D 198 42.29 -26.90 -12.19
N GLY D 199 41.66 -26.40 -11.13
CA GLY D 199 41.16 -27.24 -10.07
C GLY D 199 39.85 -27.94 -10.35
N GLY D 200 39.12 -27.51 -11.38
CA GLY D 200 37.92 -28.23 -11.73
C GLY D 200 36.78 -27.47 -12.34
N LEU D 201 36.74 -26.15 -12.18
CA LEU D 201 35.65 -25.40 -12.79
C LEU D 201 35.71 -25.60 -14.30
N ASP D 202 34.52 -25.67 -14.91
CA ASP D 202 34.40 -25.69 -16.37
C ASP D 202 34.50 -24.30 -16.97
N THR D 203 34.09 -23.28 -16.21
CA THR D 203 34.17 -21.89 -16.63
C THR D 203 34.45 -21.01 -15.42
N SER D 204 34.84 -19.78 -15.67
CA SER D 204 34.99 -18.76 -14.63
C SER D 204 34.32 -17.53 -15.26
N ASP D 206 33.83 -12.96 -15.08
CA ASP D 206 33.84 -11.60 -14.55
C ASP D 206 32.62 -11.42 -13.66
N ASP D 207 32.68 -10.51 -12.69
CA ASP D 207 31.46 -10.11 -12.01
C ASP D 207 30.67 -9.16 -12.90
N GLU D 208 29.35 -9.14 -12.71
CA GLU D 208 28.49 -8.35 -13.57
C GLU D 208 28.91 -6.90 -13.64
N ASN D 209 29.47 -6.36 -12.54
CA ASN D 209 29.89 -4.97 -12.50
C ASN D 209 31.36 -4.73 -12.87
N MET D 210 32.10 -5.81 -13.15
CA MET D 210 33.43 -5.66 -13.75
C MET D 210 33.24 -5.31 -15.21
N ASN D 211 33.49 -4.05 -15.58
CA ASN D 211 33.43 -3.62 -16.97
C ASN D 211 34.79 -3.16 -17.36
N SER D 212 35.05 -1.84 -17.41
CA SER D 212 36.40 -1.29 -17.59
C SER D 212 36.53 -0.14 -16.59
N GLN D 213 37.42 -0.29 -15.63
CA GLN D 213 37.61 0.65 -14.54
C GLN D 213 39.09 0.89 -14.30
N PRO D 214 39.43 1.94 -13.55
CA PRO D 214 40.86 2.25 -13.34
C PRO D 214 41.69 1.11 -12.76
N PHE D 215 41.12 0.26 -11.92
CA PHE D 215 41.83 -0.88 -11.34
C PHE D 215 41.92 -2.07 -12.29
N SER D 216 41.13 -2.08 -13.39
CA SER D 216 41.15 -3.21 -14.34
C SER D 216 40.54 -2.75 -15.68
N ARG D 217 41.40 -2.28 -16.58
CA ARG D 217 40.96 -1.87 -17.90
C ARG D 217 40.70 -3.10 -18.75
N TRP D 218 39.62 -3.05 -19.53
CA TRP D 218 39.07 -4.28 -20.10
C TRP D 218 40.04 -5.02 -21.01
N ARG D 219 40.89 -4.32 -21.76
CA ARG D 219 41.80 -5.02 -22.65
C ARG D 219 42.82 -5.82 -21.86
N ASP D 220 43.39 -5.21 -20.82
CA ASP D 220 44.29 -5.96 -19.96
C ASP D 220 43.62 -7.24 -19.44
N ARG D 221 42.44 -7.10 -18.87
CA ARG D 221 41.82 -8.22 -18.18
C ARG D 221 41.42 -9.31 -19.16
N PHE D 222 40.87 -8.92 -20.31
CA PHE D 222 40.48 -9.92 -21.30
C PHE D 222 41.71 -10.72 -21.72
N MET D 223 42.81 -10.01 -22.00
CA MET D 223 44.02 -10.64 -22.55
C MET D 223 44.61 -11.61 -21.55
N TYR D 224 44.82 -11.16 -20.31
CA TYR D 224 45.37 -12.05 -19.28
C TYR D 224 44.40 -13.19 -18.95
N ALA D 225 43.11 -12.88 -18.86
CA ALA D 225 42.13 -13.93 -18.55
C ALA D 225 42.19 -15.03 -19.58
N GLN D 226 42.19 -14.66 -20.87
CA GLN D 226 42.09 -15.70 -21.91
C GLN D 226 43.35 -16.57 -21.95
N GLU D 227 44.52 -16.02 -21.65
CA GLU D 227 45.71 -16.86 -21.70
C GLU D 227 45.70 -17.83 -20.51
N ALA D 228 45.17 -17.41 -19.37
CA ALA D 228 44.95 -18.34 -18.27
C ALA D 228 44.00 -19.46 -18.69
N VAL D 229 42.90 -19.11 -19.34
CA VAL D 229 41.99 -20.12 -19.85
C VAL D 229 42.76 -21.15 -20.69
N ASP D 230 43.48 -20.67 -21.71
CA ASP D 230 44.15 -21.57 -22.65
C ASP D 230 45.21 -22.41 -21.94
N ARG D 231 45.89 -21.83 -20.97
CA ARG D 231 46.91 -22.57 -20.22
C ARG D 231 46.19 -23.66 -19.44
N ALA D 232 45.16 -23.31 -18.69
CA ALA D 232 44.47 -24.28 -17.87
C ALA D 232 43.88 -25.38 -18.74
N ALA D 233 43.42 -25.02 -19.91
CA ALA D 233 42.81 -26.01 -20.78
C ALA D 233 43.85 -26.96 -21.32
N ALA D 234 45.05 -26.45 -21.57
CA ALA D 234 46.11 -27.29 -22.13
C ALA D 234 46.68 -28.24 -21.08
N GLU D 235 46.86 -27.75 -19.86
CA GLU D 235 47.37 -28.59 -18.79
C GLU D 235 46.37 -29.63 -18.29
N THR D 236 45.08 -29.36 -18.38
CA THR D 236 44.05 -30.30 -17.93
C THR D 236 43.52 -31.18 -19.05
N ASN D 237 43.98 -30.93 -20.29
CA ASN D 237 43.37 -31.54 -21.47
C ASN D 237 41.84 -31.53 -21.40
N GLU D 238 41.27 -30.43 -20.91
CA GLU D 238 39.84 -30.26 -20.81
C GLU D 238 39.46 -28.88 -21.37
N PHE D 239 38.36 -28.84 -22.11
CA PHE D 239 37.83 -27.57 -22.61
C PHE D 239 37.59 -26.64 -21.42
N LYS D 240 38.03 -25.39 -21.57
CA LYS D 240 37.82 -24.40 -20.52
C LYS D 240 37.39 -23.08 -21.16
N GLY D 241 36.84 -22.20 -20.34
CA GLY D 241 36.40 -20.90 -20.82
C GLY D 241 36.21 -19.92 -19.69
N HIS D 242 36.26 -18.65 -20.05
CA HIS D 242 36.02 -17.54 -19.13
C HIS D 242 35.01 -16.58 -19.78
N TRP D 243 33.98 -16.22 -19.03
CA TRP D 243 32.95 -15.32 -19.57
C TRP D 243 33.44 -13.88 -19.39
N HIS D 244 34.07 -13.36 -20.43
CA HIS D 244 34.53 -11.98 -20.43
C HIS D 244 33.33 -11.06 -20.46
N ASN D 245 33.29 -10.08 -19.57
CA ASN D 245 32.13 -9.19 -19.50
C ASN D 245 32.27 -8.08 -20.55
N VAL D 246 31.44 -8.15 -21.59
CA VAL D 246 31.48 -7.10 -22.60
C VAL D 246 30.42 -6.04 -22.35
N THR D 247 29.72 -6.13 -21.22
CA THR D 247 28.79 -5.08 -20.82
C THR D 247 29.49 -3.70 -20.83
N ALA D 248 28.83 -2.69 -21.42
CA ALA D 248 29.43 -1.37 -21.52
C ALA D 248 28.33 -0.32 -21.65
N GLY D 249 28.75 0.95 -21.72
CA GLY D 249 27.82 2.07 -21.81
C GLY D 249 27.20 2.33 -23.16
N SER D 250 27.65 1.64 -24.21
CA SER D 250 27.10 1.80 -25.55
C SER D 250 27.05 0.44 -26.19
N THR D 251 26.11 0.26 -27.11
CA THR D 251 26.11 -0.96 -27.91
C THR D 251 27.40 -1.06 -28.71
N GLU D 252 27.87 0.07 -29.22
CA GLU D 252 29.06 0.10 -30.05
C GLU D 252 30.29 -0.34 -29.27
N GLU D 253 30.43 0.16 -28.05
CA GLU D 253 31.57 -0.22 -27.23
C GLU D 253 31.49 -1.70 -26.86
N SER D 254 30.28 -2.21 -26.60
CA SER D 254 30.13 -3.63 -26.25
C SER D 254 30.51 -4.52 -27.44
N LEU D 255 30.17 -4.08 -28.65
CA LEU D 255 30.56 -4.87 -29.80
C LEU D 255 32.08 -4.82 -30.01
N ARG D 256 32.69 -3.69 -29.66
CA ARG D 256 34.15 -3.55 -29.70
C ARG D 256 34.81 -4.56 -28.76
N ARG D 257 34.29 -4.68 -27.54
CA ARG D 257 34.83 -5.64 -26.57
C ARG D 257 34.55 -7.09 -26.96
N LEU D 258 33.36 -7.37 -27.47
CA LEU D 258 33.07 -8.71 -27.97
C LEU D 258 34.04 -9.13 -29.08
N GLU D 259 34.39 -8.23 -29.98
CA GLU D 259 35.24 -8.71 -31.07
C GLU D 259 36.71 -8.81 -30.67
N TYR D 260 37.18 -8.04 -29.70
CA TYR D 260 38.50 -8.34 -29.14
C TYR D 260 38.51 -9.72 -28.51
N ALA D 261 37.45 -10.06 -27.75
CA ALA D 261 37.37 -11.38 -27.13
C ALA D 261 37.37 -12.48 -28.19
N TYR D 262 36.64 -12.25 -29.27
CA TYR D 262 36.75 -13.15 -30.40
C TYR D 262 38.19 -13.25 -30.89
N GLU D 263 38.90 -12.12 -30.97
CA GLU D 263 40.24 -12.13 -31.54
C GLU D 263 41.23 -12.84 -30.62
N LEU D 264 40.94 -12.85 -29.33
CA LEU D 264 41.77 -13.58 -28.37
C LEU D 264 41.54 -15.08 -28.43
N GLY D 265 40.51 -15.54 -29.15
CA GLY D 265 40.18 -16.96 -29.18
C GLY D 265 39.05 -17.38 -28.27
N SER D 266 38.49 -16.46 -27.49
CA SER D 266 37.39 -16.81 -26.61
C SER D 266 36.18 -17.32 -27.38
N ARG D 267 35.55 -18.36 -26.85
CA ARG D 267 34.31 -18.88 -27.40
C ARG D 267 33.08 -18.41 -26.62
N MET D 268 33.24 -17.35 -25.84
CA MET D 268 32.16 -16.98 -24.93
C MET D 268 32.45 -15.63 -24.34
N VAL D 269 31.37 -14.92 -23.97
CA VAL D 269 31.39 -13.67 -23.23
C VAL D 269 30.14 -13.64 -22.35
N MET D 270 30.07 -12.65 -21.46
CA MET D 270 28.88 -12.42 -20.66
C MET D 270 28.39 -11.00 -20.94
N PHE D 271 27.14 -10.75 -20.56
CA PHE D 271 26.44 -9.52 -20.89
C PHE D 271 25.30 -9.33 -19.91
N ASP D 272 25.24 -8.15 -19.27
CA ASP D 272 24.16 -7.76 -18.35
C ASP D 272 23.02 -7.24 -19.23
N PHE D 273 22.19 -8.17 -19.71
CA PHE D 273 21.25 -7.85 -20.79
C PHE D 273 20.14 -6.90 -20.33
N LEU D 274 19.83 -6.86 -19.05
CA LEU D 274 18.81 -5.93 -18.59
C LEU D 274 19.40 -4.54 -18.32
N THR D 275 20.58 -4.44 -17.69
CA THR D 275 21.14 -3.12 -17.47
C THR D 275 21.59 -2.47 -18.79
N ALA D 276 22.05 -3.27 -19.74
CA ALA D 276 22.35 -2.74 -21.05
C ALA D 276 21.08 -2.50 -21.84
N GLY D 277 20.13 -3.43 -21.76
CA GLY D 277 18.86 -3.29 -22.45
C GLY D 277 18.70 -4.31 -23.56
N PHE D 278 17.44 -4.63 -23.88
CA PHE D 278 17.14 -5.67 -24.88
C PHE D 278 17.59 -5.26 -26.27
N ALA D 279 17.55 -3.97 -26.59
CA ALA D 279 17.96 -3.52 -27.91
C ALA D 279 19.47 -3.77 -28.15
N ALA D 280 20.31 -3.32 -27.21
CA ALA D 280 21.74 -3.66 -27.27
C ALA D 280 21.95 -5.17 -27.27
N SER D 281 21.21 -5.89 -26.41
CA SER D 281 21.40 -7.32 -26.29
C SER D 281 21.16 -8.01 -27.62
N ALA D 282 20.19 -7.51 -28.40
CA ALA D 282 19.91 -8.14 -29.69
C ALA D 282 21.09 -7.98 -30.62
N ASP D 283 21.76 -6.82 -30.58
CA ASP D 283 22.90 -6.60 -31.46
C ASP D 283 24.09 -7.44 -31.04
N ILE D 284 24.22 -7.67 -29.72
CA ILE D 284 25.33 -8.47 -29.20
C ILE D 284 25.11 -9.93 -29.53
N PHE D 285 23.86 -10.42 -29.40
CA PHE D 285 23.56 -11.79 -29.76
C PHE D 285 23.80 -12.02 -31.24
N LYS D 286 23.37 -11.08 -32.09
CA LYS D 286 23.56 -11.25 -33.53
C LYS D 286 25.04 -11.37 -33.87
N ARG D 287 25.85 -10.41 -33.43
CA ARG D 287 27.27 -10.43 -33.70
C ARG D 287 27.90 -11.70 -33.13
N ALA D 288 27.58 -12.04 -31.87
CA ALA D 288 28.24 -13.18 -31.23
C ALA D 288 27.96 -14.44 -32.03
N GLY D 289 26.70 -14.58 -32.50
CA GLY D 289 26.34 -15.71 -33.33
C GLY D 289 27.11 -15.74 -34.64
N GLU D 290 27.35 -14.58 -35.24
CA GLU D 290 28.22 -14.54 -36.42
C GLU D 290 29.67 -14.91 -36.07
N LEU D 291 30.09 -14.68 -34.84
CA LEU D 291 31.44 -14.97 -34.36
C LEU D 291 31.53 -16.32 -33.65
N ASP D 292 30.48 -17.13 -33.76
CA ASP D 292 30.45 -18.47 -33.20
C ASP D 292 30.82 -18.47 -31.72
N MET D 293 30.20 -17.56 -30.98
CA MET D 293 30.45 -17.42 -29.53
C MET D 293 29.16 -17.45 -28.62
N ILE D 294 29.29 -18.16 -27.54
CA ILE D 294 28.24 -18.19 -26.50
C ILE D 294 28.15 -16.83 -25.83
N VAL D 295 26.92 -16.43 -25.52
CA VAL D 295 26.68 -15.26 -24.70
C VAL D 295 25.96 -15.68 -23.42
N HIS D 296 26.66 -15.54 -22.30
CA HIS D 296 26.12 -15.84 -20.97
C HIS D 296 25.47 -14.58 -20.41
N CYS D 297 24.17 -14.65 -20.12
CA CYS D 297 23.37 -13.47 -19.83
C CYS D 297 23.11 -13.33 -18.34
N HIS D 298 23.65 -12.27 -17.74
CA HIS D 298 23.46 -11.95 -16.34
C HIS D 298 22.24 -11.06 -16.14
N ARG D 299 21.34 -11.46 -15.28
CA ARG D 299 20.06 -10.78 -15.08
C ARG D 299 20.19 -9.60 -14.12
N ALA D 300 21.34 -8.97 -13.99
CA ALA D 300 21.48 -7.88 -13.03
C ALA D 300 20.41 -6.82 -13.23
N MET D 301 19.92 -6.26 -12.10
CA MET D 301 18.86 -5.26 -12.01
C MET D 301 17.47 -5.89 -11.84
N HIS D 302 17.30 -7.11 -12.32
CA HIS D 302 15.98 -7.79 -12.42
C HIS D 302 15.17 -7.65 -11.14
N ALA D 303 15.76 -7.91 -9.98
CA ALA D 303 15.02 -7.89 -8.72
C ALA D 303 14.43 -6.52 -8.42
N VAL D 304 14.83 -5.49 -9.17
CA VAL D 304 14.23 -4.17 -9.01
C VAL D 304 12.76 -4.22 -9.35
N PHE D 305 12.38 -5.19 -10.19
CA PHE D 305 10.99 -5.30 -10.59
C PHE D 305 10.46 -6.72 -10.66
N THR D 306 11.28 -7.74 -10.39
CA THR D 306 10.78 -9.12 -10.42
C THR D 306 10.45 -9.67 -9.04
N ARG D 307 10.83 -8.97 -7.96
CA ARG D 307 10.78 -9.57 -6.64
C ARG D 307 9.40 -9.47 -6.00
N GLN D 308 8.89 -8.25 -5.82
CA GLN D 308 7.64 -8.07 -5.08
C GLN D 308 6.48 -8.75 -5.80
N ALA D 309 5.71 -9.53 -5.05
CA ALA D 309 4.66 -10.34 -5.64
C ALA D 309 3.49 -9.52 -6.15
N ASN D 310 3.31 -8.30 -5.64
CA ASN D 310 2.16 -7.49 -5.99
C ASN D 310 2.43 -6.47 -7.10
N HIS D 311 3.69 -6.26 -7.49
CA HIS D 311 3.98 -5.24 -8.49
C HIS D 311 5.27 -5.53 -9.20
N GLY D 312 5.21 -5.42 -10.53
CA GLY D 312 6.39 -5.69 -11.31
C GLY D 312 6.21 -6.64 -12.47
N ILE D 313 7.28 -7.28 -12.93
CA ILE D 313 7.23 -8.26 -13.99
C ILE D 313 7.82 -9.53 -13.44
N ALA D 314 7.10 -10.64 -13.59
CA ALA D 314 7.62 -11.93 -13.12
C ALA D 314 8.83 -12.37 -13.96
N MET D 315 9.80 -12.97 -13.26
CA MET D 315 11.01 -13.44 -13.93
C MET D 315 10.68 -14.41 -15.06
N ARG D 316 9.59 -15.19 -14.90
CA ARG D 316 9.25 -16.14 -15.97
C ARG D 316 9.01 -15.42 -17.30
N VAL D 317 8.47 -14.20 -17.27
CA VAL D 317 8.27 -13.45 -18.51
C VAL D 317 9.62 -13.00 -19.07
N VAL D 318 10.46 -12.44 -18.21
CA VAL D 318 11.81 -12.06 -18.60
C VAL D 318 12.54 -13.23 -19.24
N ALA D 319 12.40 -14.42 -18.64
CA ALA D 319 13.03 -15.62 -19.19
C ALA D 319 12.58 -15.87 -20.61
N LYS D 320 11.28 -15.66 -20.89
CA LYS D 320 10.75 -15.94 -22.23
C LYS D 320 11.31 -14.96 -23.24
N TRP D 321 11.38 -13.66 -22.87
CA TRP D 321 11.92 -12.66 -23.78
C TRP D 321 13.41 -12.91 -24.05
N LEU D 322 14.16 -13.29 -23.02
CA LEU D 322 15.58 -13.55 -23.17
C LEU D 322 15.82 -14.72 -24.12
N ARG D 323 15.10 -15.82 -23.91
CA ARG D 323 15.30 -16.97 -24.79
C ARG D 323 14.95 -16.64 -26.23
N LEU D 324 13.87 -15.89 -26.43
CA LEU D 324 13.48 -15.53 -27.79
C LEU D 324 14.52 -14.63 -28.44
N THR D 325 15.00 -13.62 -27.71
CA THR D 325 15.99 -12.69 -28.26
C THR D 325 17.30 -13.41 -28.61
N GLY D 326 17.75 -14.35 -27.77
CA GLY D 326 18.89 -15.15 -28.17
C GLY D 326 19.94 -15.47 -27.12
N GLY D 327 19.60 -15.28 -25.84
CA GLY D 327 20.54 -15.59 -24.75
C GLY D 327 20.80 -17.09 -24.65
N ASP D 328 22.09 -17.45 -24.53
CA ASP D 328 22.48 -18.85 -24.42
C ASP D 328 22.39 -19.35 -22.99
N HIS D 329 22.67 -18.52 -22.00
CA HIS D 329 22.54 -18.86 -20.60
C HIS D 329 21.69 -17.80 -19.93
N LEU D 330 21.03 -18.15 -18.83
CA LEU D 330 20.31 -17.16 -18.04
C LEU D 330 20.31 -17.59 -16.59
N HIS D 331 20.73 -16.69 -15.71
CA HIS D 331 20.59 -16.92 -14.27
C HIS D 331 19.13 -17.07 -13.89
N THR D 332 18.83 -18.08 -13.06
CA THR D 332 17.45 -18.43 -12.75
C THR D 332 17.22 -18.61 -11.26
N GLY D 333 18.25 -18.50 -10.45
CA GLY D 333 18.15 -18.56 -9.01
C GLY D 333 18.75 -19.85 -8.45
N THR D 334 18.99 -19.82 -7.15
CA THR D 334 19.42 -20.99 -6.41
C THR D 334 18.33 -21.59 -5.54
N VAL D 335 17.35 -20.77 -5.11
CA VAL D 335 16.31 -21.16 -4.17
C VAL D 335 16.88 -21.26 -2.75
N VAL D 336 17.99 -22.00 -2.62
CA VAL D 336 18.55 -22.29 -1.32
C VAL D 336 19.70 -21.37 -0.95
N GLY D 337 20.04 -20.40 -1.78
CA GLY D 337 21.20 -19.57 -1.62
C GLY D 337 20.90 -18.24 -0.95
N LYS D 338 21.75 -17.26 -1.21
CA LYS D 338 21.63 -15.94 -0.55
C LYS D 338 20.59 -15.03 -1.18
N LEU D 339 20.11 -15.31 -2.39
CA LEU D 339 19.14 -14.48 -3.08
C LEU D 339 17.78 -15.16 -3.13
N GLU D 340 16.74 -14.34 -3.12
CA GLU D 340 15.38 -14.83 -2.97
C GLU D 340 14.93 -15.59 -4.22
N GLY D 341 14.08 -16.59 -3.99
CA GLY D 341 13.57 -17.41 -5.07
C GLY D 341 12.84 -18.61 -4.53
N SER D 342 11.70 -18.95 -5.12
CA SER D 342 10.89 -20.07 -4.65
C SER D 342 11.09 -21.29 -5.55
N TRP D 343 10.97 -22.46 -4.94
CA TRP D 343 11.22 -23.72 -5.63
C TRP D 343 10.34 -23.88 -6.86
N ASN D 344 9.02 -23.80 -6.69
CA ASN D 344 8.14 -24.14 -7.82
C ASN D 344 8.14 -23.05 -8.90
N ASP D 345 8.27 -21.78 -8.51
CA ASP D 345 8.47 -20.73 -9.49
C ASP D 345 9.70 -21.01 -10.33
N THR D 346 10.83 -21.34 -9.67
CA THR D 346 12.05 -21.68 -10.39
C THR D 346 11.85 -22.90 -11.29
N LEU D 347 11.12 -23.90 -10.83
CA LEU D 347 10.85 -25.05 -11.71
C LEU D 347 10.20 -24.63 -13.03
N GLY D 348 9.34 -23.62 -13.00
CA GLY D 348 8.64 -23.19 -14.20
C GLY D 348 9.51 -22.33 -15.09
N ILE D 349 10.34 -21.49 -14.49
CA ILE D 349 11.34 -20.76 -15.26
C ILE D 349 12.26 -21.74 -16.00
N ILE D 350 12.67 -22.81 -15.33
CA ILE D 350 13.60 -23.74 -15.96
C ILE D 350 12.95 -24.38 -17.19
N ASP D 351 11.69 -24.76 -17.07
CA ASP D 351 10.98 -25.33 -18.21
C ASP D 351 10.92 -24.34 -19.37
N ILE D 352 10.65 -23.07 -19.07
CA ILE D 352 10.57 -22.04 -20.11
C ILE D 352 11.89 -21.96 -20.87
N LEU D 353 13.01 -22.19 -20.19
CA LEU D 353 14.27 -22.01 -20.89
C LEU D 353 14.67 -23.23 -21.70
N ARG D 354 14.20 -24.42 -21.30
CA ARG D 354 14.75 -25.65 -21.82
C ARG D 354 13.82 -26.40 -22.78
N GLU D 355 12.51 -26.27 -22.62
CA GLU D 355 11.59 -27.16 -23.33
C GLU D 355 11.10 -26.52 -24.60
N ARG D 356 10.68 -27.35 -25.54
CA ARG D 356 10.06 -26.84 -26.75
C ARG D 356 8.64 -26.34 -26.45
N TYR D 357 7.88 -27.09 -25.66
CA TYR D 357 6.49 -26.77 -25.37
C TYR D 357 6.26 -26.84 -23.87
N VAL D 358 5.92 -25.72 -23.27
CA VAL D 358 5.58 -25.65 -21.86
C VAL D 358 4.06 -25.69 -21.72
N LYS D 359 3.57 -26.53 -20.81
CA LYS D 359 2.14 -26.62 -20.55
C LYS D 359 1.81 -25.83 -19.30
N ALA D 360 0.66 -25.15 -19.33
CA ALA D 360 0.25 -24.32 -18.21
C ALA D 360 0.16 -25.15 -16.95
N ASN D 361 0.49 -24.55 -15.80
CA ASN D 361 0.55 -25.23 -14.51
C ASN D 361 0.74 -24.18 -13.43
N LEU D 362 -0.36 -23.71 -12.83
CA LEU D 362 -0.25 -22.61 -11.89
C LEU D 362 0.53 -22.98 -10.66
N GLU D 363 0.72 -24.28 -10.39
CA GLU D 363 1.60 -24.71 -9.32
C GLU D 363 3.01 -24.15 -9.50
N HIS D 364 3.45 -24.08 -10.76
CA HIS D 364 4.75 -23.54 -11.13
C HIS D 364 4.67 -22.12 -11.66
N GLY D 365 3.54 -21.43 -11.44
CA GLY D 365 3.37 -20.06 -11.87
C GLY D 365 3.15 -19.88 -13.36
N LEU D 366 2.95 -20.95 -14.11
CA LEU D 366 2.74 -20.87 -15.54
C LEU D 366 1.24 -20.77 -15.81
N TYR D 367 0.78 -19.61 -16.27
CA TYR D 367 -0.63 -19.37 -16.53
C TYR D 367 -1.05 -19.77 -17.92
N PHE D 368 -0.11 -20.05 -18.81
CA PHE D 368 -0.40 -20.32 -20.22
C PHE D 368 0.48 -21.45 -20.73
N ASP D 369 -0.03 -22.16 -21.74
CA ASP D 369 0.82 -22.98 -22.58
C ASP D 369 1.70 -22.09 -23.44
N GLN D 370 2.98 -22.44 -23.58
CA GLN D 370 3.91 -21.68 -24.40
C GLN D 370 4.63 -22.62 -25.37
N ASP D 371 4.57 -22.29 -26.65
CA ASP D 371 5.34 -22.99 -27.69
C ASP D 371 6.55 -22.14 -28.05
N PHE D 372 7.72 -22.77 -28.12
CA PHE D 372 8.93 -22.08 -28.56
C PHE D 372 9.34 -22.45 -29.97
N GLY D 373 8.60 -23.33 -30.63
CA GLY D 373 8.69 -23.45 -32.07
C GLY D 373 10.03 -23.91 -32.61
N GLY D 374 10.71 -24.80 -31.90
CA GLY D 374 11.99 -25.31 -32.35
C GLY D 374 13.18 -24.43 -32.03
N LEU D 375 12.97 -23.27 -31.41
CA LEU D 375 14.08 -22.44 -31.00
C LEU D 375 14.94 -23.15 -29.98
N LYS D 376 16.24 -22.89 -30.02
CA LYS D 376 17.16 -23.60 -29.14
C LYS D 376 16.84 -23.26 -27.69
N ALA D 377 17.26 -24.14 -26.79
CA ALA D 377 17.12 -23.95 -25.36
C ALA D 377 18.25 -23.07 -24.79
N SER D 378 17.97 -22.49 -23.63
CA SER D 378 18.95 -21.73 -22.88
C SER D 378 19.29 -22.46 -21.60
N TRP D 379 20.57 -22.38 -21.19
CA TRP D 379 21.02 -23.01 -19.97
C TRP D 379 20.50 -22.26 -18.76
N PRO D 380 19.78 -22.90 -17.85
CA PRO D 380 19.61 -22.31 -16.51
C PRO D 380 20.96 -22.16 -15.82
N VAL D 381 21.05 -21.17 -14.93
CA VAL D 381 22.28 -20.89 -14.19
C VAL D 381 21.93 -20.62 -12.72
N ALA D 382 22.30 -21.54 -11.83
CA ALA D 382 22.13 -21.36 -10.39
C ALA D 382 23.39 -20.74 -9.81
N SER D 383 23.22 -19.65 -9.05
CA SER D 383 24.38 -18.92 -8.56
C SER D 383 23.96 -17.96 -7.46
N GLY D 384 24.83 -17.80 -6.47
CA GLY D 384 24.57 -16.88 -5.37
C GLY D 384 24.48 -17.52 -4.00
N GLY D 385 25.59 -17.48 -3.27
CA GLY D 385 25.62 -17.95 -1.91
C GLY D 385 25.57 -19.45 -1.71
N ILE D 386 25.99 -20.23 -2.70
CA ILE D 386 25.88 -21.68 -2.64
C ILE D 386 27.24 -22.34 -2.41
N HIS D 387 27.20 -23.45 -1.69
CA HIS D 387 28.41 -24.22 -1.39
C HIS D 387 28.11 -25.71 -1.48
N VAL D 388 29.10 -26.54 -1.14
CA VAL D 388 29.02 -27.97 -1.44
C VAL D 388 27.75 -28.58 -0.87
N HIS D 389 27.30 -28.13 0.30
CA HIS D 389 26.15 -28.75 0.93
C HIS D 389 24.87 -28.59 0.10
N HIS D 390 24.82 -27.60 -0.78
CA HIS D 390 23.60 -27.31 -1.54
C HIS D 390 23.44 -28.17 -2.78
N VAL D 391 24.51 -28.90 -3.16
CA VAL D 391 24.51 -29.57 -4.47
C VAL D 391 23.40 -30.61 -4.60
N PRO D 392 23.09 -31.42 -3.57
CA PRO D 392 21.94 -32.34 -3.71
C PRO D 392 20.65 -31.64 -4.07
N ASP D 393 20.30 -30.54 -3.39
CA ASP D 393 19.09 -29.81 -3.74
C ASP D 393 19.20 -29.15 -5.10
N LEU D 394 20.37 -28.61 -5.44
CA LEU D 394 20.54 -27.99 -6.74
C LEU D 394 20.27 -28.98 -7.88
N LEU D 395 20.78 -30.21 -7.74
CA LEU D 395 20.51 -31.22 -8.75
C LEU D 395 19.05 -31.64 -8.74
N LYS D 396 18.40 -31.68 -7.57
CA LYS D 396 16.97 -31.99 -7.52
C LYS D 396 16.14 -30.91 -8.18
N ILE D 397 16.60 -29.66 -8.21
CA ILE D 397 15.88 -28.58 -8.89
C ILE D 397 16.12 -28.58 -10.40
N TYR D 398 17.36 -28.80 -10.82
CA TYR D 398 17.78 -28.51 -12.18
C TYR D 398 18.07 -29.75 -13.02
N GLY D 399 18.50 -30.86 -12.39
CA GLY D 399 18.95 -31.96 -13.20
C GLY D 399 20.28 -31.60 -13.80
N ASN D 400 20.62 -32.27 -14.91
CA ASN D 400 21.97 -32.15 -15.46
C ASN D 400 22.19 -30.90 -16.32
N ASP D 401 21.13 -30.38 -16.94
CA ASP D 401 21.25 -29.30 -17.92
C ASP D 401 21.14 -27.94 -17.24
N ALA D 402 22.20 -27.60 -16.51
CA ALA D 402 22.31 -26.30 -15.88
C ALA D 402 23.77 -26.03 -15.56
N PHE D 403 24.07 -24.78 -15.24
CA PHE D 403 25.33 -24.37 -14.62
C PHE D 403 25.07 -24.14 -13.14
N PHE D 404 25.96 -24.63 -12.29
CA PHE D 404 26.06 -24.18 -10.88
C PHE D 404 27.37 -23.40 -10.67
N LEU D 405 27.24 -22.18 -10.18
CA LEU D 405 28.38 -21.27 -10.04
C LEU D 405 28.71 -21.11 -8.57
N PHE D 406 30.02 -21.20 -8.25
CA PHE D 406 30.53 -21.05 -6.88
C PHE D 406 31.58 -19.94 -6.88
N GLY D 407 31.18 -18.75 -6.44
CA GLY D 407 32.14 -17.67 -6.29
C GLY D 407 32.85 -17.74 -4.95
N GLY D 408 32.27 -17.13 -3.93
CA GLY D 408 32.80 -17.31 -2.58
C GLY D 408 33.00 -18.77 -2.21
N GLY D 409 32.12 -19.64 -2.69
CA GLY D 409 32.18 -21.07 -2.43
C GLY D 409 33.35 -21.78 -3.08
N THR D 410 34.05 -21.11 -3.99
CA THR D 410 35.32 -21.58 -4.53
C THR D 410 36.51 -20.84 -3.91
N HIS D 411 36.48 -19.50 -3.92
CA HIS D 411 37.61 -18.71 -3.47
C HIS D 411 37.65 -18.49 -1.97
N GLY D 412 36.61 -18.88 -1.26
CA GLY D 412 36.62 -18.81 0.19
C GLY D 412 36.96 -20.15 0.82
N HIS D 413 37.59 -21.01 0.03
CA HIS D 413 38.13 -22.25 0.58
C HIS D 413 39.29 -21.92 1.51
N PRO D 414 39.41 -22.60 2.67
CA PRO D 414 40.47 -22.23 3.63
C PRO D 414 41.84 -22.28 3.03
N ASP D 415 42.02 -23.06 1.98
CA ASP D 415 43.33 -23.22 1.39
C ASP D 415 43.53 -22.40 0.13
N GLY D 416 42.52 -22.24 -0.69
CA GLY D 416 42.62 -21.35 -1.83
C GLY D 416 41.70 -21.79 -2.97
N SER D 417 41.96 -21.21 -4.13
CA SER D 417 41.02 -21.25 -5.24
C SER D 417 41.04 -22.60 -5.95
N ARG D 418 42.21 -23.15 -6.23
CA ARG D 418 42.26 -24.47 -6.84
C ARG D 418 41.63 -25.52 -5.94
N ALA D 419 41.99 -25.50 -4.64
CA ALA D 419 41.42 -26.46 -3.71
C ALA D 419 39.90 -26.31 -3.61
N GLY D 420 39.42 -25.07 -3.54
CA GLY D 420 37.98 -24.85 -3.54
C GLY D 420 37.29 -25.38 -4.79
N ALA D 421 37.96 -25.29 -5.94
CA ALA D 421 37.40 -25.82 -7.17
C ALA D 421 37.40 -27.34 -7.19
N ILE D 422 38.47 -27.96 -6.70
CA ILE D 422 38.53 -29.42 -6.64
C ILE D 422 37.39 -29.94 -5.80
N ALA D 423 37.11 -29.27 -4.67
CA ALA D 423 36.01 -29.65 -3.80
C ALA D 423 34.67 -29.58 -4.52
N ASN D 424 34.39 -28.45 -5.18
CA ASN D 424 33.12 -28.30 -5.85
C ASN D 424 32.97 -29.31 -6.99
N ARG D 425 34.03 -29.50 -7.78
CA ARG D 425 33.93 -30.47 -8.87
C ARG D 425 33.62 -31.85 -8.33
N ALA D 426 34.34 -32.26 -7.26
CA ALA D 426 34.13 -33.58 -6.67
C ALA D 426 32.72 -33.72 -6.11
N ALA D 427 32.21 -32.66 -5.49
CA ALA D 427 30.86 -32.68 -4.93
C ALA D 427 29.80 -32.92 -6.00
N VAL D 428 29.95 -32.29 -7.17
CA VAL D 428 28.91 -32.36 -8.19
C VAL D 428 29.02 -33.66 -8.96
N GLU D 429 30.25 -34.10 -9.28
CA GLU D 429 30.42 -35.38 -9.96
C GLU D 429 29.96 -36.53 -9.08
N ALA D 430 30.12 -36.39 -7.77
CA ALA D 430 29.64 -37.40 -6.83
C ALA D 430 28.11 -37.47 -6.87
N VAL D 431 27.45 -36.38 -6.51
CA VAL D 431 25.99 -36.38 -6.42
C VAL D 431 25.36 -36.72 -7.78
N SER D 432 25.94 -36.20 -8.87
CA SER D 432 25.39 -36.46 -10.20
C SER D 432 25.53 -37.90 -10.62
N ALA D 433 26.50 -38.64 -10.05
CA ALA D 433 26.65 -40.06 -10.30
C ALA D 433 26.04 -40.92 -9.18
N GLY D 434 25.21 -40.33 -8.32
CA GLY D 434 24.45 -41.05 -7.33
C GLY D 434 25.07 -41.07 -5.95
N GLN D 435 26.38 -40.96 -5.84
CA GLN D 435 27.01 -41.07 -4.54
C GLN D 435 26.72 -39.84 -3.69
N THR D 436 26.97 -39.95 -2.39
CA THR D 436 26.69 -38.90 -1.43
C THR D 436 27.95 -38.08 -1.09
N LEU D 437 27.72 -36.87 -0.57
CA LEU D 437 28.82 -35.98 -0.23
C LEU D 437 29.78 -36.63 0.77
N GLN D 438 29.23 -37.32 1.78
CA GLN D 438 30.04 -37.94 2.81
C GLN D 438 30.93 -39.05 2.22
N GLN D 439 30.38 -39.86 1.33
CA GLN D 439 31.18 -40.86 0.62
C GLN D 439 32.28 -40.18 -0.18
N ALA D 440 31.90 -39.27 -1.08
CA ALA D 440 32.88 -38.62 -1.94
C ALA D 440 33.94 -37.87 -1.15
N ALA D 441 33.61 -37.43 0.07
CA ALA D 441 34.58 -36.71 0.89
C ALA D 441 35.55 -37.65 1.60
N ARG D 442 35.15 -38.91 1.83
CA ARG D 442 36.07 -39.89 2.38
C ARG D 442 37.40 -39.88 1.63
N SER D 443 37.34 -39.72 0.32
CA SER D 443 38.53 -39.68 -0.52
C SER D 443 39.13 -38.30 -0.63
N CYS D 444 38.32 -37.29 -0.91
CA CYS D 444 38.81 -35.97 -1.32
C CYS D 444 38.99 -35.05 -0.13
N PRO D 445 40.22 -34.74 0.27
CA PRO D 445 40.41 -33.91 1.48
C PRO D 445 39.90 -32.50 1.30
N GLU D 446 40.05 -31.92 0.11
CA GLU D 446 39.57 -30.56 -0.12
C GLU D 446 38.07 -30.46 0.14
N LEU D 447 37.32 -31.51 -0.26
CA LEU D 447 35.88 -31.52 -0.05
C LEU D 447 35.55 -31.59 1.42
N ARG D 448 36.31 -32.40 2.19
CA ARG D 448 36.05 -32.52 3.62
C ARG D 448 36.12 -31.17 4.32
N LYS D 449 37.00 -30.29 3.84
CA LYS D 449 37.21 -29.00 4.47
C LYS D 449 36.22 -27.95 3.97
N SER D 450 35.73 -28.07 2.73
CA SER D 450 34.63 -27.23 2.29
C SER D 450 33.36 -27.57 3.06
N LEU D 451 33.18 -28.85 3.39
CA LEU D 451 31.98 -29.28 4.10
C LEU D 451 32.01 -28.78 5.54
N GLU D 452 33.18 -28.87 6.19
CA GLU D 452 33.29 -28.42 7.57
C GLU D 452 33.24 -26.90 7.67
N LEU D 453 33.71 -26.22 6.63
CA LEU D 453 33.76 -24.76 6.68
C LEU D 453 32.36 -24.17 6.64
N TRP D 454 31.49 -24.74 5.83
CA TRP D 454 30.19 -24.12 5.54
C TRP D 454 29.02 -25.00 5.98
N ALA D 455 29.25 -25.95 6.89
CA ALA D 455 28.16 -26.85 7.26
C ALA D 455 27.03 -26.12 7.97
N ASP D 456 27.33 -25.00 8.64
CA ASP D 456 26.33 -24.24 9.39
C ASP D 456 25.72 -23.07 8.59
N VAL D 457 26.13 -22.86 7.34
CA VAL D 457 25.73 -21.69 6.57
C VAL D 457 24.52 -22.09 5.75
N LYS D 458 23.36 -21.57 6.10
CA LYS D 458 22.11 -21.90 5.42
C LYS D 458 21.27 -20.64 5.30
N PHE D 459 20.46 -20.59 4.24
CA PHE D 459 19.50 -19.52 4.00
C PHE D 459 18.09 -20.11 3.92
N GLU D 460 17.09 -19.24 4.00
CA GLU D 460 15.71 -19.69 3.91
C GLU D 460 15.44 -20.41 2.59
N VAL D 461 14.44 -21.30 2.60
CA VAL D 461 14.10 -22.11 1.43
C VAL D 461 12.58 -22.07 1.28
N VAL D 462 12.09 -21.30 0.31
CA VAL D 462 10.66 -21.06 0.12
C VAL D 462 10.19 -21.93 -1.04
N GLN D 463 9.07 -22.60 -0.83
CA GLN D 463 8.51 -23.53 -1.81
C GLN D 463 7.70 -22.71 -2.85
#